data_3QEM
#
_entry.id   3QEM
#
_cell.length_a   268.029
_cell.length_b   61.255
_cell.length_c   144.423
_cell.angle_alpha   90.00
_cell.angle_beta   116.32
_cell.angle_gamma   90.00
#
_symmetry.space_group_name_H-M   'C 1 2 1'
#
loop_
_entity.id
_entity.type
_entity.pdbx_description
1 polymer 'NMDA glutamate receptor subunit'
2 polymer 'Glutamate [NMDA] receptor subunit epsilon-2'
3 branched alpha-D-mannopyranose-(1-3)-[alpha-D-mannopyranose-(1-6)]beta-D-mannopyranose-(1-4)-2-acetamido-2-deoxy-beta-D-glucopyranose-(1-4)-2-acetamido-2-deoxy-beta-D-glucopyranose
4 non-polymer 2-acetamido-2-deoxy-beta-D-glucopyranose
5 non-polymer 'SODIUM ION'
6 non-polymer 4-[(1R,2S)-3-(4-benzylpiperidin-1-yl)-1-hydroxy-2-methylpropyl]phenol
#
loop_
_entity_poly.entity_id
_entity_poly.type
_entity_poly.pdbx_seq_one_letter_code
_entity_poly.pdbx_strand_id
1 'polypeptide(L)'
;DPKIVNIGAVLSTKKHEQIFREAVNQANKRHFTRKIQLQATSVTHRPNAIQMALSVCEDLISSQVYAILVSHPPAPTDHL
TPTPISYTAGFYRIPVIGLTTRMSIYSDKSIHLSFLRTVPPYSHQALVWFEMMRLFNWNHVILIVSDDHEGRAAQKKLET
LLEGKESKSKKRNYENLDQLSYDNKRGPKADKVLQFEPGTKNLTALLLEAKELEARVIILSASEDDATAVYKSAAMLDMT
GAGYVWLVGEREISGSALRYAPDGIIGLQLINGKNESAHISDAVAVVAQAIHELFEMENITDPPRGCVGNTNIWKTGPLF
KRVLMSSKYPDGVTGRIEFNEDGDRKFAQYSIMNLQNRKLVQVGIFNGSYIIQNDRKIIWPGG
;
A,C
2 'polypeptide(L)'
;SPPSIGIAVILVGTSDEVAIKDAHEKDDFHHLSVVPRVELVAMNETDPKSIITRICDLMSDRKIQGVVFADDTDQEAIAQ
ILDFISAQTLTPILGIHGGSSMIMADKDESSMFFQFGPSIEQQASVMLNIMEEYDWYIFSIVTTYFPGYQDFVNKIRSTI
ENSFVGWELEEVLLLDMSLDDGDSKIQNQLKKLQSPIILLYCTKEEATYIFEVANSVGLTGYGYTWIVPSLVAGDTDTVP
SEFPTGLISVSYDEWDYGLPARVRDGIAIITTAASDMLSEHSFIPEPKSSCYNTHEKRIYQSNMLNRYLINVTFEGRDLS
FSEDGYQMHPKLVIILLNKERKWERVGKWKDKSLQMKYYVWPRM
;
B,D
#
# COMPACT_ATOMS: atom_id res chain seq x y z
N ASP A 1 3.83 52.78 -31.82
CA ASP A 1 3.86 51.51 -31.09
C ASP A 1 4.53 51.65 -29.72
N PRO A 2 3.82 51.24 -28.67
CA PRO A 2 4.34 51.21 -27.31
C PRO A 2 4.85 49.83 -26.94
N LYS A 3 5.57 49.73 -25.83
CA LYS A 3 6.05 48.45 -25.35
C LYS A 3 4.91 47.70 -24.72
N ILE A 4 4.77 46.42 -25.05
CA ILE A 4 3.68 45.68 -24.44
C ILE A 4 4.14 44.93 -23.20
N VAL A 5 3.64 45.31 -22.03
CA VAL A 5 3.86 44.46 -20.86
C VAL A 5 2.66 43.57 -20.60
N ASN A 6 2.92 42.31 -20.26
CA ASN A 6 1.90 41.34 -19.98
C ASN A 6 1.72 41.17 -18.49
N ILE A 7 0.46 41.17 -18.07
CA ILE A 7 0.13 40.71 -16.74
C ILE A 7 -0.58 39.40 -16.96
N GLY A 8 -0.37 38.46 -16.08
CA GLY A 8 -1.06 37.19 -16.18
C GLY A 8 -1.91 36.90 -14.97
N ALA A 9 -2.81 35.93 -15.11
CA ALA A 9 -3.71 35.60 -14.01
C ALA A 9 -4.13 34.13 -14.05
N VAL A 10 -4.23 33.52 -12.88
CA VAL A 10 -4.73 32.16 -12.78
C VAL A 10 -6.04 32.28 -12.00
N LEU A 11 -7.15 32.10 -12.72
CA LEU A 11 -8.48 32.35 -12.19
C LEU A 11 -9.42 31.13 -12.25
N SER A 12 -10.57 31.27 -11.62
CA SER A 12 -11.51 30.17 -11.44
C SER A 12 -12.16 29.68 -12.70
N THR A 13 -12.73 30.62 -13.46
CA THR A 13 -13.52 30.23 -14.61
C THR A 13 -13.26 31.13 -15.81
N LYS A 14 -13.64 30.67 -16.99
CA LYS A 14 -13.52 31.48 -18.18
C LYS A 14 -14.34 32.80 -18.08
N LYS A 15 -15.37 32.88 -17.24
CA LYS A 15 -16.08 34.16 -17.07
C LYS A 15 -15.18 35.17 -16.38
N HIS A 16 -14.40 34.69 -15.42
CA HIS A 16 -13.48 35.55 -14.70
C HIS A 16 -12.26 35.95 -15.53
N GLU A 17 -11.80 35.04 -16.39
CA GLU A 17 -10.77 35.38 -17.36
C GLU A 17 -11.20 36.62 -18.10
N GLN A 18 -12.40 36.55 -18.68
CA GLN A 18 -13.01 37.66 -19.41
C GLN A 18 -13.06 38.98 -18.60
N ILE A 19 -13.31 38.86 -17.30
CA ILE A 19 -13.31 40.01 -16.42
C ILE A 19 -11.90 40.60 -16.32
N PHE A 20 -10.90 39.77 -16.08
CA PHE A 20 -9.51 40.18 -16.06
C PHE A 20 -9.14 40.86 -17.37
N ARG A 21 -9.39 40.19 -18.49
CA ARG A 21 -9.15 40.74 -19.79
C ARG A 21 -9.72 42.15 -19.92
N GLU A 22 -10.91 42.37 -19.37
CA GLU A 22 -11.59 43.64 -19.52
C GLU A 22 -11.08 44.69 -18.53
N ALA A 23 -10.51 44.23 -17.42
CA ALA A 23 -10.01 45.12 -16.39
C ALA A 23 -8.76 45.81 -16.89
N VAL A 24 -7.93 45.04 -17.56
CA VAL A 24 -6.72 45.50 -18.16
C VAL A 24 -7.09 46.45 -19.27
N ASN A 25 -8.02 46.04 -20.11
CA ASN A 25 -8.47 46.90 -21.19
C ASN A 25 -8.86 48.28 -20.70
N GLN A 26 -9.54 48.35 -19.56
CA GLN A 26 -9.91 49.65 -19.00
C GLN A 26 -8.72 50.39 -18.42
N ALA A 27 -7.78 49.66 -17.84
CA ALA A 27 -6.53 50.29 -17.40
C ALA A 27 -5.86 50.93 -18.59
N ASN A 28 -5.75 50.20 -19.68
CA ASN A 28 -5.22 50.76 -20.90
C ASN A 28 -5.97 52.02 -21.29
N LYS A 29 -7.29 51.98 -21.18
CA LYS A 29 -8.11 53.15 -21.48
C LYS A 29 -7.85 54.28 -20.49
N ARG A 30 -7.82 53.95 -19.21
CA ARG A 30 -7.75 54.97 -18.17
C ARG A 30 -6.41 55.66 -18.18
N HIS A 31 -5.39 54.96 -18.68
CA HIS A 31 -4.01 55.42 -18.55
C HIS A 31 -3.42 56.05 -19.82
N PHE A 32 -2.31 56.76 -19.61
CA PHE A 32 -1.47 57.18 -20.70
C PHE A 32 -0.62 56.00 -21.14
N THR A 33 -0.83 55.52 -22.37
CA THR A 33 -0.17 54.31 -22.83
C THR A 33 0.55 54.51 -24.15
N ARG A 34 1.45 55.49 -24.21
CA ARG A 34 2.18 55.77 -25.44
C ARG A 34 3.45 54.94 -25.40
N LYS A 35 4.05 54.88 -24.21
CA LYS A 35 5.26 54.11 -23.98
C LYS A 35 4.92 52.67 -23.60
N ILE A 36 4.22 52.46 -22.50
CA ILE A 36 3.82 51.09 -22.15
C ILE A 36 2.32 50.81 -22.23
N GLN A 37 1.96 49.61 -22.66
CA GLN A 37 0.56 49.19 -22.73
C GLN A 37 0.41 47.75 -22.18
N LEU A 38 -0.54 47.54 -21.26
CA LEU A 38 -0.77 46.20 -20.68
C LEU A 38 -1.43 45.22 -21.64
N GLN A 39 -1.12 43.94 -21.49
CA GLN A 39 -1.87 42.88 -22.13
C GLN A 39 -2.22 41.79 -21.14
N ALA A 40 -3.41 41.23 -21.29
CA ALA A 40 -3.90 40.27 -20.33
C ALA A 40 -3.58 38.86 -20.79
N THR A 41 -3.07 38.04 -19.90
CA THR A 41 -2.68 36.67 -20.22
C THR A 41 -3.11 35.78 -19.07
N SER A 42 -4.11 34.91 -19.30
CA SER A 42 -4.65 34.10 -18.19
C SER A 42 -4.89 32.63 -18.52
N VAL A 43 -5.06 31.84 -17.45
CA VAL A 43 -5.43 30.44 -17.53
C VAL A 43 -6.32 30.14 -16.33
N THR A 44 -6.89 28.96 -16.27
CA THR A 44 -7.66 28.59 -15.10
C THR A 44 -6.87 27.54 -14.36
N HIS A 45 -7.36 27.12 -13.21
CA HIS A 45 -6.58 26.19 -12.41
C HIS A 45 -6.42 24.86 -13.10
N ARG A 46 -5.38 24.13 -12.71
CA ARG A 46 -5.15 22.79 -13.24
C ARG A 46 -5.54 21.77 -12.16
N PRO A 47 -5.79 20.53 -12.56
CA PRO A 47 -6.24 19.44 -11.68
C PRO A 47 -5.34 19.15 -10.47
N ASN A 48 -4.03 19.05 -10.66
CA ASN A 48 -3.11 18.87 -9.56
C ASN A 48 -2.01 19.91 -9.62
N ALA A 49 -1.15 19.94 -8.60
CA ALA A 49 -0.18 21.03 -8.48
C ALA A 49 1.02 20.96 -9.46
N ILE A 50 1.46 19.76 -9.83
CA ILE A 50 2.47 19.69 -10.88
C ILE A 50 1.94 20.25 -12.21
N GLN A 51 0.73 19.84 -12.61
CA GLN A 51 0.24 20.31 -13.89
C GLN A 51 0.09 21.83 -13.80
N MET A 52 -0.19 22.33 -12.60
CA MET A 52 -0.36 23.76 -12.39
C MET A 52 0.94 24.55 -12.58
N ALA A 53 1.94 24.21 -11.78
CA ALA A 53 3.29 24.75 -11.95
C ALA A 53 3.70 24.83 -13.41
N LEU A 54 3.66 23.70 -14.10
CA LEU A 54 3.96 23.68 -15.53
C LEU A 54 3.13 24.69 -16.31
N SER A 55 1.83 24.76 -16.00
CA SER A 55 0.96 25.66 -16.75
C SER A 55 1.48 27.06 -16.60
N VAL A 56 1.85 27.42 -15.39
CA VAL A 56 2.50 28.71 -15.15
C VAL A 56 3.63 28.93 -16.15
N CYS A 57 4.62 28.03 -16.13
CA CYS A 57 5.74 28.09 -17.05
C CYS A 57 5.35 28.24 -18.52
N GLU A 58 4.49 27.35 -19.00
CA GLU A 58 4.17 27.31 -20.42
C GLU A 58 3.25 28.43 -20.83
N ASP A 59 2.33 28.80 -19.95
CA ASP A 59 1.27 29.69 -20.37
C ASP A 59 1.52 31.13 -19.98
N LEU A 60 2.06 31.32 -18.78
CA LEU A 60 2.26 32.67 -18.28
C LEU A 60 3.69 33.18 -18.43
N ILE A 61 4.62 32.53 -17.73
CA ILE A 61 6.01 32.94 -17.70
C ILE A 61 6.59 32.93 -19.10
N SER A 62 6.01 32.11 -19.97
CA SER A 62 6.45 32.09 -21.36
C SER A 62 6.11 33.41 -22.05
N SER A 63 5.25 34.22 -21.46
CA SER A 63 4.87 35.49 -22.06
C SER A 63 5.47 36.66 -21.32
N GLN A 64 6.49 36.41 -20.51
CA GLN A 64 7.12 37.45 -19.72
C GLN A 64 6.11 38.31 -18.98
N VAL A 65 5.39 37.70 -18.06
CA VAL A 65 4.39 38.43 -17.30
C VAL A 65 5.15 39.13 -16.20
N TYR A 66 4.82 40.38 -15.91
CA TYR A 66 5.48 41.10 -14.82
C TYR A 66 4.88 40.73 -13.47
N ALA A 67 3.64 40.26 -13.51
CA ALA A 67 2.88 39.88 -12.33
C ALA A 67 1.96 38.71 -12.66
N ILE A 68 1.56 37.98 -11.62
CA ILE A 68 0.53 36.97 -11.76
C ILE A 68 -0.53 37.12 -10.66
N LEU A 69 -1.78 37.41 -11.04
CA LEU A 69 -2.92 37.39 -10.11
C LEU A 69 -3.36 35.95 -9.84
N VAL A 70 -3.77 35.63 -8.62
CA VAL A 70 -4.20 34.26 -8.30
C VAL A 70 -5.41 34.18 -7.39
N SER A 71 -6.47 33.56 -7.91
CA SER A 71 -7.61 33.20 -7.08
C SER A 71 -7.60 31.74 -6.66
N HIS A 72 -8.79 31.21 -6.46
CA HIS A 72 -9.00 29.86 -5.99
C HIS A 72 -9.63 29.13 -7.17
N PRO A 73 -9.91 27.81 -7.02
CA PRO A 73 -10.66 27.08 -8.03
C PRO A 73 -12.15 27.09 -7.69
N PRO A 74 -12.99 26.37 -8.47
CA PRO A 74 -14.43 26.33 -8.21
C PRO A 74 -14.81 25.53 -6.94
N LEU A 80 -5.69 21.82 -3.60
CA LEU A 80 -5.32 22.61 -4.77
C LEU A 80 -5.20 24.13 -4.47
N THR A 81 -4.05 24.54 -3.94
CA THR A 81 -3.82 25.89 -3.48
C THR A 81 -3.02 26.73 -4.48
N PRO A 82 -2.78 28.01 -4.15
CA PRO A 82 -1.92 28.90 -4.93
C PRO A 82 -0.42 28.71 -4.68
N THR A 83 -0.02 27.61 -4.06
CA THR A 83 1.39 27.38 -3.75
C THR A 83 2.28 27.07 -4.94
N PRO A 84 1.88 26.11 -5.80
CA PRO A 84 2.68 25.84 -6.99
C PRO A 84 2.83 27.08 -7.85
N ILE A 85 1.94 28.04 -7.67
CA ILE A 85 2.03 29.27 -8.42
C ILE A 85 3.01 30.27 -7.78
N SER A 86 3.00 30.34 -6.45
CA SER A 86 3.91 31.20 -5.69
C SER A 86 5.36 30.73 -5.89
N TYR A 87 5.55 29.43 -5.94
CA TYR A 87 6.87 28.88 -6.15
C TYR A 87 7.39 29.14 -7.57
N THR A 88 6.65 28.66 -8.56
CA THR A 88 7.16 28.74 -9.92
C THR A 88 7.47 30.19 -10.16
N ALA A 89 6.52 31.05 -9.87
CA ALA A 89 6.71 32.46 -10.09
C ALA A 89 7.72 33.03 -9.09
N GLY A 90 7.67 32.56 -7.86
CA GLY A 90 8.64 32.99 -6.86
C GLY A 90 10.07 32.66 -7.22
N PHE A 91 10.27 31.59 -8.01
CA PHE A 91 11.59 31.15 -8.50
C PHE A 91 12.35 32.24 -9.21
N TYR A 92 11.62 33.09 -9.93
CA TYR A 92 12.15 34.20 -10.71
C TYR A 92 11.98 35.58 -10.04
N ARG A 93 11.16 35.66 -8.99
CA ARG A 93 10.88 36.90 -8.26
C ARG A 93 9.85 37.73 -8.97
N ILE A 94 9.06 37.07 -9.83
CA ILE A 94 7.84 37.64 -10.36
C ILE A 94 6.81 37.74 -9.25
N PRO A 95 6.24 38.93 -9.04
CA PRO A 95 5.25 39.10 -7.96
C PRO A 95 3.92 38.38 -8.22
N VAL A 96 3.45 37.68 -7.20
CA VAL A 96 2.19 36.97 -7.26
C VAL A 96 1.20 37.61 -6.31
N ILE A 97 0.04 37.96 -6.83
CA ILE A 97 -0.97 38.66 -6.06
C ILE A 97 -2.18 37.77 -5.76
N GLY A 98 -2.32 37.41 -4.49
CA GLY A 98 -3.44 36.61 -4.03
C GLY A 98 -4.76 37.39 -3.98
N LEU A 99 -5.72 36.91 -4.78
CA LEU A 99 -7.03 37.52 -4.85
C LEU A 99 -7.98 37.07 -3.77
N THR A 100 -7.89 35.80 -3.34
CA THR A 100 -8.86 35.29 -2.37
C THR A 100 -8.34 34.40 -1.24
N THR A 101 -7.06 34.07 -1.23
CA THR A 101 -6.56 33.19 -0.20
C THR A 101 -6.31 33.91 1.09
N ARG A 102 -6.81 33.32 2.18
CA ARG A 102 -6.69 33.93 3.50
C ARG A 102 -5.77 33.16 4.43
N MET A 103 -5.20 32.04 4.00
CA MET A 103 -4.32 31.30 4.89
C MET A 103 -3.04 32.08 5.29
N SER A 104 -2.52 31.81 6.48
CA SER A 104 -1.46 32.64 7.04
C SER A 104 -0.07 32.25 6.56
N ILE A 105 0.00 31.10 5.87
CA ILE A 105 1.25 30.56 5.32
C ILE A 105 1.87 31.60 4.39
N TYR A 106 1.04 32.25 3.59
CA TYR A 106 1.52 33.16 2.56
C TYR A 106 2.01 34.49 3.08
N SER A 107 1.90 34.70 4.39
CA SER A 107 2.37 35.93 4.99
C SER A 107 3.83 35.80 5.36
N ASP A 108 4.34 34.58 5.23
CA ASP A 108 5.73 34.24 5.55
C ASP A 108 6.68 34.57 4.41
N LYS A 109 7.41 35.69 4.52
CA LYS A 109 8.39 36.11 3.51
C LYS A 109 9.50 35.08 3.26
N SER A 110 9.70 34.21 4.23
CA SER A 110 10.70 33.17 4.12
C SER A 110 10.31 32.06 3.12
N ILE A 111 9.03 31.76 2.94
CA ILE A 111 8.74 30.83 1.85
C ILE A 111 7.87 31.37 0.73
N HIS A 112 7.20 32.48 0.98
CA HIS A 112 6.45 33.13 -0.06
C HIS A 112 6.86 34.56 -0.21
N LEU A 113 8.06 34.71 -0.71
CA LEU A 113 8.76 35.98 -0.71
C LEU A 113 8.07 36.99 -1.60
N SER A 114 7.80 36.62 -2.84
CA SER A 114 7.22 37.60 -3.77
C SER A 114 5.67 37.59 -3.82
N PHE A 115 5.05 37.24 -2.70
CA PHE A 115 3.60 37.11 -2.62
C PHE A 115 3.00 38.29 -1.89
N LEU A 116 1.96 38.89 -2.49
CA LEU A 116 1.07 39.80 -1.78
C LEU A 116 -0.39 39.52 -2.14
N ARG A 117 -1.32 39.98 -1.30
CA ARG A 117 -2.75 39.72 -1.53
C ARG A 117 -3.65 40.89 -1.26
N THR A 118 -4.75 40.95 -2.00
CA THR A 118 -5.74 41.99 -1.76
C THR A 118 -6.68 41.68 -0.61
N VAL A 119 -6.52 40.52 0.03
CA VAL A 119 -7.31 40.19 1.22
C VAL A 119 -6.38 39.88 2.36
N PRO A 120 -6.79 40.16 3.60
CA PRO A 120 -5.93 39.89 4.75
C PRO A 120 -5.95 38.42 5.11
N PRO A 121 -4.91 37.94 5.81
CA PRO A 121 -4.98 36.55 6.27
C PRO A 121 -6.00 36.40 7.41
N TYR A 122 -6.43 35.18 7.65
CA TYR A 122 -7.31 34.91 8.77
C TYR A 122 -6.80 35.52 10.10
N SER A 123 -5.50 35.46 10.32
CA SER A 123 -4.93 35.82 11.62
C SER A 123 -5.13 37.30 11.93
N HIS A 124 -5.42 38.09 10.90
CA HIS A 124 -5.54 39.53 11.09
C HIS A 124 -6.87 39.93 11.70
N GLN A 125 -7.75 38.93 11.84
CA GLN A 125 -9.02 39.11 12.53
C GLN A 125 -8.72 39.57 13.95
N ALA A 126 -7.56 39.21 14.46
CA ALA A 126 -7.11 39.72 15.76
C ALA A 126 -7.28 41.25 15.91
N LEU A 127 -7.02 42.02 14.86
CA LEU A 127 -7.13 43.47 14.96
C LEU A 127 -8.56 43.84 15.38
N VAL A 128 -9.53 43.10 14.86
CA VAL A 128 -10.91 43.38 15.21
C VAL A 128 -11.24 42.86 16.61
N TRP A 129 -10.97 41.60 16.90
CA TRP A 129 -11.21 41.08 18.25
C TRP A 129 -10.62 42.04 19.26
N PHE A 130 -9.58 42.75 18.86
CA PHE A 130 -8.88 43.63 19.76
C PHE A 130 -9.65 44.93 19.99
N GLU A 131 -10.07 45.60 18.93
CA GLU A 131 -10.86 46.83 19.07
C GLU A 131 -12.15 46.50 19.80
N MET A 132 -12.46 45.21 19.81
CA MET A 132 -13.70 44.68 20.32
C MET A 132 -13.59 44.52 21.81
N MET A 133 -12.40 44.18 22.27
CA MET A 133 -12.14 44.06 23.69
C MET A 133 -12.00 45.43 24.34
N ARG A 134 -11.56 46.41 23.56
CA ARG A 134 -11.48 47.78 24.05
C ARG A 134 -12.90 48.30 24.25
N LEU A 135 -13.76 48.05 23.26
CA LEU A 135 -15.13 48.54 23.26
C LEU A 135 -15.99 48.00 24.41
N PHE A 136 -16.10 46.68 24.50
CA PHE A 136 -16.95 46.06 25.50
C PHE A 136 -16.22 45.74 26.79
N ASN A 137 -15.08 46.39 26.96
CA ASN A 137 -14.23 46.27 28.15
C ASN A 137 -14.03 44.86 28.69
N TRP A 138 -13.73 43.93 27.80
CA TRP A 138 -13.26 42.62 28.18
C TRP A 138 -11.76 42.76 28.41
N ASN A 139 -11.33 42.70 29.66
CA ASN A 139 -9.92 42.81 29.97
C ASN A 139 -9.28 41.46 30.22
N HIS A 140 -10.11 40.43 30.40
CA HIS A 140 -9.58 39.11 30.66
C HIS A 140 -10.17 38.13 29.68
N VAL A 141 -9.30 37.45 28.94
CA VAL A 141 -9.75 36.53 27.92
C VAL A 141 -9.02 35.21 27.99
N ILE A 142 -9.66 34.18 27.47
CA ILE A 142 -9.00 32.91 27.26
C ILE A 142 -8.93 32.79 25.76
N LEU A 143 -7.80 32.33 25.26
CA LEU A 143 -7.67 32.16 23.84
C LEU A 143 -7.51 30.68 23.57
N ILE A 144 -8.34 30.16 22.67
CA ILE A 144 -8.30 28.74 22.33
C ILE A 144 -8.03 28.61 20.85
N VAL A 145 -6.86 28.08 20.49
CA VAL A 145 -6.48 27.96 19.08
C VAL A 145 -6.08 26.54 18.74
N SER A 146 -6.32 26.13 17.50
CA SER A 146 -5.82 24.85 17.02
C SER A 146 -4.29 24.93 16.82
N ASP A 147 -3.60 23.86 17.21
CA ASP A 147 -2.15 23.81 17.08
C ASP A 147 -1.74 23.47 15.65
N ASP A 148 -2.20 24.28 14.70
CA ASP A 148 -1.73 24.22 13.33
C ASP A 148 -1.09 25.57 13.03
N HIS A 149 -0.58 25.77 11.81
CA HIS A 149 0.12 27.03 11.52
C HIS A 149 -0.81 28.19 11.72
N GLU A 150 -2.02 28.03 11.19
CA GLU A 150 -3.02 29.08 11.17
C GLU A 150 -3.44 29.44 12.58
N GLY A 151 -3.41 28.44 13.45
CA GLY A 151 -3.82 28.61 14.81
C GLY A 151 -2.79 29.48 15.49
N ARG A 152 -1.54 29.04 15.41
CA ARG A 152 -0.47 29.79 16.03
C ARG A 152 -0.36 31.20 15.44
N ALA A 153 -0.51 31.33 14.12
CA ALA A 153 -0.52 32.63 13.47
C ALA A 153 -1.39 33.65 14.18
N ALA A 154 -2.59 33.21 14.57
CA ALA A 154 -3.60 34.08 15.16
C ALA A 154 -3.28 34.37 16.61
N GLN A 155 -2.71 33.38 17.27
CA GLN A 155 -2.26 33.56 18.64
C GLN A 155 -1.11 34.56 18.63
N LYS A 156 -0.11 34.32 17.80
CA LYS A 156 1.00 35.27 17.63
C LYS A 156 0.46 36.69 17.35
N LYS A 157 -0.48 36.80 16.42
CA LYS A 157 -1.03 38.10 16.05
C LYS A 157 -1.71 38.85 17.19
N LEU A 158 -2.47 38.14 18.01
CA LEU A 158 -3.21 38.80 19.07
C LEU A 158 -2.29 39.18 20.24
N GLU A 159 -1.32 38.34 20.57
CA GLU A 159 -0.39 38.63 21.68
C GLU A 159 0.44 39.88 21.42
N THR A 160 0.75 40.08 20.16
CA THR A 160 1.44 41.29 19.69
C THR A 160 0.70 42.55 20.06
N LEU A 161 -0.62 42.53 19.87
CA LEU A 161 -1.45 43.69 20.12
C LEU A 161 -1.71 43.87 21.61
N LEU A 162 -1.58 42.78 22.36
CA LEU A 162 -1.84 42.83 23.79
C LEU A 162 -0.63 43.38 24.54
N GLU A 163 0.51 43.41 23.86
CA GLU A 163 1.70 44.10 24.35
C GLU A 163 2.32 44.98 23.25
N GLY A 187 -3.23 47.46 29.36
CA GLY A 187 -4.53 47.29 28.72
C GLY A 187 -5.30 46.04 29.13
N PRO A 188 -5.82 45.29 28.13
CA PRO A 188 -6.44 43.98 28.34
C PRO A 188 -5.44 42.85 28.15
N LYS A 189 -5.42 41.90 29.08
CA LYS A 189 -4.46 40.80 29.07
C LYS A 189 -5.10 39.44 28.73
N ALA A 190 -4.27 38.45 28.39
CA ALA A 190 -4.75 37.11 28.04
C ALA A 190 -4.40 36.10 29.12
N ASP A 191 -5.41 35.60 29.81
CA ASP A 191 -5.20 34.78 31.00
C ASP A 191 -4.56 33.42 30.74
N LYS A 192 -4.99 32.76 29.69
CA LYS A 192 -4.37 31.50 29.30
C LYS A 192 -4.58 31.27 27.81
N VAL A 193 -3.61 30.61 27.20
CA VAL A 193 -3.82 30.19 25.83
C VAL A 193 -3.83 28.69 25.81
N LEU A 194 -4.93 28.12 25.31
CA LEU A 194 -5.08 26.69 25.27
C LEU A 194 -4.96 26.27 23.82
N GLN A 195 -3.93 25.47 23.51
CA GLN A 195 -3.69 25.02 22.15
C GLN A 195 -4.11 23.56 22.08
N PHE A 196 -4.74 23.16 20.99
CA PHE A 196 -5.26 21.80 20.88
C PHE A 196 -4.91 21.10 19.56
N GLU A 197 -4.73 19.79 19.60
CA GLU A 197 -4.34 19.04 18.40
C GLU A 197 -5.47 18.96 17.39
N PRO A 198 -5.30 19.58 16.21
CA PRO A 198 -6.30 19.63 15.14
C PRO A 198 -6.76 18.25 14.76
N GLY A 199 -8.06 18.11 14.51
CA GLY A 199 -8.62 16.81 14.18
C GLY A 199 -9.18 16.05 15.37
N THR A 200 -8.90 16.55 16.57
CA THR A 200 -9.43 15.91 17.78
C THR A 200 -10.93 16.12 17.85
N LYS A 201 -11.62 15.13 18.42
CA LYS A 201 -13.07 15.16 18.51
C LYS A 201 -13.59 15.33 19.94
N ASN A 202 -12.85 14.85 20.94
CA ASN A 202 -13.29 15.02 22.33
C ASN A 202 -12.40 15.98 23.12
N LEU A 203 -12.79 17.24 23.13
CA LEU A 203 -11.98 18.30 23.72
C LEU A 203 -12.37 18.59 25.17
N THR A 204 -13.30 17.80 25.72
CA THR A 204 -13.76 18.00 27.08
C THR A 204 -12.59 18.25 28.04
N ALA A 205 -11.46 17.59 27.78
CA ALA A 205 -10.28 17.77 28.59
C ALA A 205 -9.87 19.24 28.56
N LEU A 206 -9.46 19.68 27.37
CA LEU A 206 -9.07 21.07 27.13
C LEU A 206 -10.11 22.07 27.66
N LEU A 207 -11.37 21.87 27.29
CA LEU A 207 -12.43 22.80 27.69
C LEU A 207 -12.58 22.95 29.20
N LEU A 208 -12.54 21.85 29.93
CA LEU A 208 -12.68 21.90 31.39
C LEU A 208 -11.51 22.66 32.04
N GLU A 209 -10.35 22.60 31.40
CA GLU A 209 -9.17 23.33 31.86
C GLU A 209 -9.41 24.81 31.75
N ALA A 210 -10.26 25.19 30.80
CA ALA A 210 -10.61 26.58 30.58
C ALA A 210 -11.75 27.01 31.49
N LYS A 211 -12.62 26.06 31.84
CA LYS A 211 -13.77 26.36 32.69
C LYS A 211 -13.34 26.84 34.07
N GLU A 212 -12.22 26.29 34.54
CA GLU A 212 -11.69 26.54 35.89
C GLU A 212 -11.24 27.98 36.11
N LEU A 213 -10.89 28.65 35.02
CA LEU A 213 -10.37 30.01 35.11
C LEU A 213 -11.48 31.05 35.29
N GLU A 214 -11.14 32.15 35.96
CA GLU A 214 -12.12 33.20 36.28
C GLU A 214 -12.66 33.90 35.04
N ALA A 215 -11.89 33.88 33.95
CA ALA A 215 -12.23 34.62 32.75
C ALA A 215 -13.31 33.93 31.93
N ARG A 216 -14.22 34.73 31.37
CA ARG A 216 -15.36 34.18 30.64
C ARG A 216 -15.48 34.70 29.20
N VAL A 217 -14.55 35.53 28.75
CA VAL A 217 -14.45 35.82 27.32
C VAL A 217 -13.56 34.80 26.65
N ILE A 218 -14.06 34.14 25.62
CA ILE A 218 -13.30 33.10 24.96
C ILE A 218 -13.14 33.42 23.49
N ILE A 219 -11.93 33.23 23.00
CA ILE A 219 -11.63 33.54 21.63
C ILE A 219 -11.17 32.26 21.01
N LEU A 220 -11.78 31.92 19.89
CA LEU A 220 -11.49 30.65 19.27
C LEU A 220 -10.89 30.86 17.89
N SER A 221 -9.85 30.07 17.60
CA SER A 221 -9.37 29.97 16.23
C SER A 221 -9.21 28.52 15.86
N ALA A 222 -9.96 28.08 14.84
CA ALA A 222 -9.95 26.67 14.43
C ALA A 222 -10.69 26.51 13.11
N SER A 223 -10.54 25.36 12.45
CA SER A 223 -11.18 25.18 11.15
C SER A 223 -12.67 24.99 11.37
N GLU A 224 -13.43 24.71 10.32
CA GLU A 224 -14.84 24.37 10.51
C GLU A 224 -14.97 23.15 11.39
N ASP A 225 -14.26 22.09 11.01
CA ASP A 225 -14.42 20.79 11.65
C ASP A 225 -13.91 20.81 13.08
N ASP A 226 -13.00 21.71 13.38
CA ASP A 226 -12.53 21.80 14.75
C ASP A 226 -13.36 22.81 15.53
N ALA A 227 -13.99 23.74 14.82
CA ALA A 227 -14.94 24.64 15.45
C ALA A 227 -16.01 23.74 16.04
N THR A 228 -16.67 22.99 15.16
CA THR A 228 -17.70 22.04 15.53
C THR A 228 -17.32 21.26 16.77
N ALA A 229 -16.12 20.67 16.78
CA ALA A 229 -15.72 19.90 17.94
C ALA A 229 -15.72 20.73 19.23
N VAL A 230 -15.20 21.95 19.17
CA VAL A 230 -15.16 22.79 20.37
C VAL A 230 -16.56 23.15 20.80
N TYR A 231 -17.36 23.62 19.86
CA TYR A 231 -18.71 24.06 20.15
C TYR A 231 -19.54 23.01 20.91
N LYS A 232 -19.46 21.75 20.51
CA LYS A 232 -20.17 20.68 21.20
C LYS A 232 -19.67 20.54 22.63
N SER A 233 -18.43 20.10 22.79
CA SER A 233 -17.84 19.99 24.11
C SER A 233 -18.16 21.23 24.96
N ALA A 234 -18.16 22.39 24.34
CA ALA A 234 -18.42 23.64 25.06
C ALA A 234 -19.81 23.63 25.64
N ALA A 235 -20.73 22.99 24.94
CA ALA A 235 -22.12 22.88 25.38
C ALA A 235 -22.30 21.82 26.49
N MET A 236 -21.90 20.58 26.21
CA MET A 236 -22.06 19.52 27.20
C MET A 236 -21.37 19.85 28.53
N LEU A 237 -20.63 20.96 28.57
CA LEU A 237 -19.97 21.44 29.78
C LEU A 237 -20.60 22.72 30.34
N ASP A 238 -21.67 23.17 29.69
CA ASP A 238 -22.42 24.33 30.13
C ASP A 238 -21.53 25.58 30.18
N MET A 239 -20.91 25.88 29.04
CA MET A 239 -20.03 27.04 28.91
C MET A 239 -20.50 27.94 27.77
N THR A 240 -21.59 27.55 27.13
CA THR A 240 -22.17 28.38 26.09
C THR A 240 -23.41 29.05 26.66
N GLY A 241 -23.52 29.00 27.98
CA GLY A 241 -24.65 29.58 28.68
C GLY A 241 -24.55 31.10 28.76
N ALA A 242 -25.18 31.68 29.78
CA ALA A 242 -25.09 33.12 30.00
C ALA A 242 -23.93 33.41 30.92
N GLY A 243 -23.28 34.55 30.71
CA GLY A 243 -22.08 34.88 31.47
C GLY A 243 -20.85 34.50 30.68
N TYR A 244 -21.06 33.86 29.54
CA TYR A 244 -19.97 33.52 28.65
C TYR A 244 -20.05 34.37 27.39
N VAL A 245 -18.90 34.84 26.91
CA VAL A 245 -18.81 35.51 25.61
C VAL A 245 -17.98 34.66 24.67
N TRP A 246 -18.48 34.42 23.47
CA TRP A 246 -17.71 33.70 22.46
C TRP A 246 -17.46 34.56 21.26
N LEU A 247 -16.19 34.85 21.04
CA LEU A 247 -15.73 35.72 19.97
C LEU A 247 -14.89 34.85 19.02
N VAL A 248 -15.20 34.89 17.75
CA VAL A 248 -14.53 34.04 16.78
C VAL A 248 -14.24 34.72 15.44
N GLY A 249 -13.94 33.92 14.43
CA GLY A 249 -13.58 34.45 13.14
C GLY A 249 -14.56 34.04 12.06
N GLU A 250 -14.13 34.02 10.81
CA GLU A 250 -15.03 33.67 9.74
C GLU A 250 -15.11 32.15 9.56
N ARG A 251 -14.00 31.47 9.78
CA ARG A 251 -13.99 30.03 9.54
C ARG A 251 -14.83 29.33 10.59
N GLU A 252 -14.94 29.95 11.75
CA GLU A 252 -15.56 29.34 12.91
C GLU A 252 -17.09 29.50 12.91
N ILE A 253 -17.62 30.22 11.93
CA ILE A 253 -19.06 30.39 11.72
C ILE A 253 -19.40 30.28 10.24
N SER A 254 -18.70 29.44 9.51
CA SER A 254 -19.07 29.16 8.14
C SER A 254 -19.47 27.71 7.99
N GLY A 255 -20.22 27.40 6.93
CA GLY A 255 -20.73 26.06 6.69
C GLY A 255 -20.98 25.17 7.91
N SER A 256 -20.35 24.01 7.90
CA SER A 256 -20.58 23.01 8.94
C SER A 256 -20.45 23.58 10.35
N ALA A 257 -19.72 24.69 10.49
CA ALA A 257 -19.41 25.19 11.82
C ALA A 257 -20.64 25.80 12.45
N LEU A 258 -21.54 26.28 11.59
CA LEU A 258 -22.78 26.87 12.05
C LEU A 258 -23.78 25.83 12.61
N ARG A 259 -23.72 24.59 12.11
CA ARG A 259 -24.71 23.60 12.50
C ARG A 259 -24.75 23.33 13.99
N TYR A 260 -23.69 23.70 14.72
CA TYR A 260 -23.67 23.41 16.15
C TYR A 260 -23.18 24.60 16.96
N ALA A 261 -23.24 25.76 16.33
CA ALA A 261 -22.76 26.98 16.95
C ALA A 261 -23.77 27.50 17.92
N PRO A 262 -23.33 27.80 19.15
CA PRO A 262 -24.17 28.32 20.22
C PRO A 262 -24.66 29.72 19.93
N ASP A 263 -25.86 30.08 20.39
CA ASP A 263 -26.41 31.41 20.15
C ASP A 263 -25.65 32.41 20.98
N GLY A 264 -25.59 33.66 20.53
CA GLY A 264 -24.92 34.71 21.29
C GLY A 264 -23.44 34.83 20.93
N ILE A 265 -23.06 34.09 19.91
CA ILE A 265 -21.68 34.07 19.48
C ILE A 265 -21.50 35.27 18.56
N ILE A 266 -20.36 35.92 18.69
CA ILE A 266 -19.97 36.98 17.79
C ILE A 266 -18.87 36.44 16.87
N GLY A 267 -18.98 36.73 15.57
CA GLY A 267 -18.03 36.28 14.55
C GLY A 267 -17.93 37.28 13.40
N LEU A 268 -17.01 37.08 12.46
CA LEU A 268 -16.75 38.09 11.43
C LEU A 268 -16.92 37.58 10.01
N GLN A 269 -17.19 38.48 9.09
CA GLN A 269 -17.17 38.13 7.70
C GLN A 269 -16.42 39.20 6.95
N LEU A 270 -15.42 38.78 6.19
CA LEU A 270 -14.65 39.71 5.38
C LEU A 270 -15.49 40.17 4.22
N ILE A 271 -15.92 41.42 4.27
CA ILE A 271 -16.82 41.99 3.26
C ILE A 271 -16.21 41.89 1.88
N ASN A 272 -16.97 41.46 0.89
CA ASN A 272 -16.42 41.28 -0.45
C ASN A 272 -15.29 40.27 -0.57
N GLY A 273 -14.84 39.75 0.55
CA GLY A 273 -13.73 38.82 0.59
C GLY A 273 -13.86 37.57 -0.25
N LYS A 274 -14.98 37.38 -0.92
CA LYS A 274 -15.14 36.18 -1.73
C LYS A 274 -15.67 36.53 -3.14
N ASN A 275 -15.74 37.83 -3.40
CA ASN A 275 -16.04 38.34 -4.73
C ASN A 275 -14.77 38.32 -5.57
N GLU A 276 -14.44 37.19 -6.16
CA GLU A 276 -13.36 37.17 -7.12
C GLU A 276 -13.46 38.39 -8.04
N SER A 277 -14.57 38.57 -8.73
CA SER A 277 -14.69 39.71 -9.65
C SER A 277 -14.30 41.04 -9.04
N ALA A 278 -14.78 41.33 -7.83
CA ALA A 278 -14.46 42.60 -7.20
C ALA A 278 -12.95 42.73 -7.10
N HIS A 279 -12.29 41.63 -6.72
CA HIS A 279 -10.85 41.65 -6.48
C HIS A 279 -9.98 41.64 -7.72
N ILE A 280 -10.46 41.00 -8.78
CA ILE A 280 -9.79 41.12 -10.07
C ILE A 280 -9.78 42.57 -10.48
N SER A 281 -10.91 43.24 -10.43
CA SER A 281 -10.95 44.62 -10.86
C SER A 281 -9.97 45.47 -10.09
N ASP A 282 -9.84 45.24 -8.78
CA ASP A 282 -8.97 46.08 -7.97
C ASP A 282 -7.49 45.75 -8.05
N ALA A 283 -7.16 44.46 -8.12
CA ALA A 283 -5.78 44.03 -8.31
C ALA A 283 -5.21 44.60 -9.60
N VAL A 284 -5.95 44.43 -10.70
CA VAL A 284 -5.53 44.96 -11.98
C VAL A 284 -5.32 46.45 -11.86
N ALA A 285 -6.15 47.11 -11.08
CA ALA A 285 -6.03 48.53 -10.95
C ALA A 285 -4.69 48.89 -10.30
N VAL A 286 -4.42 48.32 -9.13
CA VAL A 286 -3.17 48.58 -8.45
C VAL A 286 -1.97 48.22 -9.32
N VAL A 287 -2.02 47.05 -9.94
CA VAL A 287 -0.91 46.56 -10.74
C VAL A 287 -0.63 47.47 -11.92
N ALA A 288 -1.67 47.94 -12.59
CA ALA A 288 -1.45 48.81 -13.73
C ALA A 288 -0.82 50.12 -13.28
N GLN A 289 -1.10 50.55 -12.06
CA GLN A 289 -0.51 51.79 -11.55
C GLN A 289 0.96 51.56 -11.23
N ALA A 290 1.26 50.44 -10.60
CA ALA A 290 2.61 50.07 -10.28
C ALA A 290 3.42 49.94 -11.57
N ILE A 291 2.86 49.29 -12.58
CA ILE A 291 3.61 49.09 -13.81
C ILE A 291 3.98 50.45 -14.36
N HIS A 292 3.10 51.42 -14.21
CA HIS A 292 3.39 52.72 -14.76
C HIS A 292 4.41 53.48 -13.90
N GLU A 293 4.20 53.50 -12.59
CA GLU A 293 5.19 54.00 -11.65
C GLU A 293 6.60 53.42 -11.95
N LEU A 294 6.68 52.10 -12.14
CA LEU A 294 7.96 51.42 -12.39
C LEU A 294 8.71 52.00 -13.61
N PHE A 295 8.04 52.09 -14.75
CA PHE A 295 8.68 52.58 -15.96
C PHE A 295 8.97 54.07 -15.91
N GLU A 296 8.76 54.67 -14.76
CA GLU A 296 9.18 56.06 -14.59
C GLU A 296 10.66 56.02 -14.20
N MET A 297 11.11 54.86 -13.77
CA MET A 297 12.51 54.64 -13.41
C MET A 297 13.30 54.09 -14.60
N GLU A 298 14.57 53.75 -14.37
CA GLU A 298 15.40 53.30 -15.47
C GLU A 298 16.14 52.01 -15.15
N ASN A 299 16.70 51.40 -16.18
CA ASN A 299 17.35 50.11 -16.03
C ASN A 299 16.30 49.04 -15.71
N ILE A 300 15.17 49.14 -16.38
CA ILE A 300 14.08 48.19 -16.18
C ILE A 300 14.22 47.11 -17.22
N THR A 301 14.57 45.91 -16.77
CA THR A 301 14.71 44.78 -17.68
C THR A 301 13.41 43.95 -17.75
N ASP A 302 13.18 43.26 -18.85
CA ASP A 302 12.04 42.34 -18.93
C ASP A 302 12.29 41.05 -18.15
N PRO A 303 11.21 40.46 -17.60
CA PRO A 303 11.27 39.12 -17.05
C PRO A 303 11.70 38.11 -18.10
N PRO A 304 12.20 36.97 -17.65
CA PRO A 304 12.74 35.94 -18.53
C PRO A 304 11.62 35.35 -19.37
N ARG A 305 11.79 35.28 -20.68
CA ARG A 305 10.79 34.67 -21.54
C ARG A 305 10.94 33.18 -21.45
N GLY A 306 9.99 32.53 -20.79
CA GLY A 306 9.97 31.09 -20.65
C GLY A 306 10.75 30.53 -19.48
N CYS A 307 10.47 29.29 -19.12
CA CYS A 307 11.14 28.65 -18.01
C CYS A 307 12.40 27.94 -18.46
N VAL A 308 12.30 27.22 -19.57
CA VAL A 308 13.35 26.29 -19.96
C VAL A 308 14.68 27.00 -20.14
N GLY A 309 15.64 26.61 -19.32
CA GLY A 309 16.99 27.12 -19.45
C GLY A 309 17.30 28.31 -18.59
N ASN A 310 16.29 29.09 -18.22
CA ASN A 310 16.52 30.27 -17.41
C ASN A 310 16.52 29.93 -15.95
N THR A 311 17.59 30.28 -15.27
CA THR A 311 17.67 29.99 -13.86
C THR A 311 18.13 31.21 -13.09
N ASN A 312 18.08 32.38 -13.70
CA ASN A 312 18.41 33.58 -12.97
C ASN A 312 17.13 34.29 -12.61
N ILE A 313 17.04 34.80 -11.40
CA ILE A 313 15.90 35.59 -11.04
C ILE A 313 15.80 36.75 -12.02
N TRP A 314 14.57 37.20 -12.27
CA TRP A 314 14.31 38.47 -12.94
C TRP A 314 14.98 39.60 -12.15
N LYS A 315 15.94 40.30 -12.75
CA LYS A 315 16.65 41.37 -12.05
C LYS A 315 15.72 42.49 -11.49
N THR A 316 14.67 42.83 -12.23
CA THR A 316 13.84 43.97 -11.85
C THR A 316 12.75 43.61 -10.86
N GLY A 317 12.53 42.31 -10.70
CA GLY A 317 11.52 41.78 -9.79
C GLY A 317 11.49 42.38 -8.40
N PRO A 318 12.59 42.28 -7.63
CA PRO A 318 12.55 42.84 -6.29
C PRO A 318 12.21 44.33 -6.24
N LEU A 319 12.57 45.09 -7.27
CA LEU A 319 12.15 46.47 -7.33
C LEU A 319 10.64 46.56 -7.58
N PHE A 320 10.15 45.79 -8.54
CA PHE A 320 8.75 45.85 -8.85
C PHE A 320 7.90 45.43 -7.66
N LYS A 321 8.38 44.49 -6.83
CA LYS A 321 7.64 44.11 -5.62
C LYS A 321 7.59 45.33 -4.72
N ARG A 322 8.73 46.01 -4.58
CA ARG A 322 8.83 47.22 -3.76
C ARG A 322 7.84 48.32 -4.22
N VAL A 323 7.67 48.43 -5.52
CA VAL A 323 6.76 49.43 -6.07
C VAL A 323 5.29 49.08 -5.81
N LEU A 324 4.92 47.81 -6.03
CA LEU A 324 3.60 47.30 -5.67
C LEU A 324 3.38 47.41 -4.18
N MET A 325 4.25 46.76 -3.43
CA MET A 325 4.15 46.65 -1.99
C MET A 325 3.89 47.95 -1.22
N SER A 326 4.00 49.08 -1.90
CA SER A 326 3.86 50.39 -1.26
C SER A 326 3.05 51.25 -2.19
N SER A 327 2.22 50.57 -2.97
CA SER A 327 1.19 51.21 -3.77
C SER A 327 0.10 51.58 -2.82
N LYS A 328 -0.72 52.53 -3.25
CA LYS A 328 -1.93 52.95 -2.55
C LYS A 328 -3.02 53.23 -3.61
N TYR A 329 -4.11 52.44 -3.61
CA TYR A 329 -5.28 52.70 -4.45
C TYR A 329 -6.47 52.96 -3.54
N PRO A 330 -6.97 54.20 -3.52
CA PRO A 330 -7.90 54.59 -2.46
C PRO A 330 -9.39 54.41 -2.76
N ASP A 331 -9.81 54.55 -4.01
CA ASP A 331 -11.22 54.41 -4.38
C ASP A 331 -11.44 53.08 -5.08
N GLY A 332 -11.21 52.01 -4.34
CA GLY A 332 -11.21 50.68 -4.89
C GLY A 332 -12.50 50.00 -4.50
N VAL A 333 -13.02 49.21 -5.42
CA VAL A 333 -14.26 48.49 -5.20
C VAL A 333 -14.29 47.72 -3.89
N THR A 334 -13.15 47.14 -3.50
CA THR A 334 -13.07 46.40 -2.24
C THR A 334 -12.64 47.34 -1.12
N GLY A 335 -12.66 48.64 -1.43
CA GLY A 335 -12.34 49.63 -0.42
C GLY A 335 -10.98 50.26 -0.65
N ARG A 336 -10.20 50.36 0.41
CA ARG A 336 -8.92 51.07 0.39
C ARG A 336 -7.75 50.09 0.30
N ILE A 337 -7.05 50.12 -0.81
CA ILE A 337 -6.03 49.12 -1.06
C ILE A 337 -4.67 49.61 -0.59
N GLU A 338 -3.99 48.78 0.17
CA GLU A 338 -2.75 49.21 0.78
C GLU A 338 -2.22 47.98 1.48
N PHE A 339 -0.91 47.77 1.41
CA PHE A 339 -0.32 46.51 1.88
C PHE A 339 0.63 46.74 3.04
N ASN A 340 0.62 45.85 4.02
CA ASN A 340 1.65 45.93 5.06
C ASN A 340 3.00 45.33 4.64
N GLU A 341 3.90 45.23 5.61
CA GLU A 341 5.26 44.75 5.38
C GLU A 341 5.30 43.39 4.69
N ASP A 342 4.29 42.56 4.98
CA ASP A 342 4.24 41.18 4.52
C ASP A 342 3.47 41.05 3.21
N GLY A 343 2.96 42.18 2.73
CA GLY A 343 2.27 42.23 1.45
C GLY A 343 0.78 41.96 1.56
N ASP A 344 0.29 41.98 2.79
CA ASP A 344 -1.11 41.68 3.09
C ASP A 344 -1.95 42.95 3.08
N ARG A 345 -3.15 42.84 2.55
CA ARG A 345 -4.11 43.92 2.60
C ARG A 345 -4.25 44.55 3.99
N LYS A 346 -4.35 45.88 3.99
CA LYS A 346 -4.62 46.66 5.17
C LYS A 346 -5.92 47.41 4.95
N PHE A 347 -6.58 47.80 6.03
CA PHE A 347 -7.87 48.48 5.92
C PHE A 347 -8.93 47.57 5.29
N ALA A 348 -8.79 46.28 5.58
CA ALA A 348 -9.78 45.31 5.15
C ALA A 348 -10.98 45.59 6.02
N GLN A 349 -12.19 45.38 5.46
CA GLN A 349 -13.41 45.63 6.23
C GLN A 349 -14.23 44.40 6.57
N TYR A 350 -14.67 44.31 7.83
CA TYR A 350 -15.38 43.13 8.33
C TYR A 350 -16.83 43.42 8.76
N SER A 351 -17.75 42.53 8.41
CA SER A 351 -19.07 42.49 9.03
C SER A 351 -18.97 41.84 10.38
N ILE A 352 -19.52 42.49 11.40
CA ILE A 352 -19.59 41.90 12.72
C ILE A 352 -20.91 41.16 12.89
N MET A 353 -20.83 39.86 13.16
CA MET A 353 -21.96 38.94 13.07
C MET A 353 -22.37 38.41 14.43
N ASN A 354 -23.66 38.31 14.66
CA ASN A 354 -24.16 37.75 15.90
C ASN A 354 -25.14 36.62 15.62
N LEU A 355 -24.88 35.44 16.16
CA LEU A 355 -25.81 34.33 15.96
C LEU A 355 -26.99 34.50 16.91
N GLN A 356 -28.12 34.93 16.37
CA GLN A 356 -29.29 35.21 17.19
C GLN A 356 -30.44 34.35 16.74
N ASN A 357 -31.01 33.58 17.68
CA ASN A 357 -32.11 32.69 17.36
C ASN A 357 -31.73 31.89 16.11
N ARG A 358 -30.49 31.40 16.12
CA ARG A 358 -29.91 30.61 15.03
C ARG A 358 -29.87 31.27 13.66
N LYS A 359 -29.91 32.61 13.61
CA LYS A 359 -29.69 33.36 12.38
C LYS A 359 -28.43 34.21 12.51
N LEU A 360 -27.62 34.22 11.47
CA LEU A 360 -26.50 35.14 11.49
C LEU A 360 -27.03 36.52 11.24
N VAL A 361 -26.83 37.37 12.24
CA VAL A 361 -27.36 38.73 12.22
C VAL A 361 -26.24 39.77 12.31
N GLN A 362 -26.27 40.75 11.43
CA GLN A 362 -25.20 41.73 11.44
C GLN A 362 -25.45 42.78 12.48
N VAL A 363 -24.51 42.91 13.41
CA VAL A 363 -24.65 43.86 14.48
C VAL A 363 -23.74 45.07 14.29
N GLY A 364 -22.84 45.00 13.32
CA GLY A 364 -21.93 46.11 13.03
C GLY A 364 -20.88 45.83 11.95
N ILE A 365 -19.99 46.79 11.71
CA ILE A 365 -18.85 46.56 10.83
C ILE A 365 -17.57 47.12 11.41
N PHE A 366 -16.45 46.50 11.08
CA PHE A 366 -15.15 47.07 11.31
C PHE A 366 -14.78 47.67 9.98
N ASN A 367 -14.52 48.98 9.93
CA ASN A 367 -14.33 49.68 8.66
C ASN A 367 -12.88 49.95 8.27
N GLY A 368 -11.95 49.21 8.85
CA GLY A 368 -10.55 49.42 8.55
C GLY A 368 -9.83 49.92 9.78
N SER A 369 -10.47 50.85 10.49
CA SER A 369 -9.83 51.43 11.66
C SER A 369 -10.78 51.48 12.84
N TYR A 370 -12.06 51.66 12.56
CA TYR A 370 -13.07 51.92 13.58
C TYR A 370 -14.08 50.77 13.65
N ILE A 371 -14.66 50.55 14.84
CA ILE A 371 -15.89 49.74 14.93
C ILE A 371 -17.12 50.64 14.84
N ILE A 372 -18.06 50.27 13.98
CA ILE A 372 -19.30 51.01 13.88
C ILE A 372 -20.51 50.14 14.16
N GLN A 373 -21.05 50.26 15.36
CA GLN A 373 -22.24 49.55 15.80
C GLN A 373 -23.54 50.11 15.21
N ASN A 374 -24.21 49.28 14.41
CA ASN A 374 -25.56 49.53 13.87
C ASN A 374 -26.71 49.28 14.84
N ASP A 375 -27.90 49.69 14.40
CA ASP A 375 -29.17 49.61 15.15
C ASP A 375 -29.55 48.26 15.72
N ARG A 376 -29.30 47.19 14.98
CA ARG A 376 -29.56 45.85 15.50
C ARG A 376 -28.76 45.52 16.78
N LYS A 377 -29.46 45.31 17.89
CA LYS A 377 -28.87 45.03 19.19
C LYS A 377 -28.21 43.65 19.25
N ILE A 378 -27.06 43.57 19.92
CA ILE A 378 -26.39 42.30 20.16
C ILE A 378 -27.08 41.49 21.26
N ILE A 379 -27.54 40.29 20.95
CA ILE A 379 -27.95 39.35 22.00
C ILE A 379 -26.80 38.41 22.41
N TRP A 380 -26.31 38.54 23.63
CA TRP A 380 -25.17 37.75 24.04
C TRP A 380 -25.58 36.30 24.22
N PRO A 381 -24.68 35.44 24.70
CA PRO A 381 -25.17 34.10 25.00
C PRO A 381 -25.90 34.14 26.33
N GLY A 382 -26.93 33.32 26.48
CA GLY A 382 -27.84 33.44 27.61
C GLY A 382 -29.03 34.32 27.25
N GLY A 383 -28.77 35.60 26.99
CA GLY A 383 -29.82 36.57 26.71
C GLY A 383 -30.89 36.08 25.77
N PRO B 2 14.89 -12.95 -7.53
CA PRO B 2 14.97 -11.56 -7.07
C PRO B 2 14.42 -10.57 -8.12
N PRO B 3 13.39 -9.79 -7.76
CA PRO B 3 12.76 -8.81 -8.66
C PRO B 3 13.56 -7.50 -8.78
N SER B 4 13.27 -6.73 -9.82
CA SER B 4 14.04 -5.54 -10.14
C SER B 4 13.26 -4.22 -9.97
N ILE B 5 13.79 -3.34 -9.13
CA ILE B 5 13.24 -1.99 -8.94
C ILE B 5 14.03 -0.98 -9.77
N GLY B 6 13.32 -0.12 -10.48
CA GLY B 6 13.97 0.90 -11.31
C GLY B 6 14.50 2.05 -10.50
N ILE B 7 15.80 2.31 -10.60
CA ILE B 7 16.43 3.45 -9.93
C ILE B 7 17.06 4.41 -10.93
N ALA B 8 16.45 5.56 -11.14
CA ALA B 8 17.00 6.56 -12.06
C ALA B 8 18.08 7.44 -11.40
N VAL B 9 19.13 7.74 -12.14
CA VAL B 9 20.23 8.53 -11.61
C VAL B 9 20.47 9.72 -12.51
N ILE B 10 19.92 10.86 -12.15
CA ILE B 10 20.03 12.04 -12.99
C ILE B 10 21.25 12.86 -12.61
N LEU B 11 22.30 12.74 -13.43
CA LEU B 11 23.55 13.45 -13.22
C LEU B 11 23.56 14.71 -14.10
N VAL B 12 23.47 15.88 -13.49
CA VAL B 12 23.36 17.14 -14.23
C VAL B 12 24.71 17.77 -14.44
N GLY B 13 24.96 18.23 -15.67
CA GLY B 13 26.22 18.83 -16.03
C GLY B 13 27.31 17.80 -16.28
N THR B 14 28.42 18.26 -16.86
CA THR B 14 29.57 17.41 -17.17
C THR B 14 29.90 16.45 -16.02
N SER B 15 29.89 15.16 -16.32
CA SER B 15 30.17 14.12 -15.33
C SER B 15 30.73 12.90 -16.05
N ASP B 16 31.51 12.09 -15.33
CA ASP B 16 32.08 10.87 -15.92
C ASP B 16 31.15 9.69 -15.68
N GLU B 17 30.31 9.42 -16.67
CA GLU B 17 29.41 8.27 -16.61
C GLU B 17 30.22 6.96 -16.42
N VAL B 18 31.52 7.05 -16.71
CA VAL B 18 32.45 5.91 -16.63
C VAL B 18 32.69 5.41 -15.20
N ALA B 19 33.27 6.25 -14.35
CA ALA B 19 33.48 5.85 -12.95
C ALA B 19 32.13 5.76 -12.23
N ILE B 20 31.21 6.63 -12.61
CA ILE B 20 29.86 6.60 -12.06
C ILE B 20 29.27 5.21 -12.28
N LYS B 21 29.38 4.69 -13.50
CA LYS B 21 28.81 3.37 -13.82
C LYS B 21 29.66 2.23 -13.28
N ASP B 22 30.88 2.53 -12.87
CA ASP B 22 31.78 1.50 -12.34
C ASP B 22 31.32 0.96 -10.99
N ALA B 23 31.36 1.81 -9.96
CA ALA B 23 30.97 1.39 -8.61
C ALA B 23 29.56 0.81 -8.57
N HIS B 30 25.99 -6.27 -4.26
CA HIS B 30 24.85 -5.90 -3.41
C HIS B 30 23.81 -7.03 -3.23
N HIS B 31 24.17 -8.04 -2.44
CA HIS B 31 23.30 -9.19 -2.23
C HIS B 31 22.25 -8.93 -1.13
N LEU B 32 21.13 -8.36 -1.54
CA LEU B 32 20.00 -8.12 -0.63
C LEU B 32 18.83 -9.04 -0.97
N SER B 33 17.61 -8.55 -0.80
CA SER B 33 16.40 -9.33 -1.08
C SER B 33 15.72 -8.87 -2.36
N VAL B 34 16.29 -7.85 -3.00
CA VAL B 34 15.79 -7.32 -4.28
C VAL B 34 16.89 -6.56 -5.04
N VAL B 35 16.83 -6.59 -6.37
CA VAL B 35 17.91 -6.06 -7.22
C VAL B 35 17.57 -4.72 -7.90
N PRO B 36 18.56 -3.82 -8.00
CA PRO B 36 18.47 -2.49 -8.61
C PRO B 36 18.64 -2.50 -10.13
N ARG B 37 17.64 -2.06 -10.87
CA ARG B 37 17.81 -1.86 -12.31
C ARG B 37 18.09 -0.40 -12.63
N VAL B 38 19.33 0.01 -12.37
CA VAL B 38 19.80 1.38 -12.57
C VAL B 38 19.83 1.86 -14.02
N GLU B 39 19.66 3.16 -14.21
CA GLU B 39 19.72 3.76 -15.54
C GLU B 39 20.18 5.22 -15.40
N LEU B 40 21.44 5.50 -15.77
CA LEU B 40 22.00 6.85 -15.71
C LEU B 40 21.35 7.78 -16.73
N VAL B 41 20.87 8.92 -16.26
CA VAL B 41 20.37 9.94 -17.18
C VAL B 41 21.00 11.31 -16.94
N ALA B 42 21.48 11.91 -18.02
CA ALA B 42 22.01 13.25 -17.95
C ALA B 42 20.90 14.26 -18.24
N MET B 43 21.08 15.49 -17.74
CA MET B 43 20.12 16.55 -17.96
C MET B 43 20.84 17.87 -18.12
N ASN B 44 20.37 18.65 -19.08
CA ASN B 44 21.06 19.86 -19.51
C ASN B 44 20.68 21.03 -18.61
N GLU B 45 19.41 21.17 -18.29
CA GLU B 45 18.90 22.36 -17.59
C GLU B 45 18.42 22.10 -16.15
N THR B 46 18.32 23.16 -15.34
CA THR B 46 17.85 23.02 -13.94
C THR B 46 16.82 24.06 -13.48
N ASP B 47 16.02 24.57 -14.40
CA ASP B 47 14.88 25.37 -14.03
C ASP B 47 13.73 24.40 -13.68
N PRO B 48 12.60 24.91 -13.14
CA PRO B 48 11.48 24.06 -12.75
C PRO B 48 10.84 23.23 -13.86
N LYS B 49 10.67 23.79 -15.05
CA LYS B 49 9.98 23.06 -16.13
C LYS B 49 10.85 21.92 -16.67
N SER B 50 12.16 22.16 -16.67
CA SER B 50 13.08 21.15 -17.11
C SER B 50 13.09 20.01 -16.10
N ILE B 51 13.51 20.29 -14.88
CA ILE B 51 13.56 19.27 -13.87
C ILE B 51 12.21 18.53 -13.66
N ILE B 52 11.10 19.24 -13.52
CA ILE B 52 9.80 18.56 -13.39
C ILE B 52 9.53 17.65 -14.57
N THR B 53 9.71 18.19 -15.78
CA THR B 53 9.48 17.42 -17.00
C THR B 53 10.40 16.20 -17.15
N ARG B 54 11.70 16.41 -17.13
CA ARG B 54 12.60 15.27 -17.22
C ARG B 54 12.13 14.15 -16.29
N ILE B 55 11.84 14.48 -15.03
CA ILE B 55 11.48 13.43 -14.09
C ILE B 55 10.10 12.83 -14.33
N CYS B 56 9.12 13.66 -14.66
CA CYS B 56 7.82 13.10 -14.98
C CYS B 56 7.88 12.17 -16.19
N ASP B 57 8.60 12.57 -17.22
CA ASP B 57 8.76 11.67 -18.35
C ASP B 57 9.38 10.35 -17.91
N LEU B 58 10.61 10.41 -17.41
CA LEU B 58 11.33 9.20 -17.02
C LEU B 58 10.42 8.25 -16.23
N MET B 59 9.53 8.82 -15.41
CA MET B 59 8.67 8.02 -14.53
C MET B 59 7.58 7.25 -15.28
N SER B 60 7.23 7.71 -16.48
CA SER B 60 6.27 6.99 -17.32
C SER B 60 6.95 5.94 -18.21
N ASP B 61 8.04 6.33 -18.87
CA ASP B 61 8.81 5.39 -19.67
C ASP B 61 9.08 4.11 -18.88
N ARG B 62 9.79 4.25 -17.76
CA ARG B 62 10.10 3.12 -16.90
C ARG B 62 9.20 3.09 -15.66
N LYS B 63 9.41 2.12 -14.79
CA LYS B 63 8.77 2.15 -13.48
C LYS B 63 9.86 2.44 -12.47
N ILE B 64 10.07 3.73 -12.18
CA ILE B 64 11.12 4.15 -11.26
C ILE B 64 10.58 4.21 -9.83
N GLN B 65 11.27 3.54 -8.91
CA GLN B 65 10.86 3.53 -7.52
C GLN B 65 11.77 4.49 -6.76
N GLY B 66 12.88 4.87 -7.37
CA GLY B 66 13.78 5.81 -6.74
C GLY B 66 14.41 6.81 -7.70
N VAL B 67 15.05 7.83 -7.14
CA VAL B 67 15.80 8.81 -7.91
C VAL B 67 17.04 9.26 -7.15
N VAL B 68 18.17 9.30 -7.84
CA VAL B 68 19.36 9.85 -7.25
C VAL B 68 19.73 11.05 -8.10
N PHE B 69 19.72 12.22 -7.48
CA PHE B 69 19.96 13.46 -8.20
C PHE B 69 21.29 14.07 -7.77
N ALA B 70 22.14 14.34 -8.74
CA ALA B 70 23.38 15.07 -8.52
C ALA B 70 23.49 16.16 -9.56
N ASP B 71 23.91 17.34 -9.14
CA ASP B 71 24.18 18.41 -10.09
C ASP B 71 25.44 19.18 -9.73
N ASP B 72 25.92 20.00 -10.67
CA ASP B 72 27.19 20.73 -10.51
C ASP B 72 27.04 22.22 -10.23
N THR B 73 25.91 22.65 -9.69
CA THR B 73 25.61 24.08 -9.59
C THR B 73 25.58 24.62 -8.16
N ASP B 74 25.27 25.90 -8.00
CA ASP B 74 25.05 26.46 -6.68
C ASP B 74 23.60 26.95 -6.62
N GLN B 75 22.67 26.12 -7.06
CA GLN B 75 21.27 26.52 -7.01
C GLN B 75 20.46 25.74 -6.00
N GLU B 76 20.39 26.26 -4.79
CA GLU B 76 19.62 25.69 -3.69
C GLU B 76 18.13 25.49 -4.04
N ALA B 77 17.64 26.29 -4.98
CA ALA B 77 16.27 26.16 -5.48
C ALA B 77 16.10 24.82 -6.14
N ILE B 78 17.19 24.11 -6.38
CA ILE B 78 17.05 22.81 -6.98
C ILE B 78 16.61 21.87 -5.89
N ALA B 79 17.08 22.12 -4.68
CA ALA B 79 16.70 21.26 -3.56
C ALA B 79 15.21 21.36 -3.32
N GLN B 80 14.67 22.55 -3.58
CA GLN B 80 13.27 22.86 -3.33
C GLN B 80 12.42 22.29 -4.44
N ILE B 81 12.79 22.56 -5.68
CA ILE B 81 12.10 21.94 -6.80
C ILE B 81 11.99 20.43 -6.57
N LEU B 82 13.02 19.81 -6.01
CA LEU B 82 13.02 18.36 -5.87
C LEU B 82 12.05 17.93 -4.79
N ASP B 83 12.05 18.68 -3.69
CA ASP B 83 11.24 18.31 -2.56
C ASP B 83 9.77 18.34 -2.96
N PHE B 84 9.40 19.37 -3.69
CA PHE B 84 8.10 19.46 -4.34
C PHE B 84 7.84 18.18 -5.15
N ILE B 85 8.63 18.00 -6.21
CA ILE B 85 8.49 16.83 -7.09
C ILE B 85 8.32 15.56 -6.27
N SER B 86 9.12 15.45 -5.23
CA SER B 86 9.14 14.25 -4.39
C SER B 86 7.83 14.02 -3.69
N ALA B 87 7.27 15.07 -3.11
CA ALA B 87 6.04 14.97 -2.32
C ALA B 87 4.77 14.78 -3.15
N GLN B 88 4.63 15.49 -4.26
CA GLN B 88 3.50 15.30 -5.15
C GLN B 88 3.39 13.88 -5.71
N THR B 89 4.51 13.29 -6.07
CA THR B 89 4.51 11.99 -6.75
C THR B 89 4.79 10.86 -5.76
N LEU B 90 5.17 11.23 -4.56
CA LEU B 90 5.44 10.27 -3.48
C LEU B 90 6.57 9.30 -3.80
N THR B 91 7.46 9.72 -4.68
CA THR B 91 8.67 9.01 -5.05
C THR B 91 9.82 9.49 -4.17
N PRO B 92 10.67 8.57 -3.69
CA PRO B 92 11.89 8.98 -2.98
C PRO B 92 12.89 9.65 -3.94
N ILE B 93 13.58 10.66 -3.44
CA ILE B 93 14.53 11.41 -4.22
C ILE B 93 15.71 11.76 -3.32
N LEU B 94 16.91 11.54 -3.84
CA LEU B 94 18.11 11.79 -3.07
C LEU B 94 18.92 12.83 -3.78
N GLY B 95 19.15 13.95 -3.11
CA GLY B 95 19.98 15.01 -3.65
C GLY B 95 21.34 14.79 -3.07
N ILE B 96 22.19 14.11 -3.83
CA ILE B 96 23.47 13.63 -3.31
C ILE B 96 24.66 14.56 -3.53
N HIS B 97 24.49 15.57 -4.36
CA HIS B 97 25.60 16.44 -4.70
C HIS B 97 25.18 17.65 -5.51
N GLY B 98 25.48 18.85 -5.03
CA GLY B 98 25.18 20.05 -5.79
C GLY B 98 24.18 21.00 -5.16
N GLY B 99 23.45 21.72 -5.99
CA GLY B 99 22.30 22.47 -5.52
C GLY B 99 21.32 21.51 -4.84
N SER B 100 21.20 20.32 -5.42
CA SER B 100 20.27 19.33 -4.92
C SER B 100 20.56 18.97 -3.47
N SER B 101 21.70 19.41 -2.97
CA SER B 101 22.22 18.91 -1.71
C SER B 101 22.27 20.00 -0.67
N MET B 102 21.88 21.20 -1.05
CA MET B 102 22.01 22.36 -0.19
C MET B 102 20.99 22.19 0.94
N ILE B 103 21.29 22.80 2.08
CA ILE B 103 20.35 22.88 3.20
C ILE B 103 18.97 23.22 2.67
N MET B 104 18.02 22.34 2.93
CA MET B 104 16.59 22.70 2.82
C MET B 104 15.83 22.57 4.13
N ALA B 105 15.36 23.70 4.63
CA ALA B 105 14.62 23.70 5.87
C ALA B 105 13.11 23.58 5.57
N ASP B 106 12.41 22.87 6.45
CA ASP B 106 10.97 22.75 6.36
C ASP B 106 10.53 22.18 5.02
N LYS B 107 10.93 20.94 4.76
CA LYS B 107 10.42 20.21 3.61
C LYS B 107 9.03 19.71 3.94
N ASP B 108 8.24 19.45 2.92
CA ASP B 108 6.86 19.02 3.09
C ASP B 108 6.75 17.87 4.10
N GLU B 109 5.55 17.66 4.65
CA GLU B 109 5.29 16.52 5.53
C GLU B 109 5.23 15.24 4.69
N SER B 110 4.63 15.37 3.52
CA SER B 110 4.44 14.21 2.65
C SER B 110 5.67 13.83 1.84
N SER B 111 6.74 14.63 1.91
CA SER B 111 7.89 14.41 1.06
C SER B 111 8.62 13.11 1.39
N MET B 112 9.41 12.64 0.44
CA MET B 112 10.37 11.58 0.69
C MET B 112 11.66 12.03 0.04
N PHE B 113 12.13 13.21 0.43
CA PHE B 113 13.32 13.81 -0.16
C PHE B 113 14.42 13.93 0.89
N PHE B 114 15.55 13.31 0.60
CA PHE B 114 16.64 13.28 1.53
C PHE B 114 17.86 13.83 0.85
N GLN B 115 18.71 14.49 1.62
CA GLN B 115 19.88 15.15 1.06
C GLN B 115 21.13 14.68 1.78
N PHE B 116 22.22 14.53 1.05
CA PHE B 116 23.49 14.26 1.70
C PHE B 116 24.03 15.55 2.29
N GLY B 117 24.61 15.47 3.48
CA GLY B 117 25.20 16.66 4.05
C GLY B 117 24.50 17.07 5.32
N PRO B 118 25.13 17.97 6.08
CA PRO B 118 24.70 18.29 7.44
C PRO B 118 23.57 19.33 7.51
N SER B 119 22.68 19.14 8.48
CA SER B 119 21.61 20.11 8.77
C SER B 119 22.12 21.44 9.34
N ILE B 120 21.46 22.51 8.91
CA ILE B 120 21.64 23.84 9.48
C ILE B 120 21.91 23.80 10.98
N GLU B 121 21.18 22.98 11.71
CA GLU B 121 21.36 22.93 13.16
C GLU B 121 22.78 22.41 13.48
N GLN B 122 23.26 21.51 12.63
CA GLN B 122 24.51 20.82 12.90
C GLN B 122 25.68 21.69 12.49
N GLN B 123 25.58 22.28 11.31
CA GLN B 123 26.61 23.18 10.87
C GLN B 123 26.83 24.24 11.94
N ALA B 124 25.76 24.92 12.35
CA ALA B 124 25.85 25.96 13.36
C ALA B 124 26.47 25.46 14.65
N SER B 125 26.26 24.19 14.95
CA SER B 125 26.97 23.59 16.05
C SER B 125 28.46 23.56 15.73
N VAL B 126 28.82 22.96 14.61
CA VAL B 126 30.20 22.94 14.13
C VAL B 126 30.85 24.32 14.20
N MET B 127 30.12 25.34 13.76
CA MET B 127 30.62 26.71 13.79
C MET B 127 30.95 27.21 15.19
N LEU B 128 30.38 26.60 16.21
CA LEU B 128 30.62 27.06 17.58
C LEU B 128 31.80 26.33 18.20
N ASN B 129 31.97 25.07 17.82
CA ASN B 129 33.12 24.31 18.28
C ASN B 129 34.40 24.96 17.82
N ILE B 130 34.39 25.47 16.59
CA ILE B 130 35.52 26.20 16.05
C ILE B 130 35.77 27.40 16.92
N MET B 131 34.77 28.24 17.05
CA MET B 131 34.91 29.47 17.82
C MET B 131 35.42 29.19 19.22
N GLU B 132 35.14 28.00 19.75
CA GLU B 132 35.68 27.62 21.05
C GLU B 132 37.16 27.26 20.98
N GLU B 133 37.54 26.43 20.00
CA GLU B 133 38.94 26.03 19.84
C GLU B 133 39.83 27.25 19.99
N TYR B 134 39.48 28.33 19.29
CA TYR B 134 40.30 29.54 19.26
C TYR B 134 39.83 30.61 20.23
N ASP B 135 39.01 30.21 21.19
CA ASP B 135 38.57 31.11 22.24
C ASP B 135 38.07 32.42 21.64
N TRP B 136 37.29 32.29 20.56
CA TRP B 136 36.56 33.40 19.93
C TRP B 136 35.13 33.43 20.46
N TYR B 137 34.91 34.15 21.54
CA TYR B 137 33.65 34.04 22.25
C TYR B 137 32.73 35.21 21.96
N ILE B 138 33.22 36.21 21.23
CA ILE B 138 32.43 37.41 20.97
C ILE B 138 32.11 37.57 19.49
N PHE B 139 30.81 37.59 19.17
CA PHE B 139 30.39 37.49 17.78
C PHE B 139 28.96 37.91 17.58
N SER B 140 28.61 38.20 16.34
CA SER B 140 27.27 38.64 15.96
C SER B 140 26.78 37.84 14.76
N ILE B 141 25.46 37.74 14.62
CA ILE B 141 24.87 36.98 13.52
C ILE B 141 24.17 37.86 12.51
N VAL B 142 24.21 37.44 11.26
CA VAL B 142 23.57 38.16 10.17
C VAL B 142 22.94 37.09 9.34
N THR B 143 21.64 37.18 9.07
CA THR B 143 20.98 36.24 8.17
C THR B 143 20.02 36.97 7.29
N THR B 144 19.64 36.33 6.19
CA THR B 144 18.55 36.82 5.40
C THR B 144 17.29 36.08 5.84
N TYR B 145 16.22 36.16 5.04
CA TYR B 145 14.99 35.43 5.33
C TYR B 145 15.02 34.05 4.72
N PHE B 146 16.17 33.59 4.29
CA PHE B 146 16.23 32.27 3.69
C PHE B 146 15.80 31.24 4.69
N PRO B 147 15.01 30.29 4.24
CA PRO B 147 14.54 29.15 5.02
C PRO B 147 15.69 28.47 5.75
N GLY B 148 15.53 28.32 7.06
CA GLY B 148 16.55 27.74 7.88
C GLY B 148 17.08 28.81 8.79
N TYR B 149 16.93 30.05 8.38
CA TYR B 149 17.53 31.12 9.15
C TYR B 149 17.10 31.06 10.60
N GLN B 150 15.89 30.61 10.85
CA GLN B 150 15.36 30.53 12.21
C GLN B 150 15.97 29.36 12.96
N ASP B 151 16.07 28.23 12.28
CA ASP B 151 16.73 27.06 12.86
C ASP B 151 18.15 27.41 13.24
N PHE B 152 18.82 28.18 12.38
CA PHE B 152 20.20 28.64 12.56
C PHE B 152 20.35 29.51 13.81
N VAL B 153 19.65 30.64 13.86
CA VAL B 153 19.74 31.51 15.02
C VAL B 153 19.34 30.80 16.30
N ASN B 154 18.34 29.92 16.24
CA ASN B 154 17.81 29.29 17.44
C ASN B 154 18.74 28.23 17.97
N LYS B 155 19.43 27.54 17.05
CA LYS B 155 20.41 26.53 17.44
C LYS B 155 21.58 27.20 18.13
N ILE B 156 22.02 28.32 17.58
CA ILE B 156 23.04 29.11 18.23
C ILE B 156 22.59 29.44 19.65
N ARG B 157 21.40 30.03 19.77
CA ARG B 157 20.97 30.56 21.06
C ARG B 157 20.88 29.55 22.18
N SER B 158 20.31 28.38 21.89
CA SER B 158 20.10 27.40 22.94
C SER B 158 21.42 26.79 23.36
N THR B 159 22.45 27.02 22.55
CA THR B 159 23.80 26.60 22.87
C THR B 159 24.40 27.65 23.79
N ILE B 160 24.42 28.90 23.31
CA ILE B 160 24.89 30.02 24.10
C ILE B 160 24.20 30.01 25.47
N GLU B 161 22.87 29.90 25.47
CA GLU B 161 22.10 29.88 26.71
C GLU B 161 22.52 28.77 27.68
N ASN B 162 22.71 27.55 27.17
CA ASN B 162 23.02 26.38 28.00
C ASN B 162 24.50 26.07 28.17
N SER B 163 25.34 27.10 28.16
CA SER B 163 26.79 26.90 28.18
C SER B 163 27.48 27.65 29.30
N PHE B 164 28.33 26.93 30.04
CA PHE B 164 29.17 27.53 31.07
C PHE B 164 30.42 28.19 30.46
N VAL B 165 30.41 28.34 29.14
CA VAL B 165 31.47 29.05 28.42
C VAL B 165 31.03 30.50 28.24
N GLY B 166 32.00 31.41 28.16
CA GLY B 166 31.69 32.82 28.19
C GLY B 166 31.21 33.46 26.90
N TRP B 167 30.21 32.87 26.26
CA TRP B 167 29.73 33.39 25.00
C TRP B 167 29.14 34.77 25.15
N GLU B 168 29.14 35.52 24.06
CA GLU B 168 28.56 36.86 24.05
C GLU B 168 27.99 37.25 22.68
N LEU B 169 26.73 36.93 22.43
CA LEU B 169 26.09 37.32 21.18
C LEU B 169 25.75 38.83 21.16
N GLU B 170 26.58 39.61 20.46
CA GLU B 170 26.52 41.08 20.47
C GLU B 170 25.32 41.73 19.73
N GLU B 171 25.02 41.27 18.52
CA GLU B 171 23.83 41.71 17.77
C GLU B 171 23.35 40.57 16.87
N VAL B 172 22.14 40.67 16.34
CA VAL B 172 21.65 39.69 15.36
C VAL B 172 20.80 40.37 14.28
N LEU B 173 21.34 40.49 13.07
CA LEU B 173 20.66 41.23 12.03
C LEU B 173 19.93 40.33 11.04
N LEU B 174 18.68 40.67 10.75
CA LEU B 174 17.90 39.97 9.75
C LEU B 174 17.77 40.89 8.54
N LEU B 175 18.34 40.49 7.41
CA LEU B 175 18.29 41.35 6.23
C LEU B 175 17.21 40.94 5.22
N ASP B 176 16.55 41.92 4.62
CA ASP B 176 15.49 41.66 3.64
C ASP B 176 15.97 41.76 2.19
N MET B 177 16.07 40.62 1.53
CA MET B 177 16.44 40.57 0.12
C MET B 177 15.20 40.35 -0.78
N SER B 178 14.02 40.44 -0.20
CA SER B 178 12.80 40.30 -1.00
C SER B 178 12.65 41.56 -1.85
N LEU B 179 13.05 42.67 -1.23
CA LEU B 179 13.01 43.99 -1.84
C LEU B 179 14.41 44.39 -2.27
N ASP B 180 14.50 45.45 -3.08
CA ASP B 180 15.81 45.90 -3.57
C ASP B 180 16.56 46.71 -2.52
N ASP B 181 17.77 47.13 -2.89
CA ASP B 181 18.59 47.97 -2.03
C ASP B 181 19.07 49.21 -2.76
N GLY B 182 18.12 49.94 -3.35
CA GLY B 182 18.39 51.25 -3.91
C GLY B 182 18.21 52.31 -2.85
N ASP B 183 17.79 51.89 -1.65
CA ASP B 183 17.66 52.79 -0.51
C ASP B 183 18.80 52.60 0.49
N SER B 184 19.60 51.57 0.30
CA SER B 184 20.74 51.28 1.18
C SER B 184 20.32 50.87 2.61
N LYS B 185 19.20 50.17 2.72
CA LYS B 185 18.69 49.73 4.01
C LYS B 185 19.68 48.77 4.67
N ILE B 186 20.10 47.78 3.91
CA ILE B 186 21.10 46.80 4.35
C ILE B 186 22.36 47.49 4.87
N GLN B 187 22.93 48.35 4.04
CA GLN B 187 24.13 49.10 4.40
C GLN B 187 24.02 49.66 5.82
N ASN B 188 22.90 50.30 6.11
CA ASN B 188 22.68 50.91 7.41
C ASN B 188 22.77 49.88 8.52
N GLN B 189 22.07 48.77 8.34
CA GLN B 189 22.12 47.70 9.32
C GLN B 189 23.55 47.25 9.55
N LEU B 190 24.21 46.77 8.49
CA LEU B 190 25.56 46.23 8.57
C LEU B 190 26.53 47.15 9.30
N LYS B 191 26.36 48.45 9.10
CA LYS B 191 27.28 49.45 9.66
C LYS B 191 27.26 49.42 11.18
N LYS B 192 26.30 48.70 11.74
CA LYS B 192 26.08 48.63 13.18
C LYS B 192 26.80 47.46 13.88
N LEU B 193 27.47 46.61 13.11
CA LEU B 193 28.20 45.48 13.67
C LEU B 193 29.60 45.89 14.16
N GLN B 194 30.02 45.30 15.28
CA GLN B 194 31.28 45.70 15.89
C GLN B 194 31.98 44.51 16.57
N SER B 195 31.99 43.37 15.90
CA SER B 195 32.52 42.15 16.51
C SER B 195 33.57 41.46 15.62
N PRO B 196 34.53 40.76 16.23
CA PRO B 196 35.57 40.08 15.46
C PRO B 196 34.98 38.99 14.56
N ILE B 197 34.05 38.21 15.10
CA ILE B 197 33.39 37.14 14.37
C ILE B 197 31.97 37.51 13.95
N ILE B 198 31.56 37.02 12.79
CA ILE B 198 30.25 37.29 12.26
C ILE B 198 29.76 36.06 11.56
N LEU B 199 28.85 35.33 12.19
CA LEU B 199 28.23 34.18 11.53
C LEU B 199 27.20 34.70 10.52
N LEU B 200 27.30 34.24 9.29
CA LEU B 200 26.41 34.72 8.25
C LEU B 200 25.63 33.57 7.67
N TYR B 201 24.30 33.61 7.78
CA TYR B 201 23.39 32.64 7.17
C TYR B 201 22.55 33.24 6.05
N CYS B 202 22.74 32.74 4.84
CA CYS B 202 22.01 33.21 3.67
C CYS B 202 22.46 32.35 2.50
N THR B 203 22.21 32.77 1.27
CA THR B 203 22.63 31.96 0.13
C THR B 203 23.85 32.53 -0.60
N LYS B 204 24.52 31.67 -1.38
CA LYS B 204 25.68 32.10 -2.14
C LYS B 204 25.43 33.41 -2.87
N GLU B 205 24.38 33.49 -3.69
CA GLU B 205 24.17 34.71 -4.46
C GLU B 205 23.80 35.87 -3.56
N GLU B 206 23.15 35.55 -2.46
CA GLU B 206 22.80 36.53 -1.44
C GLU B 206 24.07 37.10 -0.82
N ALA B 207 25.03 36.22 -0.57
CA ALA B 207 26.22 36.59 0.17
C ALA B 207 27.17 37.39 -0.72
N THR B 208 27.19 37.09 -2.01
CA THR B 208 28.09 37.84 -2.85
C THR B 208 27.66 39.28 -2.63
N TYR B 209 26.36 39.53 -2.70
CA TYR B 209 25.87 40.90 -2.55
C TYR B 209 26.14 41.46 -1.15
N ILE B 210 25.96 40.65 -0.13
CA ILE B 210 26.13 41.17 1.21
C ILE B 210 27.56 41.64 1.49
N PHE B 211 28.54 40.81 1.13
CA PHE B 211 29.97 41.13 1.26
C PHE B 211 30.31 42.40 0.50
N GLU B 212 29.88 42.46 -0.76
CA GLU B 212 30.09 43.65 -1.58
C GLU B 212 29.69 44.93 -0.85
N VAL B 213 28.78 44.80 0.08
CA VAL B 213 28.26 45.94 0.83
C VAL B 213 29.03 46.08 2.11
N ALA B 214 29.35 44.92 2.71
CA ALA B 214 30.07 44.84 3.96
C ALA B 214 31.49 45.38 3.79
N ASN B 215 32.01 45.29 2.57
CA ASN B 215 33.32 45.87 2.28
C ASN B 215 33.25 47.39 2.42
N SER B 216 32.21 47.96 1.80
CA SER B 216 32.00 49.41 1.78
C SER B 216 31.62 49.97 3.15
N VAL B 217 31.95 49.25 4.21
CA VAL B 217 31.76 49.75 5.57
C VAL B 217 32.91 49.17 6.41
N GLY B 218 33.94 48.69 5.69
CA GLY B 218 35.18 48.22 6.29
C GLY B 218 35.01 47.01 7.21
N LEU B 219 34.22 46.05 6.76
CA LEU B 219 33.89 44.90 7.59
C LEU B 219 34.46 43.61 7.04
N THR B 220 35.28 43.71 6.01
CA THR B 220 35.90 42.54 5.42
C THR B 220 37.37 42.48 5.82
N GLY B 221 37.88 43.58 6.36
CA GLY B 221 39.29 43.70 6.66
C GLY B 221 39.82 42.61 7.58
N TYR B 222 40.93 42.91 8.24
CA TYR B 222 41.36 42.10 9.37
C TYR B 222 40.59 42.64 10.56
N GLY B 223 40.59 41.89 11.67
CA GLY B 223 39.75 42.24 12.80
C GLY B 223 38.34 41.78 12.56
N TYR B 224 38.00 41.58 11.29
CA TYR B 224 36.74 40.99 10.92
C TYR B 224 36.87 39.61 10.27
N THR B 225 36.26 38.63 10.91
CA THR B 225 36.23 37.26 10.41
C THR B 225 34.78 36.80 10.15
N TRP B 226 34.53 36.26 8.95
CA TRP B 226 33.19 35.78 8.62
C TRP B 226 33.15 34.27 8.49
N ILE B 227 32.27 33.65 9.27
CA ILE B 227 32.03 32.22 9.12
C ILE B 227 30.69 32.01 8.39
N VAL B 228 30.64 31.09 7.44
CA VAL B 228 29.42 30.83 6.69
C VAL B 228 29.23 29.34 6.42
N PRO B 229 27.97 28.90 6.25
CA PRO B 229 27.67 27.49 6.02
C PRO B 229 27.85 27.01 4.58
N SER B 230 27.86 25.69 4.44
CA SER B 230 28.05 25.02 3.17
C SER B 230 27.36 25.69 1.98
N LEU B 231 26.09 26.01 2.10
CA LEU B 231 25.37 26.52 0.94
C LEU B 231 25.92 27.85 0.46
N VAL B 232 26.72 28.52 1.28
CA VAL B 232 27.34 29.76 0.82
C VAL B 232 28.66 29.49 0.12
N ALA B 233 29.54 28.74 0.76
CA ALA B 233 30.73 28.26 0.07
C ALA B 233 30.26 27.67 -1.25
N GLY B 234 29.15 26.95 -1.22
CA GLY B 234 28.61 26.39 -2.42
C GLY B 234 29.62 25.43 -2.98
N ASP B 235 29.85 25.53 -4.28
CA ASP B 235 30.85 24.75 -4.98
C ASP B 235 32.18 25.51 -4.94
N THR B 236 33.24 24.85 -4.48
CA THR B 236 34.50 25.53 -4.18
C THR B 236 35.34 25.98 -5.39
N ASP B 237 35.22 25.29 -6.51
CA ASP B 237 35.85 25.74 -7.73
C ASP B 237 35.24 27.04 -8.25
N THR B 238 34.27 27.58 -7.54
CA THR B 238 33.67 28.87 -7.89
C THR B 238 33.74 29.76 -6.68
N VAL B 239 34.53 30.82 -6.77
CA VAL B 239 34.66 31.77 -5.69
C VAL B 239 34.33 33.13 -6.25
N PRO B 240 33.17 33.67 -5.89
CA PRO B 240 32.80 35.01 -6.35
C PRO B 240 33.85 36.02 -5.92
N SER B 241 34.11 37.03 -6.73
CA SER B 241 35.17 37.99 -6.44
C SER B 241 34.95 38.78 -5.14
N GLU B 242 33.70 38.90 -4.69
CA GLU B 242 33.44 39.68 -3.49
C GLU B 242 33.54 38.92 -2.20
N PHE B 243 33.89 37.64 -2.26
CA PHE B 243 34.09 36.88 -1.04
C PHE B 243 35.36 37.37 -0.39
N PRO B 244 35.27 37.82 0.87
CA PRO B 244 36.48 38.28 1.55
C PRO B 244 37.45 37.13 1.70
N THR B 245 38.74 37.37 1.50
CA THR B 245 39.74 36.35 1.81
C THR B 245 39.79 36.30 3.32
N GLY B 246 40.05 35.11 3.86
CA GLY B 246 40.05 34.94 5.31
C GLY B 246 38.74 34.35 5.79
N LEU B 247 37.79 34.25 4.86
CA LEU B 247 36.48 33.69 5.11
C LEU B 247 36.54 32.22 5.46
N ILE B 248 35.99 31.84 6.61
CA ILE B 248 35.88 30.44 7.00
C ILE B 248 34.53 29.86 6.58
N SER B 249 34.45 28.53 6.50
CA SER B 249 33.24 27.87 6.06
C SER B 249 33.33 26.38 6.23
N VAL B 250 32.20 25.77 6.56
CA VAL B 250 32.07 24.32 6.60
C VAL B 250 31.81 23.81 5.19
N SER B 251 31.88 22.50 5.00
CA SER B 251 31.69 21.97 3.65
C SER B 251 31.61 20.45 3.64
N TYR B 252 30.76 19.93 2.78
CA TYR B 252 30.71 18.51 2.65
C TYR B 252 31.97 18.08 1.92
N ASP B 253 32.68 17.09 2.49
CA ASP B 253 34.01 16.69 2.02
C ASP B 253 34.07 16.12 0.61
N GLU B 254 33.65 16.92 -0.37
CA GLU B 254 33.69 16.57 -1.80
C GLU B 254 35.08 16.08 -2.15
N TRP B 255 36.04 16.40 -1.29
CA TRP B 255 37.39 15.91 -1.44
C TRP B 255 37.41 14.43 -1.13
N ASP B 256 37.42 14.10 0.15
CA ASP B 256 37.52 12.72 0.58
C ASP B 256 36.47 11.87 -0.14
N TYR B 257 35.25 12.38 -0.19
CA TYR B 257 34.07 11.59 -0.55
C TYR B 257 33.41 12.10 -1.82
N GLY B 258 33.82 11.57 -2.97
CA GLY B 258 33.43 12.11 -4.25
C GLY B 258 32.25 11.43 -4.92
N LEU B 259 31.95 11.81 -6.15
CA LEU B 259 30.67 11.47 -6.79
C LEU B 259 30.31 10.00 -6.92
N PRO B 260 31.15 9.20 -7.58
CA PRO B 260 30.74 7.80 -7.78
C PRO B 260 30.51 7.07 -6.46
N ALA B 261 31.18 7.53 -5.41
CA ALA B 261 30.98 6.97 -4.09
C ALA B 261 29.59 7.33 -3.59
N ARG B 262 29.13 8.52 -3.98
CA ARG B 262 27.84 9.03 -3.55
C ARG B 262 26.73 8.38 -4.32
N VAL B 263 26.93 8.22 -5.62
CA VAL B 263 25.92 7.56 -6.43
C VAL B 263 25.85 6.11 -6.00
N ARG B 264 26.96 5.58 -5.49
CA ARG B 264 27.00 4.20 -5.00
C ARG B 264 26.01 4.03 -3.85
N ASP B 265 26.21 4.78 -2.77
CA ASP B 265 25.30 4.75 -1.63
C ASP B 265 23.92 5.26 -2.01
N GLY B 266 23.85 6.04 -3.08
CA GLY B 266 22.58 6.49 -3.57
C GLY B 266 21.77 5.24 -3.81
N ILE B 267 22.19 4.46 -4.80
CA ILE B 267 21.50 3.23 -5.16
C ILE B 267 21.39 2.25 -4.00
N ALA B 268 22.22 2.43 -2.98
CA ALA B 268 22.24 1.55 -1.82
C ALA B 268 20.99 1.73 -1.00
N ILE B 269 20.76 2.97 -0.59
CA ILE B 269 19.68 3.33 0.31
C ILE B 269 18.31 2.96 -0.26
N ILE B 270 18.09 3.28 -1.53
CA ILE B 270 16.83 3.00 -2.19
C ILE B 270 16.60 1.49 -2.37
N THR B 271 17.68 0.75 -2.64
CA THR B 271 17.58 -0.70 -2.76
C THR B 271 17.40 -1.36 -1.40
N THR B 272 18.32 -1.08 -0.47
CA THR B 272 18.21 -1.64 0.86
C THR B 272 16.84 -1.38 1.41
N ALA B 273 16.38 -0.13 1.31
CA ALA B 273 15.12 0.26 1.93
C ALA B 273 13.98 -0.48 1.28
N ALA B 274 14.08 -0.73 -0.03
CA ALA B 274 13.08 -1.51 -0.75
C ALA B 274 13.06 -2.94 -0.22
N SER B 275 14.22 -3.60 -0.24
CA SER B 275 14.34 -4.91 0.37
C SER B 275 13.59 -4.97 1.70
N ASP B 276 14.08 -4.23 2.70
CA ASP B 276 13.49 -4.22 4.03
C ASP B 276 11.96 -4.21 4.03
N MET B 277 11.37 -3.52 3.06
CA MET B 277 9.92 -3.37 3.02
C MET B 277 9.22 -4.52 2.28
N LEU B 278 9.91 -5.20 1.37
CA LEU B 278 9.37 -6.44 0.80
C LEU B 278 9.48 -7.53 1.83
N SER B 279 10.37 -7.36 2.81
CA SER B 279 10.58 -8.35 3.86
C SER B 279 9.54 -8.25 4.97
N GLU B 280 9.44 -7.08 5.60
CA GLU B 280 8.53 -6.91 6.72
C GLU B 280 7.07 -6.83 6.30
N HIS B 281 6.79 -6.80 5.00
CA HIS B 281 5.43 -6.55 4.52
C HIS B 281 5.06 -7.27 3.24
N SER B 282 5.97 -8.06 2.69
CA SER B 282 5.69 -8.78 1.43
C SER B 282 5.15 -7.89 0.30
N PHE B 283 5.65 -6.65 0.23
CA PHE B 283 5.34 -5.71 -0.86
C PHE B 283 6.08 -4.36 -0.76
N ILE B 284 6.27 -3.71 -1.91
CA ILE B 284 6.97 -2.42 -2.03
C ILE B 284 6.10 -1.52 -2.91
N PRO B 285 5.81 -0.28 -2.46
CA PRO B 285 4.80 0.58 -3.12
C PRO B 285 5.03 0.79 -4.61
N GLU B 286 3.98 0.64 -5.41
CA GLU B 286 4.09 0.79 -6.86
C GLU B 286 4.44 2.22 -7.23
N PRO B 287 5.37 2.36 -8.18
CA PRO B 287 5.78 3.69 -8.65
C PRO B 287 4.65 4.35 -9.42
N LYS B 288 4.52 5.67 -9.29
CA LYS B 288 3.47 6.38 -10.01
C LYS B 288 3.71 6.25 -11.50
N SER B 289 2.64 6.05 -12.26
CA SER B 289 2.77 5.89 -13.70
C SER B 289 2.87 7.24 -14.42
N SER B 290 2.46 8.30 -13.74
CA SER B 290 2.26 9.59 -14.40
C SER B 290 1.92 10.66 -13.34
N CYS B 291 2.42 11.89 -13.55
CA CYS B 291 2.12 13.01 -12.66
C CYS B 291 0.85 13.71 -13.10
N TYR B 292 0.54 13.62 -14.38
CA TYR B 292 -0.71 14.13 -14.91
C TYR B 292 -1.95 13.50 -14.22
N ASN B 293 -1.73 12.57 -13.29
CA ASN B 293 -2.84 11.96 -12.55
C ASN B 293 -2.50 11.74 -11.07
N THR B 294 -2.46 12.82 -10.29
CA THR B 294 -2.15 12.74 -8.86
C THR B 294 -3.38 12.91 -7.96
N HIS B 295 -4.37 13.67 -8.42
CA HIS B 295 -5.64 13.79 -7.70
C HIS B 295 -6.36 12.44 -7.61
N GLU B 296 -6.58 11.83 -8.77
CA GLU B 296 -7.16 10.49 -8.88
C GLU B 296 -6.48 9.51 -7.93
N LYS B 297 -5.24 9.15 -8.27
CA LYS B 297 -4.56 8.04 -7.62
C LYS B 297 -3.95 8.31 -6.22
N ARG B 298 -4.52 9.23 -5.44
CA ARG B 298 -3.89 9.64 -4.18
C ARG B 298 -4.08 8.71 -2.96
N ILE B 299 -5.28 8.15 -2.80
CA ILE B 299 -5.56 7.23 -1.68
C ILE B 299 -4.81 5.92 -1.83
N TYR B 300 -4.18 5.74 -2.97
CA TYR B 300 -3.50 4.51 -3.29
C TYR B 300 -1.98 4.64 -3.08
N GLN B 301 -1.56 5.78 -2.52
CA GLN B 301 -0.14 6.10 -2.31
C GLN B 301 0.16 6.56 -0.89
N SER B 302 1.41 6.35 -0.48
CA SER B 302 1.84 6.77 0.87
C SER B 302 3.36 6.86 1.03
N ASN B 303 3.80 7.26 2.22
CA ASN B 303 5.24 7.31 2.54
C ASN B 303 5.63 6.34 3.67
N MET B 304 5.26 5.08 3.47
CA MET B 304 5.62 3.97 4.34
C MET B 304 7.05 3.49 4.10
N LEU B 305 7.67 3.97 3.03
CA LEU B 305 9.07 3.67 2.75
C LEU B 305 9.99 4.60 3.58
N ASN B 306 9.51 5.75 4.02
CA ASN B 306 10.41 6.61 4.80
C ASN B 306 10.93 5.82 5.99
N ARG B 307 10.05 5.03 6.61
CA ARG B 307 10.44 4.23 7.77
C ARG B 307 11.80 3.61 7.51
N TYR B 308 12.08 3.32 6.24
CA TYR B 308 13.25 2.54 5.85
C TYR B 308 14.34 3.35 5.13
N LEU B 309 13.96 4.16 4.15
CA LEU B 309 14.90 5.06 3.49
C LEU B 309 15.81 5.77 4.49
N ILE B 310 15.29 6.01 5.69
CA ILE B 310 16.09 6.59 6.76
C ILE B 310 17.15 5.61 7.24
N ASN B 311 16.70 4.62 8.01
CA ASN B 311 17.59 3.72 8.73
C ASN B 311 18.16 2.58 7.89
N VAL B 312 19.25 2.87 7.20
CA VAL B 312 19.95 1.94 6.33
C VAL B 312 21.44 1.82 6.73
N THR B 313 21.89 0.60 7.04
CA THR B 313 23.32 0.35 7.22
C THR B 313 23.89 -0.29 5.95
N PHE B 314 25.04 0.20 5.48
CA PHE B 314 25.65 -0.31 4.24
C PHE B 314 27.18 -0.28 4.23
N GLU B 315 27.77 -1.36 3.72
CA GLU B 315 29.22 -1.51 3.66
C GLU B 315 29.88 -1.17 5.00
N GLY B 316 29.11 -1.22 6.07
CA GLY B 316 29.64 -0.96 7.40
C GLY B 316 29.58 0.49 7.83
N ARG B 317 28.66 1.24 7.24
CA ARG B 317 28.44 2.63 7.62
C ARG B 317 26.96 2.94 7.78
N ASP B 318 26.60 3.64 8.86
CA ASP B 318 25.23 4.09 9.06
C ASP B 318 24.98 5.25 8.12
N LEU B 319 24.31 4.96 7.00
CA LEU B 319 23.96 5.99 6.05
C LEU B 319 22.53 6.49 6.38
N SER B 320 22.25 6.61 7.66
CA SER B 320 20.93 7.01 8.16
C SER B 320 20.65 8.49 7.96
N PHE B 321 19.38 8.87 7.86
CA PHE B 321 18.97 10.29 7.79
C PHE B 321 18.19 10.75 9.02
N SER B 322 18.12 12.07 9.23
CA SER B 322 17.31 12.64 10.32
C SER B 322 15.86 12.74 9.89
N GLU B 323 15.07 13.42 10.71
CA GLU B 323 13.66 13.64 10.41
C GLU B 323 13.50 14.73 9.36
N ASP B 324 14.17 15.86 9.60
CA ASP B 324 14.08 16.99 8.69
C ASP B 324 14.78 16.69 7.35
N GLY B 325 15.18 15.43 7.16
CA GLY B 325 15.66 14.95 5.87
C GLY B 325 17.11 15.20 5.46
N TYR B 326 17.97 15.44 6.44
CA TYR B 326 19.39 15.63 6.15
C TYR B 326 20.16 14.46 6.74
N GLN B 327 21.36 14.25 6.25
CA GLN B 327 22.20 13.13 6.65
C GLN B 327 22.52 13.12 8.14
N MET B 328 22.67 11.92 8.69
CA MET B 328 22.84 11.77 10.13
C MET B 328 24.22 12.18 10.63
N HIS B 329 25.27 11.53 10.15
CA HIS B 329 26.59 11.99 10.54
C HIS B 329 27.53 11.92 9.37
N PRO B 330 27.61 13.02 8.63
CA PRO B 330 28.40 13.17 7.42
C PRO B 330 29.80 13.61 7.81
N LYS B 331 30.78 13.39 6.95
CA LYS B 331 32.13 13.88 7.18
C LYS B 331 32.27 15.31 6.66
N LEU B 332 32.67 16.22 7.54
CA LEU B 332 32.79 17.62 7.17
C LEU B 332 34.24 18.06 7.05
N VAL B 333 34.54 18.87 6.05
CA VAL B 333 35.84 19.57 6.03
C VAL B 333 35.57 21.04 6.39
N ILE B 334 36.49 21.68 7.11
CA ILE B 334 36.40 23.13 7.33
C ILE B 334 37.37 23.83 6.40
N ILE B 335 36.89 24.75 5.58
CA ILE B 335 37.75 25.30 4.56
C ILE B 335 37.97 26.81 4.73
N LEU B 336 39.11 27.28 4.23
CA LEU B 336 39.51 28.66 4.42
C LEU B 336 39.85 29.25 3.07
N LEU B 337 39.19 30.34 2.71
CA LEU B 337 39.47 31.01 1.45
C LEU B 337 40.78 31.79 1.60
N ASN B 338 41.80 31.38 0.83
CA ASN B 338 43.15 31.91 1.02
C ASN B 338 43.52 33.16 0.20
N LYS B 339 44.81 33.44 0.14
CA LYS B 339 45.32 34.68 -0.48
C LYS B 339 45.31 34.56 -2.01
N GLU B 340 45.36 33.33 -2.50
CA GLU B 340 45.30 33.07 -3.92
C GLU B 340 43.85 32.77 -4.32
N ARG B 341 42.92 33.12 -3.43
CA ARG B 341 41.47 32.90 -3.61
C ARG B 341 41.07 31.49 -4.04
N LYS B 342 41.70 30.51 -3.41
CA LYS B 342 41.37 29.12 -3.59
C LYS B 342 40.96 28.60 -2.20
N TRP B 343 40.18 27.53 -2.13
CA TRP B 343 39.68 27.09 -0.85
C TRP B 343 40.61 26.03 -0.24
N GLU B 344 41.26 26.37 0.87
CA GLU B 344 42.17 25.43 1.52
C GLU B 344 41.54 24.69 2.71
N ARG B 345 41.65 23.36 2.74
CA ARG B 345 41.12 22.60 3.90
C ARG B 345 41.93 22.94 5.16
N VAL B 346 41.27 23.20 6.28
CA VAL B 346 42.00 23.54 7.50
C VAL B 346 41.50 22.85 8.77
N GLY B 347 40.56 21.93 8.61
CA GLY B 347 39.99 21.16 9.71
C GLY B 347 39.04 20.07 9.25
N LYS B 348 38.88 19.02 10.08
CA LYS B 348 37.97 17.92 9.78
C LYS B 348 37.03 17.64 10.96
N TRP B 349 35.77 17.33 10.66
CA TRP B 349 34.74 17.02 11.67
C TRP B 349 34.26 15.58 11.52
N LYS B 350 34.48 14.76 12.54
CA LYS B 350 34.19 13.34 12.48
C LYS B 350 32.93 12.75 13.14
N ASP B 351 32.91 12.79 14.46
CA ASP B 351 31.78 12.28 15.23
C ASP B 351 30.98 13.47 15.72
N LYS B 352 31.46 14.03 16.82
CA LYS B 352 31.07 15.36 17.27
C LYS B 352 32.41 15.93 17.72
N SER B 353 33.47 15.36 17.14
CA SER B 353 34.85 15.78 17.41
C SER B 353 35.41 16.55 16.22
N LEU B 354 35.97 17.72 16.51
CA LEU B 354 36.56 18.59 15.50
C LEU B 354 38.06 18.60 15.63
N GLN B 355 38.77 18.29 14.55
CA GLN B 355 40.22 18.34 14.55
C GLN B 355 40.73 19.42 13.59
N MET B 356 41.44 20.42 14.12
CA MET B 356 41.95 21.53 13.31
C MET B 356 43.40 21.31 12.86
N LYS B 357 43.82 21.91 11.75
CA LYS B 357 45.23 21.78 11.34
C LYS B 357 46.13 22.72 12.13
N TYR B 358 45.67 23.95 12.38
CA TYR B 358 46.49 24.96 13.02
C TYR B 358 46.15 25.11 14.49
N TYR B 359 47.11 25.57 15.27
CA TYR B 359 46.82 25.97 16.63
C TYR B 359 46.68 27.48 16.68
N VAL B 360 47.50 28.18 15.92
CA VAL B 360 47.33 29.62 15.75
C VAL B 360 46.69 29.87 14.39
N TRP B 361 45.64 30.70 14.36
CA TRP B 361 44.91 30.93 13.12
C TRP B 361 45.70 31.76 12.09
N PRO B 362 45.69 31.31 10.83
CA PRO B 362 46.37 31.90 9.67
C PRO B 362 45.92 33.32 9.35
N ARG B 363 46.74 34.03 8.56
CA ARG B 363 46.39 35.38 8.14
C ARG B 363 45.98 35.48 6.67
N PRO C 2 -19.61 -42.39 -37.43
CA PRO C 2 -18.57 -42.41 -36.38
C PRO C 2 -18.68 -41.19 -35.48
N LYS C 3 -18.81 -41.39 -34.16
CA LYS C 3 -18.99 -40.30 -33.22
C LYS C 3 -17.67 -39.78 -32.68
N ILE C 4 -17.43 -38.48 -32.85
CA ILE C 4 -16.18 -37.88 -32.39
C ILE C 4 -16.22 -37.50 -30.90
N VAL C 5 -15.31 -38.07 -30.13
CA VAL C 5 -15.10 -37.68 -28.74
C VAL C 5 -13.75 -36.93 -28.64
N ASN C 6 -13.72 -35.83 -27.89
CA ASN C 6 -12.51 -35.01 -27.81
C ASN C 6 -11.67 -35.23 -26.58
N ILE C 7 -10.52 -35.87 -26.74
CA ILE C 7 -9.53 -35.85 -25.66
C ILE C 7 -9.01 -34.43 -25.72
N GLY C 8 -8.79 -33.79 -24.58
CA GLY C 8 -8.36 -32.39 -24.54
C GLY C 8 -7.04 -32.20 -23.80
N ALA C 9 -6.27 -31.17 -24.15
CA ALA C 9 -4.98 -30.98 -23.48
C ALA C 9 -4.54 -29.53 -23.30
N VAL C 10 -3.62 -29.35 -22.36
CA VAL C 10 -2.93 -28.09 -22.16
C VAL C 10 -1.46 -28.41 -21.96
N LEU C 11 -0.64 -28.06 -22.96
CA LEU C 11 0.77 -28.42 -22.98
C LEU C 11 1.68 -27.19 -23.01
N SER C 12 3.00 -27.44 -23.03
CA SER C 12 4.01 -26.39 -22.86
C SER C 12 4.24 -25.57 -24.11
N THR C 13 4.66 -26.22 -25.18
CA THR C 13 5.04 -25.52 -26.40
C THR C 13 4.12 -25.91 -27.54
N LYS C 14 4.01 -25.03 -28.53
CA LYS C 14 3.29 -25.32 -29.75
C LYS C 14 3.72 -26.69 -30.34
N LYS C 15 4.97 -27.07 -30.12
CA LYS C 15 5.50 -28.32 -30.66
C LYS C 15 4.92 -29.49 -29.88
N HIS C 16 4.66 -29.24 -28.60
CA HIS C 16 4.13 -30.28 -27.77
C HIS C 16 2.67 -30.55 -28.07
N GLU C 17 1.93 -29.52 -28.46
CA GLU C 17 0.61 -29.73 -29.00
C GLU C 17 0.74 -30.68 -30.17
N GLN C 18 1.83 -30.51 -30.93
CA GLN C 18 2.06 -31.36 -32.09
C GLN C 18 2.34 -32.78 -31.65
N ILE C 19 3.26 -32.95 -30.70
CA ILE C 19 3.57 -34.28 -30.17
C ILE C 19 2.31 -34.94 -29.56
N PHE C 20 1.36 -34.09 -29.14
CA PHE C 20 0.05 -34.52 -28.65
C PHE C 20 -0.87 -34.90 -29.80
N ARG C 21 -1.18 -33.93 -30.65
CA ARG C 21 -2.08 -34.14 -31.79
C ARG C 21 -1.74 -35.42 -32.54
N GLU C 22 -0.45 -35.73 -32.64
CA GLU C 22 0.00 -36.88 -33.41
C GLU C 22 -0.22 -38.19 -32.65
N ALA C 23 -0.12 -38.13 -31.33
CA ALA C 23 -0.37 -39.30 -30.48
C ALA C 23 -1.83 -39.71 -30.54
N VAL C 24 -2.72 -38.74 -30.63
CA VAL C 24 -4.14 -39.02 -30.80
C VAL C 24 -4.35 -39.71 -32.13
N ASN C 25 -3.73 -39.18 -33.18
CA ASN C 25 -3.79 -39.83 -34.48
C ASN C 25 -3.37 -41.30 -34.39
N GLN C 26 -2.25 -41.59 -33.73
CA GLN C 26 -1.77 -42.97 -33.63
C GLN C 26 -2.76 -43.89 -32.90
N ALA C 27 -3.49 -43.32 -31.94
CA ALA C 27 -4.43 -44.08 -31.13
C ALA C 27 -5.65 -44.55 -31.93
N ASN C 28 -6.00 -43.82 -32.99
CA ASN C 28 -7.09 -44.21 -33.87
C ASN C 28 -6.68 -45.40 -34.74
N LYS C 29 -5.41 -45.44 -35.09
CA LYS C 29 -4.86 -46.56 -35.85
C LYS C 29 -4.76 -47.78 -34.92
N ARG C 30 -4.40 -47.55 -33.66
CA ARG C 30 -4.36 -48.62 -32.67
C ARG C 30 -5.73 -49.28 -32.52
N HIS C 31 -6.78 -48.47 -32.38
CA HIS C 31 -8.13 -48.96 -32.13
C HIS C 31 -8.99 -49.01 -33.40
N PHE C 32 -10.21 -49.52 -33.25
CA PHE C 32 -11.15 -49.64 -34.36
C PHE C 32 -11.42 -48.29 -35.02
N THR C 33 -11.94 -47.35 -34.24
CA THR C 33 -12.32 -46.03 -34.75
C THR C 33 -13.56 -46.10 -35.64
N ARG C 34 -14.25 -47.24 -35.61
CA ARG C 34 -15.45 -47.45 -36.41
C ARG C 34 -16.66 -46.80 -35.75
N LYS C 35 -16.81 -47.02 -34.45
CA LYS C 35 -17.87 -46.38 -33.69
C LYS C 35 -17.41 -45.04 -33.13
N ILE C 36 -16.45 -45.08 -32.20
CA ILE C 36 -16.00 -43.88 -31.51
C ILE C 36 -14.56 -43.52 -31.85
N GLN C 37 -14.38 -42.52 -32.72
CA GLN C 37 -13.03 -42.00 -33.02
C GLN C 37 -12.80 -40.68 -32.29
N LEU C 38 -11.53 -40.30 -32.13
CA LEU C 38 -11.17 -39.18 -31.26
C LEU C 38 -10.65 -37.96 -32.03
N GLN C 39 -11.19 -36.78 -31.73
CA GLN C 39 -10.60 -35.52 -32.17
C GLN C 39 -9.79 -34.95 -31.03
N ALA C 40 -8.71 -34.24 -31.36
CA ALA C 40 -7.76 -33.79 -30.34
C ALA C 40 -7.66 -32.28 -30.26
N THR C 41 -8.22 -31.72 -29.19
CA THR C 41 -8.13 -30.30 -28.93
C THR C 41 -6.98 -30.01 -27.96
N SER C 42 -6.61 -28.74 -27.82
CA SER C 42 -5.41 -28.38 -27.05
C SER C 42 -5.19 -26.87 -27.00
N VAL C 43 -4.48 -26.43 -25.96
CA VAL C 43 -3.97 -25.07 -25.89
C VAL C 43 -2.61 -25.07 -25.18
N THR C 44 -2.04 -23.89 -24.98
CA THR C 44 -0.81 -23.77 -24.20
C THR C 44 -1.11 -22.90 -23.01
N HIS C 45 -0.31 -23.00 -21.97
CA HIS C 45 -0.60 -22.25 -20.78
C HIS C 45 -0.80 -20.78 -21.07
N ARG C 46 -1.92 -20.24 -20.59
CA ARG C 46 -2.17 -18.82 -20.62
C ARG C 46 -1.34 -18.12 -19.51
N PRO C 47 -1.02 -16.84 -19.73
CA PRO C 47 -0.22 -15.97 -18.87
C PRO C 47 -0.35 -16.24 -17.37
N ASN C 48 -1.57 -16.12 -16.84
CA ASN C 48 -1.80 -16.23 -15.40
C ASN C 48 -2.92 -17.20 -15.09
N ALA C 49 -3.34 -17.23 -13.83
CA ALA C 49 -4.34 -18.21 -13.37
C ALA C 49 -5.79 -17.92 -13.80
N ILE C 50 -6.26 -16.70 -13.53
CA ILE C 50 -7.63 -16.35 -13.89
C ILE C 50 -7.77 -16.48 -15.40
N GLN C 51 -6.66 -16.41 -16.12
CA GLN C 51 -6.74 -16.53 -17.56
C GLN C 51 -6.70 -17.98 -18.00
N MET C 52 -5.94 -18.80 -17.29
CA MET C 52 -5.83 -20.19 -17.67
C MET C 52 -7.19 -20.88 -17.50
N ALA C 53 -7.85 -20.62 -16.37
CA ALA C 53 -9.14 -21.22 -16.08
C ALA C 53 -10.16 -20.86 -17.13
N LEU C 54 -10.26 -19.57 -17.45
CA LEU C 54 -11.15 -19.15 -18.51
C LEU C 54 -10.93 -19.91 -19.82
N SER C 55 -9.66 -20.08 -20.20
CA SER C 55 -9.31 -20.79 -21.42
C SER C 55 -9.88 -22.21 -21.48
N VAL C 56 -9.85 -22.93 -20.35
CA VAL C 56 -10.44 -24.26 -20.28
C VAL C 56 -11.93 -24.25 -20.63
N CYS C 57 -12.62 -23.18 -20.21
CA CYS C 57 -14.04 -23.03 -20.50
C CYS C 57 -14.31 -22.70 -21.96
N GLU C 58 -13.45 -21.89 -22.56
CA GLU C 58 -13.68 -21.35 -23.90
C GLU C 58 -13.00 -22.13 -25.01
N ASP C 59 -12.04 -22.97 -24.66
CA ASP C 59 -11.29 -23.65 -25.70
C ASP C 59 -11.36 -25.17 -25.61
N LEU C 60 -11.41 -25.69 -24.39
CA LEU C 60 -11.45 -27.14 -24.18
C LEU C 60 -12.86 -27.69 -23.90
N ILE C 61 -13.53 -27.10 -22.91
CA ILE C 61 -14.87 -27.54 -22.57
C ILE C 61 -15.89 -27.09 -23.62
N SER C 62 -15.68 -25.90 -24.20
CA SER C 62 -16.53 -25.43 -25.29
C SER C 62 -16.41 -26.37 -26.50
N SER C 63 -15.77 -27.51 -26.30
CA SER C 63 -15.64 -28.53 -27.34
C SER C 63 -15.90 -29.92 -26.76
N GLN C 64 -16.66 -29.98 -25.66
CA GLN C 64 -17.05 -31.25 -25.04
C GLN C 64 -15.90 -32.24 -24.90
N VAL C 65 -15.02 -31.98 -23.94
CA VAL C 65 -13.84 -32.81 -23.76
C VAL C 65 -14.08 -33.88 -22.71
N TYR C 66 -13.75 -35.12 -23.04
CA TYR C 66 -13.90 -36.23 -22.11
C TYR C 66 -12.78 -36.28 -21.08
N ALA C 67 -11.68 -35.61 -21.39
CA ALA C 67 -10.51 -35.57 -20.50
C ALA C 67 -9.54 -34.47 -20.94
N ILE C 68 -8.69 -34.03 -20.02
CA ILE C 68 -7.71 -33.01 -20.31
C ILE C 68 -6.34 -33.39 -19.75
N LEU C 69 -5.32 -33.35 -20.59
CA LEU C 69 -3.98 -33.60 -20.08
C LEU C 69 -3.36 -32.27 -19.70
N VAL C 70 -2.54 -32.26 -18.65
CA VAL C 70 -1.91 -31.04 -18.19
C VAL C 70 -0.42 -31.24 -17.94
N SER C 71 0.39 -30.26 -18.35
CA SER C 71 1.82 -30.34 -18.14
C SER C 71 2.44 -29.00 -17.76
N HIS C 72 2.83 -28.86 -16.48
CA HIS C 72 3.59 -27.68 -16.03
C HIS C 72 4.61 -27.16 -17.07
N PRO C 73 4.59 -25.85 -17.37
CA PRO C 73 5.38 -25.22 -18.43
C PRO C 73 6.77 -24.73 -18.02
N LEU C 80 2.30 -21.07 -11.17
CA LEU C 80 2.16 -21.55 -12.54
C LEU C 80 1.81 -23.05 -12.59
N THR C 81 0.82 -23.44 -11.79
CA THR C 81 0.43 -24.85 -11.56
C THR C 81 -0.76 -25.34 -12.41
N PRO C 82 -1.08 -26.64 -12.31
CA PRO C 82 -2.26 -27.21 -12.97
C PRO C 82 -3.58 -26.97 -12.20
N THR C 83 -3.50 -26.27 -11.07
CA THR C 83 -4.66 -26.07 -10.22
C THR C 83 -5.90 -25.47 -10.91
N PRO C 84 -5.74 -24.37 -11.65
CA PRO C 84 -6.89 -23.79 -12.36
C PRO C 84 -7.58 -24.78 -13.29
N ILE C 85 -6.80 -25.68 -13.89
CA ILE C 85 -7.35 -26.74 -14.74
C ILE C 85 -8.06 -27.76 -13.86
N SER C 86 -7.36 -28.24 -12.84
CA SER C 86 -7.93 -29.24 -11.94
C SER C 86 -9.27 -28.77 -11.41
N TYR C 87 -9.35 -27.47 -11.12
CA TYR C 87 -10.57 -26.89 -10.57
C TYR C 87 -11.67 -26.84 -11.62
N THR C 88 -11.44 -26.11 -12.70
CA THR C 88 -12.43 -25.96 -13.75
C THR C 88 -12.96 -27.31 -14.23
N ALA C 89 -12.08 -28.24 -14.53
CA ALA C 89 -12.51 -29.54 -15.02
C ALA C 89 -13.13 -30.35 -13.89
N GLY C 90 -12.68 -30.13 -12.67
CA GLY C 90 -13.24 -30.79 -11.50
C GLY C 90 -14.70 -30.43 -11.27
N PHE C 91 -15.02 -29.16 -11.41
CA PHE C 91 -16.38 -28.65 -11.31
C PHE C 91 -17.40 -29.51 -12.08
N TYR C 92 -16.91 -30.25 -13.08
CA TYR C 92 -17.77 -31.07 -13.94
C TYR C 92 -17.43 -32.56 -13.80
N ARG C 93 -16.34 -32.86 -13.10
CA ARG C 93 -15.84 -34.23 -12.96
C ARG C 93 -15.31 -34.76 -14.28
N ILE C 94 -14.88 -33.86 -15.16
CA ILE C 94 -14.04 -34.24 -16.30
C ILE C 94 -12.66 -34.56 -15.76
N PRO C 95 -12.18 -35.79 -16.00
CA PRO C 95 -10.91 -36.16 -15.37
C PRO C 95 -9.72 -35.44 -15.99
N VAL C 96 -8.72 -35.15 -15.17
CA VAL C 96 -7.54 -34.44 -15.60
C VAL C 96 -6.30 -35.29 -15.35
N ILE C 97 -5.49 -35.44 -16.40
CA ILE C 97 -4.27 -36.24 -16.31
C ILE C 97 -3.02 -35.34 -16.34
N GLY C 98 -2.43 -35.14 -15.16
CA GLY C 98 -1.17 -34.44 -15.03
C GLY C 98 -0.05 -35.27 -15.63
N LEU C 99 0.80 -34.62 -16.42
CA LEU C 99 1.87 -35.34 -17.09
C LEU C 99 3.20 -35.22 -16.36
N THR C 100 3.42 -34.11 -15.66
CA THR C 100 4.76 -33.84 -15.16
C THR C 100 4.82 -33.27 -13.76
N THR C 101 3.67 -32.88 -13.22
CA THR C 101 3.65 -32.25 -11.90
C THR C 101 3.77 -33.26 -10.75
N ARG C 102 4.75 -33.06 -9.88
CA ARG C 102 5.04 -34.07 -8.86
C ARG C 102 4.47 -33.73 -7.51
N MET C 103 3.83 -32.58 -7.37
CA MET C 103 3.45 -32.09 -6.04
C MET C 103 2.46 -33.02 -5.37
N SER C 104 2.71 -33.34 -4.11
CA SER C 104 1.86 -34.31 -3.43
C SER C 104 0.44 -33.77 -3.18
N ILE C 105 0.24 -32.45 -3.21
CA ILE C 105 -1.12 -31.90 -3.07
C ILE C 105 -2.13 -32.64 -3.94
N TYR C 106 -1.80 -32.92 -5.18
CA TYR C 106 -2.77 -33.48 -6.11
C TYR C 106 -3.19 -34.94 -5.82
N SER C 107 -2.62 -35.54 -4.78
CA SER C 107 -3.07 -36.86 -4.36
C SER C 107 -4.36 -36.72 -3.57
N ASP C 108 -4.50 -35.58 -2.91
CA ASP C 108 -5.65 -35.22 -2.07
C ASP C 108 -7.01 -35.27 -2.79
N LYS C 109 -7.73 -36.39 -2.63
CA LYS C 109 -8.97 -36.65 -3.39
C LYS C 109 -10.07 -35.68 -3.00
N SER C 110 -9.83 -34.96 -1.92
CA SER C 110 -10.77 -33.97 -1.45
C SER C 110 -10.70 -32.74 -2.33
N ILE C 111 -9.49 -32.30 -2.64
CA ILE C 111 -9.26 -31.04 -3.31
C ILE C 111 -9.21 -31.21 -4.82
N HIS C 112 -8.65 -32.34 -5.23
CA HIS C 112 -8.54 -32.67 -6.64
C HIS C 112 -9.15 -34.03 -6.92
N LEU C 113 -10.47 -34.11 -6.72
CA LEU C 113 -11.23 -35.34 -6.91
C LEU C 113 -10.88 -36.07 -8.20
N SER C 114 -10.99 -35.39 -9.33
CA SER C 114 -10.91 -36.03 -10.64
C SER C 114 -9.53 -35.99 -11.27
N PHE C 115 -8.50 -35.88 -10.43
CA PHE C 115 -7.13 -35.73 -10.91
C PHE C 115 -6.30 -37.02 -10.76
N LEU C 116 -5.79 -37.54 -11.89
CA LEU C 116 -4.75 -38.57 -11.87
C LEU C 116 -3.59 -38.18 -12.78
N ARG C 117 -2.41 -38.73 -12.52
CA ARG C 117 -1.19 -38.29 -13.20
C ARG C 117 -0.18 -39.41 -13.48
N THR C 118 0.57 -39.27 -14.56
CA THR C 118 1.51 -40.31 -15.00
C THR C 118 2.90 -40.28 -14.35
N VAL C 119 3.11 -39.34 -13.44
CA VAL C 119 4.30 -39.38 -12.60
C VAL C 119 3.95 -39.40 -11.11
N PRO C 120 4.75 -40.10 -10.31
CA PRO C 120 4.45 -40.18 -8.88
C PRO C 120 4.84 -38.91 -8.14
N PRO C 121 4.08 -38.52 -7.11
CA PRO C 121 4.40 -37.39 -6.22
C PRO C 121 5.77 -37.51 -5.57
N TYR C 122 6.36 -36.40 -5.15
CA TYR C 122 7.66 -36.46 -4.52
C TYR C 122 7.63 -37.32 -3.27
N SER C 123 6.44 -37.57 -2.75
CA SER C 123 6.30 -38.26 -1.46
C SER C 123 6.58 -39.76 -1.62
N HIS C 124 6.33 -40.29 -2.81
CA HIS C 124 6.53 -41.70 -3.08
C HIS C 124 8.00 -42.05 -3.17
N GLN C 125 8.85 -41.05 -3.14
CA GLN C 125 10.28 -41.28 -3.10
C GLN C 125 10.65 -42.04 -1.83
N ALA C 126 9.67 -42.25 -0.96
CA ALA C 126 9.91 -42.98 0.28
C ALA C 126 9.87 -44.50 0.09
N LEU C 127 9.03 -44.97 -0.84
CA LEU C 127 9.03 -46.38 -1.24
C LEU C 127 10.45 -46.78 -1.61
N VAL C 128 11.27 -45.78 -1.94
CA VAL C 128 12.66 -45.99 -2.33
C VAL C 128 13.65 -45.93 -1.16
N TRP C 129 13.61 -44.85 -0.39
CA TRP C 129 14.49 -44.74 0.76
C TRP C 129 14.33 -45.98 1.62
N PHE C 130 13.08 -46.43 1.72
CA PHE C 130 12.77 -47.62 2.50
C PHE C 130 13.58 -48.80 1.96
N GLU C 131 13.40 -49.12 0.68
CA GLU C 131 14.16 -50.24 0.07
C GLU C 131 15.69 -50.04 0.19
N MET C 132 16.11 -48.81 0.45
CA MET C 132 17.52 -48.52 0.64
C MET C 132 17.94 -48.93 2.03
N MET C 133 17.08 -48.61 2.99
CA MET C 133 17.33 -48.85 4.40
C MET C 133 17.41 -50.33 4.72
N ARG C 134 16.77 -51.14 3.89
CA ARG C 134 16.81 -52.58 4.05
C ARG C 134 18.06 -53.13 3.41
N LEU C 135 18.41 -52.56 2.26
CA LEU C 135 19.61 -52.93 1.53
C LEU C 135 20.88 -52.67 2.33
N PHE C 136 21.01 -51.48 2.92
CA PHE C 136 22.23 -51.12 3.65
C PHE C 136 22.10 -51.30 5.15
N ASN C 137 21.05 -51.98 5.57
CA ASN C 137 20.78 -52.22 6.98
C ASN C 137 20.99 -50.96 7.82
N TRP C 138 20.41 -49.85 7.39
CA TRP C 138 20.36 -48.64 8.18
C TRP C 138 19.12 -48.73 9.03
N ASN C 139 19.26 -49.16 10.28
CA ASN C 139 18.08 -49.49 11.06
C ASN C 139 17.63 -48.36 12.00
N HIS C 140 18.27 -47.20 11.88
CA HIS C 140 17.86 -46.02 12.61
C HIS C 140 18.12 -44.79 11.76
N VAL C 141 17.08 -44.01 11.49
CA VAL C 141 17.23 -42.82 10.65
C VAL C 141 16.72 -41.56 11.31
N ILE C 142 17.13 -40.41 10.80
CA ILE C 142 16.63 -39.13 11.26
C ILE C 142 15.95 -38.46 10.08
N LEU C 143 14.68 -38.11 10.24
CA LEU C 143 13.92 -37.60 9.13
C LEU C 143 13.65 -36.11 9.26
N ILE C 144 14.27 -35.30 8.43
CA ILE C 144 14.03 -33.86 8.44
C ILE C 144 13.13 -33.46 7.28
N VAL C 145 12.03 -32.79 7.60
CA VAL C 145 11.08 -32.38 6.57
C VAL C 145 10.55 -30.96 6.82
N SER C 146 10.40 -30.20 5.75
CA SER C 146 9.77 -28.89 5.82
C SER C 146 8.30 -28.97 6.26
N ASP C 147 7.87 -28.03 7.10
CA ASP C 147 6.49 -28.03 7.57
C ASP C 147 5.54 -27.37 6.58
N ASP C 148 5.58 -27.84 5.34
CA ASP C 148 4.58 -27.48 4.35
C ASP C 148 3.88 -28.76 3.95
N HIS C 149 2.82 -28.67 3.16
CA HIS C 149 2.06 -29.87 2.87
C HIS C 149 2.98 -31.00 2.43
N GLU C 150 3.92 -30.66 1.54
CA GLU C 150 4.76 -31.64 0.87
C GLU C 150 5.68 -32.39 1.82
N GLY C 151 6.37 -31.64 2.69
CA GLY C 151 7.20 -32.27 3.71
C GLY C 151 6.40 -33.27 4.53
N ARG C 152 5.22 -32.85 4.94
CA ARG C 152 4.35 -33.69 5.76
C ARG C 152 3.94 -34.91 4.97
N ALA C 153 3.46 -34.70 3.76
CA ALA C 153 3.05 -35.80 2.89
C ALA C 153 4.10 -36.91 2.79
N ALA C 154 5.38 -36.53 2.80
CA ALA C 154 6.47 -37.48 2.72
C ALA C 154 6.69 -38.15 4.04
N GLN C 155 6.78 -37.35 5.09
CA GLN C 155 6.80 -37.83 6.46
C GLN C 155 5.79 -38.95 6.61
N LYS C 156 4.57 -38.71 6.13
CA LYS C 156 3.51 -39.72 6.15
C LYS C 156 3.90 -40.96 5.34
N LYS C 157 4.18 -40.84 4.05
CA LYS C 157 4.51 -42.07 3.30
C LYS C 157 5.60 -42.87 4.02
N LEU C 158 6.69 -42.21 4.38
CA LEU C 158 7.77 -42.95 5.05
C LEU C 158 7.27 -43.71 6.30
N GLU C 159 6.69 -43.00 7.27
CA GLU C 159 6.20 -43.65 8.48
C GLU C 159 5.31 -44.85 8.19
N THR C 160 4.24 -44.61 7.47
CA THR C 160 3.37 -45.69 7.00
C THR C 160 4.14 -46.95 6.63
N LEU C 161 5.28 -46.79 5.96
CA LEU C 161 6.10 -47.92 5.57
C LEU C 161 6.73 -48.63 6.77
N LEU C 162 7.16 -47.83 7.75
CA LEU C 162 7.84 -48.37 8.92
C LEU C 162 6.88 -48.98 9.93
N GLU C 163 5.59 -48.86 9.66
CA GLU C 163 4.56 -49.47 10.50
C GLU C 163 4.15 -50.84 9.99
N PRO C 188 14.48 -50.70 11.36
CA PRO C 188 13.86 -49.72 10.47
C PRO C 188 12.98 -48.71 11.22
N LYS C 189 13.54 -48.07 12.25
CA LYS C 189 12.79 -47.11 13.05
C LYS C 189 13.14 -45.69 12.68
N ALA C 190 12.20 -44.78 12.92
CA ALA C 190 12.32 -43.41 12.43
C ALA C 190 12.88 -42.45 13.47
N ASP C 191 13.32 -42.98 14.60
CA ASP C 191 13.84 -42.15 15.69
C ASP C 191 13.06 -40.82 15.82
N LYS C 192 13.77 -39.69 15.80
CA LYS C 192 13.09 -38.39 15.82
C LYS C 192 12.78 -37.91 14.41
N VAL C 193 11.83 -36.99 14.30
CA VAL C 193 11.43 -36.46 13.01
C VAL C 193 11.26 -34.96 13.08
N LEU C 194 12.31 -34.24 12.70
CA LEU C 194 12.39 -32.81 12.86
C LEU C 194 11.65 -32.06 11.74
N GLN C 195 11.27 -30.81 12.01
CA GLN C 195 10.61 -29.98 11.00
C GLN C 195 11.08 -28.55 11.15
N PHE C 196 11.07 -27.82 10.04
CA PHE C 196 11.50 -26.43 10.02
C PHE C 196 10.49 -25.61 9.23
N GLU C 197 10.37 -24.34 9.55
CA GLU C 197 9.41 -23.52 8.84
C GLU C 197 9.94 -23.22 7.45
N PRO C 198 9.19 -23.64 6.42
CA PRO C 198 9.56 -23.33 5.04
C PRO C 198 9.97 -21.88 4.91
N GLY C 199 11.08 -21.63 4.22
CA GLY C 199 11.55 -20.27 4.06
C GLY C 199 12.57 -19.82 5.10
N THR C 200 12.79 -20.61 6.14
CA THR C 200 13.78 -20.26 7.13
C THR C 200 15.19 -20.42 6.54
N LYS C 201 16.15 -19.68 7.09
CA LYS C 201 17.52 -19.71 6.58
C LYS C 201 18.54 -20.02 7.69
N ASN C 202 18.22 -19.68 8.92
CA ASN C 202 19.07 -20.09 10.02
C ASN C 202 18.58 -21.41 10.62
N LEU C 203 18.94 -22.52 9.97
CA LEU C 203 18.55 -23.85 10.41
C LEU C 203 19.57 -24.43 11.37
N THR C 204 20.35 -23.55 12.00
CA THR C 204 21.37 -23.98 12.93
C THR C 204 20.74 -24.65 14.15
N ALA C 205 19.67 -24.05 14.66
CA ALA C 205 19.01 -24.52 15.89
C ALA C 205 18.33 -25.88 15.71
N LEU C 206 18.01 -26.21 14.47
CA LEU C 206 17.39 -27.49 14.16
C LEU C 206 18.42 -28.61 14.12
N LEU C 207 19.50 -28.40 13.37
CA LEU C 207 20.52 -29.42 13.14
C LEU C 207 21.34 -29.72 14.38
N LEU C 208 21.56 -28.70 15.20
CA LEU C 208 22.29 -28.90 16.44
C LEU C 208 21.49 -29.89 17.30
N GLU C 209 20.19 -30.01 17.01
CA GLU C 209 19.34 -31.05 17.60
C GLU C 209 19.67 -32.44 17.04
N ALA C 210 19.53 -32.59 15.73
CA ALA C 210 19.84 -33.85 15.06
C ALA C 210 21.31 -34.27 15.20
N LYS C 211 22.21 -33.32 15.39
CA LYS C 211 23.61 -33.67 15.59
C LYS C 211 23.68 -34.47 16.87
N GLU C 212 22.66 -34.27 17.71
CA GLU C 212 22.61 -34.84 19.05
C GLU C 212 21.84 -36.16 19.12
N LEU C 213 22.21 -37.11 18.26
CA LEU C 213 21.55 -38.43 18.21
C LEU C 213 22.47 -39.48 17.63
N GLU C 214 22.49 -40.65 18.27
CA GLU C 214 23.40 -41.72 17.87
C GLU C 214 23.36 -42.00 16.37
N ALA C 215 22.18 -41.91 15.78
CA ALA C 215 21.99 -42.24 14.36
C ALA C 215 22.73 -41.30 13.43
N ARG C 216 23.38 -41.87 12.43
CA ARG C 216 24.18 -41.09 11.51
C ARG C 216 23.46 -40.81 10.18
N VAL C 217 22.45 -41.61 9.85
CA VAL C 217 21.74 -41.49 8.58
C VAL C 217 20.59 -40.46 8.59
N ILE C 218 20.70 -39.45 7.75
CA ILE C 218 19.73 -38.37 7.72
C ILE C 218 18.99 -38.36 6.40
N ILE C 219 17.67 -38.25 6.45
CA ILE C 219 16.87 -38.18 5.25
C ILE C 219 16.14 -36.86 5.17
N LEU C 220 16.20 -36.20 4.01
CA LEU C 220 15.72 -34.82 3.91
C LEU C 220 14.64 -34.61 2.85
N SER C 221 13.57 -33.91 3.23
CA SER C 221 12.51 -33.54 2.29
C SER C 221 12.15 -32.05 2.33
N ALA C 222 12.75 -31.29 1.43
CA ALA C 222 12.52 -29.86 1.33
C ALA C 222 12.69 -29.44 -0.11
N SER C 223 12.44 -28.15 -0.38
CA SER C 223 12.53 -27.62 -1.72
C SER C 223 13.96 -27.23 -2.05
N GLU C 224 14.21 -26.92 -3.32
CA GLU C 224 15.58 -26.58 -3.74
C GLU C 224 16.17 -25.53 -2.81
N ASP C 225 15.37 -24.52 -2.50
CA ASP C 225 15.87 -23.37 -1.77
C ASP C 225 16.06 -23.67 -0.30
N ASP C 226 15.25 -24.58 0.23
CA ASP C 226 15.35 -24.95 1.63
C ASP C 226 16.31 -26.10 1.86
N ALA C 227 16.38 -27.02 0.90
CA ALA C 227 17.35 -28.08 0.99
C ALA C 227 18.70 -27.42 1.16
N THR C 228 18.89 -26.31 0.45
CA THR C 228 20.10 -25.48 0.53
C THR C 228 20.40 -24.97 1.92
N ALA C 229 19.45 -24.23 2.49
CA ALA C 229 19.62 -23.63 3.82
C ALA C 229 20.14 -24.66 4.83
N VAL C 230 19.54 -25.84 4.77
CA VAL C 230 20.02 -26.99 5.52
C VAL C 230 21.47 -27.26 5.23
N TYR C 231 21.73 -27.58 3.95
CA TYR C 231 23.06 -27.97 3.48
C TYR C 231 24.12 -27.05 4.06
N LYS C 232 23.89 -25.74 3.95
CA LYS C 232 24.83 -24.77 4.52
C LYS C 232 24.97 -24.92 6.04
N SER C 233 23.87 -24.73 6.77
CA SER C 233 23.90 -24.93 8.21
C SER C 233 24.56 -26.27 8.53
N ALA C 234 24.12 -27.31 7.83
CA ALA C 234 24.60 -28.67 8.06
C ALA C 234 26.10 -28.74 7.99
N ALA C 235 26.67 -28.08 6.99
CA ALA C 235 28.11 -28.09 6.76
C ALA C 235 28.84 -27.46 7.93
N MET C 236 28.40 -26.27 8.32
CA MET C 236 29.06 -25.52 9.39
C MET C 236 29.25 -26.35 10.65
N LEU C 237 28.26 -27.17 10.98
CA LEU C 237 28.30 -27.98 12.20
C LEU C 237 29.02 -29.32 11.98
N ASP C 238 30.01 -29.32 11.09
CA ASP C 238 30.76 -30.52 10.74
C ASP C 238 29.90 -31.80 10.72
N MET C 239 28.73 -31.69 10.10
CA MET C 239 27.87 -32.84 9.82
C MET C 239 27.93 -33.21 8.34
N THR C 240 28.56 -32.37 7.54
CA THR C 240 28.69 -32.62 6.11
C THR C 240 29.70 -33.75 5.92
N GLY C 241 30.59 -33.88 6.89
CA GLY C 241 31.74 -34.77 6.76
C GLY C 241 31.43 -36.25 6.88
N ALA C 242 32.48 -37.03 7.16
CA ALA C 242 32.38 -38.48 7.30
C ALA C 242 31.58 -38.89 8.53
N GLY C 243 31.17 -40.15 8.56
CA GLY C 243 30.36 -40.67 9.66
C GLY C 243 28.88 -40.48 9.41
N TYR C 244 28.54 -39.46 8.63
CA TYR C 244 27.16 -39.16 8.30
C TYR C 244 26.76 -39.73 6.95
N VAL C 245 25.47 -39.89 6.75
CA VAL C 245 24.93 -40.25 5.44
C VAL C 245 23.78 -39.32 5.15
N TRP C 246 23.77 -38.73 3.97
CA TRP C 246 22.64 -37.91 3.56
C TRP C 246 21.88 -38.61 2.45
N LEU C 247 20.60 -38.88 2.72
CA LEU C 247 19.72 -39.54 1.77
C LEU C 247 18.60 -38.55 1.46
N VAL C 248 18.13 -38.52 0.22
CA VAL C 248 17.40 -37.35 -0.25
C VAL C 248 16.63 -37.65 -1.52
N GLY C 249 15.76 -36.73 -1.94
CA GLY C 249 14.97 -36.95 -3.12
C GLY C 249 15.49 -36.11 -4.27
N GLU C 250 14.68 -35.97 -5.31
CA GLU C 250 15.04 -35.24 -6.52
C GLU C 250 15.18 -33.72 -6.31
N ARG C 251 14.28 -33.13 -5.53
CA ARG C 251 14.33 -31.68 -5.36
C ARG C 251 15.57 -31.21 -4.64
N GLU C 252 16.01 -31.96 -3.63
CA GLU C 252 17.13 -31.58 -2.78
C GLU C 252 18.50 -31.64 -3.49
N ILE C 253 18.49 -31.98 -4.78
CA ILE C 253 19.71 -31.97 -5.57
C ILE C 253 19.47 -31.36 -6.95
N SER C 254 18.79 -30.22 -6.95
CA SER C 254 18.50 -29.49 -8.18
C SER C 254 18.88 -28.01 -8.08
N GLY C 255 19.55 -27.52 -9.12
CA GLY C 255 19.99 -26.14 -9.15
C GLY C 255 20.80 -25.66 -7.95
N SER C 256 20.30 -24.59 -7.34
CA SER C 256 21.01 -23.98 -6.23
C SER C 256 21.45 -25.04 -5.22
N ALA C 257 20.58 -26.02 -4.98
CA ALA C 257 20.85 -27.02 -3.97
C ALA C 257 22.19 -27.70 -4.22
N LEU C 258 22.38 -28.22 -5.42
CA LEU C 258 23.50 -29.10 -5.67
C LEU C 258 24.86 -28.47 -5.37
N ARG C 259 24.93 -27.14 -5.46
CA ARG C 259 26.19 -26.45 -5.22
C ARG C 259 26.66 -26.67 -3.80
N TYR C 260 25.70 -26.60 -2.86
CA TYR C 260 26.04 -26.59 -1.44
C TYR C 260 25.96 -27.95 -0.77
N ALA C 261 25.26 -28.90 -1.40
CA ALA C 261 25.13 -30.24 -0.86
C ALA C 261 26.49 -30.86 -0.56
N PRO C 262 26.55 -31.73 0.46
CA PRO C 262 27.80 -32.40 0.87
C PRO C 262 28.17 -33.59 -0.02
N ASP C 263 29.41 -33.63 -0.52
CA ASP C 263 29.80 -34.77 -1.34
C ASP C 263 29.39 -36.04 -0.59
N GLY C 264 29.03 -37.07 -1.34
CA GLY C 264 28.67 -38.34 -0.76
C GLY C 264 27.18 -38.55 -0.70
N ILE C 265 26.42 -37.49 -0.95
CA ILE C 265 24.98 -37.55 -0.78
C ILE C 265 24.33 -38.50 -1.79
N ILE C 266 23.24 -39.13 -1.41
CA ILE C 266 22.44 -39.87 -2.36
C ILE C 266 21.09 -39.17 -2.55
N GLY C 267 20.62 -39.14 -3.79
CA GLY C 267 19.37 -38.49 -4.12
C GLY C 267 18.75 -39.35 -5.19
N LEU C 268 17.79 -38.83 -5.93
CA LEU C 268 17.09 -39.64 -6.91
C LEU C 268 16.66 -38.81 -8.11
N GLN C 269 16.47 -39.47 -9.24
CA GLN C 269 15.87 -38.83 -10.39
C GLN C 269 14.80 -39.76 -10.92
N LEU C 270 13.61 -39.20 -11.16
CA LEU C 270 12.51 -39.96 -11.74
C LEU C 270 12.82 -40.19 -13.21
N ILE C 271 12.95 -41.46 -13.59
CA ILE C 271 13.39 -41.82 -14.94
C ILE C 271 12.35 -41.47 -15.98
N ASN C 272 12.70 -40.54 -16.87
CA ASN C 272 11.76 -40.00 -17.85
C ASN C 272 10.86 -38.96 -17.23
N GLY C 273 10.95 -38.82 -15.92
CA GLY C 273 10.08 -37.90 -15.21
C GLY C 273 9.84 -36.60 -15.95
N LYS C 274 10.85 -36.12 -16.64
CA LYS C 274 10.74 -34.83 -17.28
C LYS C 274 10.61 -34.89 -18.81
N ASN C 275 10.56 -36.09 -19.37
CA ASN C 275 10.29 -36.26 -20.80
C ASN C 275 8.81 -36.09 -21.10
N GLU C 276 8.36 -34.84 -21.23
CA GLU C 276 6.95 -34.59 -21.52
C GLU C 276 6.48 -35.29 -22.80
N SER C 277 7.33 -35.32 -23.83
CA SER C 277 6.95 -35.92 -25.09
C SER C 277 6.55 -37.38 -24.90
N ALA C 278 7.17 -38.04 -23.93
CA ALA C 278 6.91 -39.47 -23.66
C ALA C 278 5.65 -39.64 -22.84
N HIS C 279 5.56 -38.84 -21.78
CA HIS C 279 4.39 -38.85 -20.93
C HIS C 279 3.12 -38.48 -21.70
N ILE C 280 3.25 -37.70 -22.77
CA ILE C 280 2.09 -37.43 -23.63
C ILE C 280 1.68 -38.67 -24.40
N SER C 281 2.64 -39.30 -25.06
CA SER C 281 2.36 -40.56 -25.75
C SER C 281 1.62 -41.53 -24.82
N ASP C 282 2.11 -41.68 -23.59
CA ASP C 282 1.49 -42.67 -22.71
C ASP C 282 0.09 -42.27 -22.25
N ALA C 283 -0.09 -41.02 -21.81
CA ALA C 283 -1.41 -40.58 -21.33
C ALA C 283 -2.50 -40.68 -22.39
N VAL C 284 -2.16 -40.32 -23.63
CA VAL C 284 -3.14 -40.44 -24.70
C VAL C 284 -3.52 -41.90 -24.92
N ALA C 285 -2.54 -42.78 -24.99
CA ALA C 285 -2.79 -44.20 -25.06
C ALA C 285 -3.80 -44.60 -23.99
N VAL C 286 -3.41 -44.45 -22.73
CA VAL C 286 -4.30 -44.81 -21.64
C VAL C 286 -5.69 -44.25 -21.84
N VAL C 287 -5.79 -42.94 -21.98
CA VAL C 287 -7.09 -42.32 -22.13
C VAL C 287 -7.93 -42.98 -23.22
N ALA C 288 -7.37 -43.05 -24.43
CA ALA C 288 -8.08 -43.66 -25.56
C ALA C 288 -8.47 -45.10 -25.23
N GLN C 289 -7.54 -45.87 -24.68
CA GLN C 289 -7.87 -47.22 -24.27
C GLN C 289 -9.08 -47.18 -23.34
N ALA C 290 -9.04 -46.29 -22.37
CA ALA C 290 -10.13 -46.17 -21.39
C ALA C 290 -11.38 -45.57 -22.01
N ILE C 291 -11.21 -44.83 -23.10
CA ILE C 291 -12.39 -44.29 -23.78
C ILE C 291 -13.14 -45.43 -24.43
N HIS C 292 -12.41 -46.40 -24.97
CA HIS C 292 -13.01 -47.54 -25.64
C HIS C 292 -13.57 -48.59 -24.67
N GLU C 293 -12.93 -48.73 -23.52
CA GLU C 293 -13.50 -49.55 -22.46
C GLU C 293 -14.81 -48.91 -21.97
N LEU C 294 -14.94 -47.59 -22.13
CA LEU C 294 -16.13 -46.88 -21.63
C LEU C 294 -17.37 -47.10 -22.48
N PHE C 295 -17.25 -46.92 -23.79
CA PHE C 295 -18.41 -47.03 -24.66
C PHE C 295 -18.89 -48.46 -24.82
N GLU C 296 -18.12 -49.41 -24.29
CA GLU C 296 -18.59 -50.78 -24.16
C GLU C 296 -19.53 -50.87 -22.95
N MET C 297 -20.30 -49.82 -22.76
CA MET C 297 -21.36 -49.78 -21.76
C MET C 297 -22.50 -48.95 -22.33
N GLU C 298 -23.56 -48.79 -21.53
CA GLU C 298 -24.74 -48.06 -21.95
C GLU C 298 -24.94 -46.85 -21.06
N ASN C 299 -25.95 -46.05 -21.36
CA ASN C 299 -26.23 -44.85 -20.58
C ASN C 299 -24.97 -43.99 -20.42
N ILE C 300 -24.39 -43.62 -21.56
CA ILE C 300 -23.16 -42.83 -21.57
C ILE C 300 -23.42 -41.42 -22.12
N THR C 301 -23.61 -40.45 -21.23
CA THR C 301 -23.90 -39.08 -21.65
C THR C 301 -22.66 -38.27 -22.06
N ASP C 302 -22.87 -37.22 -22.85
CA ASP C 302 -21.77 -36.34 -23.27
C ASP C 302 -21.42 -35.32 -22.19
N PRO C 303 -20.14 -34.90 -22.16
CA PRO C 303 -19.77 -33.83 -21.23
C PRO C 303 -20.29 -32.53 -21.82
N PRO C 304 -20.64 -31.57 -20.95
CA PRO C 304 -21.33 -30.33 -21.31
C PRO C 304 -20.60 -29.50 -22.36
N ARG C 305 -21.31 -29.05 -23.39
CA ARG C 305 -20.69 -28.17 -24.38
C ARG C 305 -20.67 -26.73 -23.89
N GLY C 306 -19.52 -26.33 -23.36
CA GLY C 306 -19.33 -24.96 -22.90
C GLY C 306 -19.53 -24.86 -21.41
N CYS C 307 -19.08 -23.76 -20.82
CA CYS C 307 -19.25 -23.54 -19.40
C CYS C 307 -20.56 -22.83 -19.05
N VAL C 308 -20.95 -21.85 -19.87
CA VAL C 308 -22.09 -20.99 -19.57
C VAL C 308 -23.42 -21.73 -19.44
N GLY C 309 -24.11 -21.51 -18.33
CA GLY C 309 -25.42 -22.09 -18.12
C GLY C 309 -25.44 -23.57 -17.77
N ASN C 310 -24.27 -24.19 -17.76
CA ASN C 310 -24.15 -25.59 -17.35
C ASN C 310 -23.47 -25.64 -15.99
N THR C 311 -24.23 -26.00 -14.96
CA THR C 311 -23.72 -25.99 -13.59
C THR C 311 -23.85 -27.37 -12.95
N ASN C 312 -24.33 -28.32 -13.74
CA ASN C 312 -24.43 -29.71 -13.30
C ASN C 312 -23.17 -30.43 -13.67
N ILE C 313 -22.76 -31.39 -12.86
CA ILE C 313 -21.62 -32.20 -13.23
C ILE C 313 -21.94 -33.10 -14.43
N TRP C 314 -20.89 -33.63 -15.03
CA TRP C 314 -21.02 -34.57 -16.12
C TRP C 314 -21.40 -35.90 -15.49
N LYS C 315 -22.65 -36.30 -15.63
CA LYS C 315 -23.16 -37.50 -14.92
C LYS C 315 -22.29 -38.73 -15.15
N THR C 316 -21.68 -38.81 -16.32
CA THR C 316 -20.82 -39.94 -16.68
C THR C 316 -19.40 -39.83 -16.13
N GLY C 317 -18.98 -38.63 -15.77
CA GLY C 317 -17.65 -38.39 -15.24
C GLY C 317 -17.12 -39.49 -14.34
N PRO C 318 -17.75 -39.66 -13.17
CA PRO C 318 -17.29 -40.61 -12.16
C PRO C 318 -17.15 -42.03 -12.66
N LEU C 319 -18.00 -42.44 -13.60
CA LEU C 319 -17.81 -43.77 -14.18
C LEU C 319 -16.52 -43.77 -14.99
N PHE C 320 -16.30 -42.71 -15.76
CA PHE C 320 -15.08 -42.60 -16.55
C PHE C 320 -13.83 -42.54 -15.69
N LYS C 321 -13.92 -41.88 -14.55
CA LYS C 321 -12.79 -41.83 -13.64
C LYS C 321 -12.46 -43.23 -13.14
N ARG C 322 -13.50 -44.03 -12.91
CA ARG C 322 -13.35 -45.39 -12.41
C ARG C 322 -12.68 -46.28 -13.44
N VAL C 323 -13.05 -46.11 -14.71
CA VAL C 323 -12.51 -46.90 -15.81
C VAL C 323 -11.07 -46.54 -16.06
N LEU C 324 -10.79 -45.26 -15.87
CA LEU C 324 -9.42 -44.77 -15.98
C LEU C 324 -8.57 -45.33 -14.88
N MET C 325 -8.97 -45.04 -13.65
CA MET C 325 -8.20 -45.48 -12.51
C MET C 325 -7.84 -46.97 -12.61
N SER C 326 -8.78 -47.76 -13.11
CA SER C 326 -8.58 -49.21 -13.16
C SER C 326 -8.03 -49.67 -14.50
N SER C 327 -7.39 -48.76 -15.24
CA SER C 327 -6.98 -49.05 -16.61
C SER C 327 -5.47 -49.28 -16.74
N LYS C 328 -5.07 -50.52 -17.03
CA LYS C 328 -3.65 -50.86 -17.12
C LYS C 328 -3.12 -50.73 -18.55
N TYR C 329 -1.84 -50.39 -18.69
CA TYR C 329 -1.20 -50.26 -20.01
C TYR C 329 0.30 -50.55 -19.95
N PRO C 330 0.68 -51.82 -20.14
CA PRO C 330 2.07 -52.27 -19.97
C PRO C 330 2.98 -51.95 -21.16
N ASP C 331 2.41 -51.85 -22.35
CA ASP C 331 3.20 -51.56 -23.55
C ASP C 331 3.54 -50.08 -23.62
N GLY C 332 3.99 -49.51 -22.51
CA GLY C 332 4.15 -48.07 -22.40
C GLY C 332 5.58 -47.56 -22.40
N VAL C 333 5.78 -46.43 -23.08
CA VAL C 333 7.10 -45.79 -23.24
C VAL C 333 7.87 -45.65 -21.94
N THR C 334 7.21 -45.14 -20.92
CA THR C 334 7.87 -44.83 -19.66
C THR C 334 7.78 -45.99 -18.67
N GLY C 335 7.26 -47.12 -19.16
CA GLY C 335 7.08 -48.31 -18.35
C GLY C 335 5.64 -48.76 -18.25
N ARG C 336 5.32 -49.58 -17.25
CA ARG C 336 3.95 -50.02 -17.03
C ARG C 336 3.13 -48.85 -16.50
N ILE C 337 1.89 -48.73 -16.95
CA ILE C 337 1.06 -47.62 -16.53
C ILE C 337 -0.15 -48.11 -15.76
N GLU C 338 -0.04 -48.12 -14.43
CA GLU C 338 -1.15 -48.44 -13.54
C GLU C 338 -1.30 -47.32 -12.51
N PHE C 339 -2.50 -47.12 -11.97
CA PHE C 339 -2.68 -46.07 -10.97
C PHE C 339 -3.08 -46.59 -9.60
N ASN C 340 -2.61 -45.93 -8.55
CA ASN C 340 -2.90 -46.36 -7.19
C ASN C 340 -4.29 -45.92 -6.73
N GLU C 341 -4.53 -45.97 -5.42
CA GLU C 341 -5.80 -45.53 -4.84
C GLU C 341 -6.04 -44.01 -5.07
N ASP C 342 -4.98 -43.22 -4.98
CA ASP C 342 -5.09 -41.76 -5.04
C ASP C 342 -5.19 -41.25 -6.47
N GLY C 343 -4.94 -42.14 -7.44
CA GLY C 343 -4.88 -41.73 -8.82
C GLY C 343 -3.47 -41.44 -9.31
N ASP C 344 -2.49 -41.70 -8.46
CA ASP C 344 -1.09 -41.48 -8.78
C ASP C 344 -0.48 -42.69 -9.48
N ARG C 345 0.43 -42.44 -10.42
CA ARG C 345 1.17 -43.51 -11.08
C ARG C 345 1.83 -44.47 -10.08
N LYS C 346 1.80 -45.75 -10.41
CA LYS C 346 2.49 -46.77 -9.61
C LYS C 346 3.58 -47.39 -10.49
N PHE C 347 4.66 -47.87 -9.87
CA PHE C 347 5.73 -48.56 -10.62
C PHE C 347 6.74 -47.66 -11.33
N ALA C 348 6.73 -46.36 -11.05
CA ALA C 348 7.70 -45.47 -11.66
C ALA C 348 9.10 -45.94 -11.34
N GLN C 349 10.07 -45.51 -12.15
CA GLN C 349 11.44 -45.94 -11.95
C GLN C 349 12.38 -44.79 -11.60
N TYR C 350 13.27 -45.05 -10.66
CA TYR C 350 14.13 -44.02 -10.10
C TYR C 350 15.64 -44.32 -10.27
N SER C 351 16.39 -43.33 -10.73
CA SER C 351 17.84 -43.36 -10.72
C SER C 351 18.34 -43.01 -9.34
N ILE C 352 19.15 -43.88 -8.75
CA ILE C 352 19.83 -43.56 -7.49
C ILE C 352 21.19 -42.88 -7.77
N MET C 353 21.38 -41.68 -7.23
CA MET C 353 22.47 -40.80 -7.62
C MET C 353 23.43 -40.43 -6.48
N ASN C 354 24.72 -40.43 -6.76
CA ASN C 354 25.74 -40.22 -5.75
C ASN C 354 26.69 -39.10 -6.15
N LEU C 355 26.81 -38.05 -5.34
CA LEU C 355 27.70 -36.94 -5.69
C LEU C 355 29.13 -37.19 -5.25
N GLN C 356 29.90 -37.79 -6.15
CA GLN C 356 31.33 -37.93 -5.95
C GLN C 356 32.01 -36.74 -6.59
N ASN C 357 32.86 -36.07 -5.82
CA ASN C 357 33.57 -34.90 -6.32
C ASN C 357 32.58 -33.88 -6.82
N ARG C 358 32.53 -33.73 -8.14
CA ARG C 358 31.67 -32.74 -8.79
C ARG C 358 30.95 -33.29 -10.01
N LYS C 359 30.29 -34.42 -9.82
CA LYS C 359 29.41 -34.96 -10.86
C LYS C 359 28.46 -35.98 -10.24
N LEU C 360 27.17 -35.79 -10.49
CA LEU C 360 26.21 -36.80 -10.10
C LEU C 360 26.51 -38.07 -10.86
N VAL C 361 26.50 -39.18 -10.13
CA VAL C 361 26.87 -40.47 -10.67
C VAL C 361 25.79 -41.51 -10.35
N GLN C 362 25.31 -42.23 -11.35
CA GLN C 362 24.24 -43.21 -11.10
C GLN C 362 24.72 -44.56 -10.56
N VAL C 363 24.70 -44.71 -9.24
CA VAL C 363 25.10 -45.96 -8.60
C VAL C 363 24.01 -47.02 -8.64
N GLY C 364 22.84 -46.68 -9.17
CA GLY C 364 21.78 -47.66 -9.25
C GLY C 364 20.45 -47.20 -9.83
N ILE C 365 19.57 -48.17 -10.04
CA ILE C 365 18.20 -47.93 -10.52
C ILE C 365 17.22 -48.69 -9.63
N PHE C 366 16.16 -48.00 -9.22
CA PHE C 366 15.04 -48.64 -8.55
C PHE C 366 14.03 -49.07 -9.61
N ASN C 367 13.70 -50.36 -9.66
CA ASN C 367 12.95 -50.89 -10.81
C ASN C 367 11.43 -50.92 -10.67
N GLY C 368 10.93 -50.57 -9.50
CA GLY C 368 9.49 -50.62 -9.25
C GLY C 368 9.25 -51.37 -7.95
N SER C 369 10.06 -52.40 -7.73
CA SER C 369 10.01 -53.20 -6.52
C SER C 369 11.40 -53.28 -5.87
N TYR C 370 12.40 -53.75 -6.62
CA TYR C 370 13.73 -53.96 -6.07
C TYR C 370 14.69 -52.85 -6.47
N ILE C 371 15.88 -52.87 -5.87
CA ILE C 371 16.95 -51.92 -6.18
C ILE C 371 18.07 -52.66 -6.85
N ILE C 372 18.49 -52.19 -8.03
CA ILE C 372 19.50 -52.91 -8.81
C ILE C 372 20.83 -52.15 -9.00
N GLN C 373 21.80 -52.39 -8.12
CA GLN C 373 23.07 -51.67 -8.14
C GLN C 373 23.94 -51.96 -9.38
N ASN C 374 24.20 -50.94 -10.20
CA ASN C 374 25.15 -51.09 -11.30
C ASN C 374 26.53 -51.36 -10.73
N ASP C 375 27.55 -51.37 -11.58
CA ASP C 375 28.91 -51.70 -11.11
C ASP C 375 29.66 -50.56 -10.41
N ARG C 376 29.17 -49.33 -10.56
CA ARG C 376 29.88 -48.17 -10.03
C ARG C 376 29.87 -48.11 -8.51
N LYS C 377 31.07 -48.19 -7.93
CA LYS C 377 31.21 -48.16 -6.48
C LYS C 377 30.73 -46.83 -5.93
N ILE C 378 30.11 -46.86 -4.75
CA ILE C 378 29.65 -45.66 -4.04
C ILE C 378 30.77 -44.96 -3.25
N ILE C 379 30.62 -43.66 -3.06
CA ILE C 379 31.49 -42.91 -2.16
C ILE C 379 30.65 -42.07 -1.23
N TRP C 380 30.64 -42.43 0.05
CA TRP C 380 29.94 -41.68 1.07
C TRP C 380 30.69 -40.41 1.36
N PRO C 381 30.18 -39.57 2.28
CA PRO C 381 30.91 -38.33 2.60
C PRO C 381 32.25 -38.60 3.27
N GLY C 382 33.33 -38.13 2.65
CA GLY C 382 34.67 -38.48 3.09
C GLY C 382 35.36 -39.82 2.87
N GLY C 383 35.13 -40.43 1.71
CA GLY C 383 35.73 -41.71 1.37
C GLY C 383 34.61 -42.69 1.63
N PRO D 3 -14.07 11.01 0.22
CA PRO D 3 -13.39 9.85 -0.35
C PRO D 3 -14.40 8.79 -0.81
N SER D 4 -14.28 8.37 -2.06
CA SER D 4 -15.20 7.37 -2.62
C SER D 4 -14.48 6.09 -3.04
N ILE D 5 -15.01 4.95 -2.59
CA ILE D 5 -14.46 3.65 -2.93
C ILE D 5 -15.57 2.79 -3.50
N GLY D 6 -15.25 2.01 -4.53
CA GLY D 6 -16.25 1.17 -5.16
C GLY D 6 -16.67 0.02 -4.27
N ILE D 7 -17.84 -0.55 -4.55
CA ILE D 7 -18.30 -1.77 -3.90
C ILE D 7 -19.37 -2.41 -4.77
N ALA D 8 -19.05 -3.58 -5.33
CA ALA D 8 -20.01 -4.29 -6.17
C ALA D 8 -20.83 -5.26 -5.33
N VAL D 9 -22.15 -5.17 -5.50
CA VAL D 9 -23.08 -6.04 -4.82
C VAL D 9 -23.68 -6.93 -5.88
N ILE D 10 -23.29 -8.19 -5.89
CA ILE D 10 -23.73 -9.06 -6.96
C ILE D 10 -24.78 -10.06 -6.53
N LEU D 11 -25.94 -9.97 -7.18
CA LEU D 11 -27.08 -10.79 -6.86
C LEU D 11 -27.33 -11.79 -7.98
N VAL D 12 -27.42 -13.06 -7.61
CA VAL D 12 -27.42 -14.12 -8.59
C VAL D 12 -28.80 -14.67 -8.89
N GLY D 13 -29.68 -14.58 -7.91
CA GLY D 13 -31.01 -15.09 -8.13
C GLY D 13 -32.07 -14.02 -8.29
N THR D 14 -33.25 -14.31 -7.75
CA THR D 14 -34.31 -13.33 -7.63
C THR D 14 -34.05 -12.55 -6.35
N SER D 15 -34.09 -11.23 -6.46
CA SER D 15 -33.90 -10.36 -5.30
C SER D 15 -34.70 -9.06 -5.48
N ASP D 16 -35.28 -8.57 -4.39
CA ASP D 16 -36.05 -7.33 -4.44
C ASP D 16 -35.09 -6.17 -4.48
N GLU D 17 -34.71 -5.76 -5.70
CA GLU D 17 -33.66 -4.76 -5.90
C GLU D 17 -33.89 -3.43 -5.18
N VAL D 18 -34.99 -3.34 -4.45
CA VAL D 18 -35.17 -2.25 -3.50
C VAL D 18 -34.57 -2.67 -2.15
N ALA D 19 -33.42 -3.34 -2.21
CA ALA D 19 -32.63 -3.66 -1.02
C ALA D 19 -31.82 -2.43 -0.63
N ILE D 20 -31.78 -1.46 -1.54
CA ILE D 20 -31.12 -0.17 -1.32
C ILE D 20 -31.39 0.40 0.07
N LYS D 21 -32.63 0.23 0.55
CA LYS D 21 -33.04 0.61 1.90
C LYS D 21 -32.38 -0.27 2.96
N PHE D 29 -24.56 7.56 9.10
CA PHE D 29 -24.22 6.76 7.91
C PHE D 29 -22.70 6.62 7.72
N HIS D 30 -22.09 7.59 7.04
CA HIS D 30 -20.65 7.52 6.73
C HIS D 30 -19.82 8.59 7.44
N HIS D 31 -19.67 8.43 8.74
CA HIS D 31 -18.73 9.23 9.51
C HIS D 31 -17.33 8.71 9.23
N LEU D 32 -17.26 7.43 8.86
CA LEU D 32 -15.99 6.76 8.56
C LEU D 32 -15.19 7.53 7.51
N SER D 33 -13.86 7.53 7.69
CA SER D 33 -12.93 8.29 6.85
C SER D 33 -13.13 8.13 5.33
N VAL D 34 -13.82 7.10 4.89
CA VAL D 34 -14.11 6.94 3.46
C VAL D 34 -15.58 6.58 3.23
N VAL D 35 -16.00 6.61 1.97
CA VAL D 35 -17.40 6.46 1.61
C VAL D 35 -17.67 5.44 0.49
N PRO D 36 -18.72 4.63 0.66
CA PRO D 36 -19.10 3.58 -0.30
C PRO D 36 -19.94 4.10 -1.46
N ARG D 37 -19.37 4.09 -2.66
CA ARG D 37 -20.18 4.26 -3.86
C ARG D 37 -20.54 2.86 -4.35
N VAL D 38 -21.77 2.46 -4.09
CA VAL D 38 -22.22 1.09 -4.35
C VAL D 38 -22.92 0.93 -5.70
N GLU D 39 -22.58 -0.14 -6.40
CA GLU D 39 -23.31 -0.51 -7.61
C GLU D 39 -23.91 -1.90 -7.38
N LEU D 40 -25.15 -2.12 -7.80
CA LEU D 40 -25.83 -3.41 -7.63
C LEU D 40 -25.95 -4.13 -8.97
N VAL D 41 -24.94 -4.92 -9.30
CA VAL D 41 -24.94 -5.73 -10.53
C VAL D 41 -25.89 -6.92 -10.38
N ALA D 42 -26.33 -7.46 -11.51
CA ALA D 42 -27.16 -8.66 -11.53
C ALA D 42 -26.56 -9.69 -12.47
N MET D 43 -26.72 -10.96 -12.15
CA MET D 43 -26.08 -12.01 -12.92
C MET D 43 -27.02 -13.20 -13.09
N ASN D 44 -27.06 -13.73 -14.30
CA ASN D 44 -27.94 -14.86 -14.59
C ASN D 44 -27.33 -16.20 -14.19
N GLU D 45 -26.27 -16.60 -14.88
CA GLU D 45 -25.68 -17.93 -14.71
C GLU D 45 -24.56 -17.97 -13.64
N THR D 46 -24.20 -19.17 -13.20
CA THR D 46 -23.25 -19.33 -12.09
C THR D 46 -22.16 -20.38 -12.33
N ASP D 47 -21.89 -20.71 -13.58
CA ASP D 47 -20.77 -21.58 -13.89
C ASP D 47 -19.48 -20.77 -13.79
N PRO D 48 -18.34 -21.45 -13.64
CA PRO D 48 -17.06 -20.75 -13.45
C PRO D 48 -16.83 -19.62 -14.45
N LYS D 49 -17.08 -19.84 -15.73
CA LYS D 49 -16.84 -18.78 -16.69
C LYS D 49 -17.66 -17.56 -16.30
N SER D 50 -18.98 -17.71 -16.32
CA SER D 50 -19.91 -16.62 -16.04
C SER D 50 -19.50 -15.78 -14.83
N ILE D 51 -19.15 -16.46 -13.74
CA ILE D 51 -18.81 -15.76 -12.51
C ILE D 51 -17.45 -15.08 -12.60
N ILE D 52 -16.48 -15.75 -13.24
CA ILE D 52 -15.17 -15.14 -13.41
C ILE D 52 -15.27 -13.94 -14.36
N THR D 53 -16.03 -14.13 -15.42
CA THR D 53 -16.28 -13.08 -16.40
C THR D 53 -16.97 -11.88 -15.80
N ARG D 54 -18.17 -12.08 -15.25
CA ARG D 54 -18.91 -10.95 -14.71
C ARG D 54 -18.03 -10.09 -13.79
N ILE D 55 -17.24 -10.74 -12.96
CA ILE D 55 -16.41 -10.04 -11.98
C ILE D 55 -15.22 -9.31 -12.60
N CYS D 56 -14.43 -10.03 -13.39
CA CYS D 56 -13.30 -9.38 -14.05
C CYS D 56 -13.72 -8.11 -14.77
N ASP D 57 -14.78 -8.18 -15.55
CA ASP D 57 -15.33 -7.01 -16.23
C ASP D 57 -15.78 -5.93 -15.26
N LEU D 58 -16.62 -6.26 -14.29
CA LEU D 58 -17.06 -5.22 -13.36
C LEU D 58 -15.82 -4.58 -12.75
N MET D 59 -14.74 -5.35 -12.66
CA MET D 59 -13.51 -4.90 -12.02
C MET D 59 -12.61 -4.04 -12.91
N SER D 60 -12.82 -4.10 -14.21
CA SER D 60 -12.05 -3.28 -15.14
C SER D 60 -12.71 -1.91 -15.31
N ASP D 61 -14.03 -1.92 -15.42
CA ASP D 61 -14.79 -0.68 -15.60
C ASP D 61 -14.63 0.27 -14.41
N ARG D 62 -15.33 0.03 -13.31
CA ARG D 62 -15.10 0.84 -12.10
C ARG D 62 -13.86 0.34 -11.35
N LYS D 63 -13.44 1.07 -10.32
CA LYS D 63 -12.38 0.57 -9.44
C LYS D 63 -13.04 -0.03 -8.22
N ILE D 64 -12.83 -1.34 -8.02
CA ILE D 64 -13.56 -2.08 -7.00
C ILE D 64 -12.71 -2.46 -5.79
N GLN D 65 -12.96 -1.83 -4.64
CA GLN D 65 -12.21 -2.18 -3.43
C GLN D 65 -12.85 -3.36 -2.67
N GLY D 66 -13.89 -3.96 -3.24
CA GLY D 66 -14.51 -5.14 -2.65
C GLY D 66 -15.76 -5.61 -3.36
N VAL D 67 -16.14 -6.87 -3.12
CA VAL D 67 -17.37 -7.43 -3.67
C VAL D 67 -18.30 -8.04 -2.61
N VAL D 68 -19.58 -7.71 -2.70
CA VAL D 68 -20.58 -8.33 -1.86
C VAL D 68 -21.51 -9.22 -2.69
N PHE D 69 -21.56 -10.52 -2.32
CA PHE D 69 -22.09 -11.58 -3.18
C PHE D 69 -23.15 -12.45 -2.50
N ALA D 70 -24.31 -12.58 -3.15
CA ALA D 70 -25.44 -13.36 -2.63
C ALA D 70 -26.20 -14.04 -3.77
N ASP D 71 -26.48 -15.32 -3.62
CA ASP D 71 -27.27 -16.05 -4.61
C ASP D 71 -28.44 -16.74 -3.93
N ASP D 72 -29.27 -17.42 -4.72
CA ASP D 72 -30.41 -18.17 -4.19
C ASP D 72 -30.14 -19.66 -4.18
N THR D 73 -29.18 -20.08 -5.02
CA THR D 73 -28.87 -21.49 -5.27
C THR D 73 -28.31 -22.28 -4.08
N ASP D 74 -28.08 -23.58 -4.33
CA ASP D 74 -27.54 -24.49 -3.33
C ASP D 74 -26.09 -24.92 -3.65
N GLN D 75 -25.46 -24.24 -4.60
CA GLN D 75 -24.17 -24.67 -5.17
C GLN D 75 -22.94 -24.19 -4.39
N GLU D 76 -22.43 -25.07 -3.54
CA GLU D 76 -21.33 -24.76 -2.64
C GLU D 76 -20.02 -24.52 -3.40
N ALA D 77 -20.09 -24.63 -4.73
CA ALA D 77 -18.93 -24.40 -5.58
C ALA D 77 -18.71 -22.91 -5.78
N ILE D 78 -19.80 -22.16 -5.78
CA ILE D 78 -19.69 -20.71 -5.86
C ILE D 78 -18.66 -20.27 -4.83
N ALA D 79 -18.85 -20.69 -3.58
CA ALA D 79 -17.91 -20.35 -2.53
C ALA D 79 -16.48 -20.54 -3.00
N GLN D 80 -16.20 -21.66 -3.65
CA GLN D 80 -14.85 -21.95 -4.09
C GLN D 80 -14.47 -21.00 -5.23
N ILE D 81 -15.22 -21.05 -6.31
CA ILE D 81 -15.00 -20.11 -7.41
C ILE D 81 -14.66 -18.72 -6.90
N LEU D 82 -15.29 -18.30 -5.81
CA LEU D 82 -15.08 -16.95 -5.32
C LEU D 82 -13.74 -16.82 -4.65
N ASP D 83 -13.37 -17.82 -3.87
CA ASP D 83 -12.13 -17.79 -3.14
C ASP D 83 -11.00 -17.63 -4.15
N PHE D 84 -10.97 -18.55 -5.10
CA PHE D 84 -10.03 -18.51 -6.22
C PHE D 84 -10.01 -17.12 -6.79
N ILE D 85 -11.13 -16.67 -7.33
CA ILE D 85 -11.21 -15.31 -7.84
C ILE D 85 -10.68 -14.30 -6.85
N SER D 86 -10.85 -14.52 -5.55
CA SER D 86 -10.36 -13.54 -4.59
C SER D 86 -8.84 -13.54 -4.51
N ALA D 87 -8.24 -14.73 -4.41
CA ALA D 87 -6.80 -14.84 -4.22
C ALA D 87 -5.98 -14.34 -5.41
N GLN D 88 -6.54 -14.45 -6.62
CA GLN D 88 -5.81 -14.06 -7.82
C GLN D 88 -5.85 -12.55 -8.04
N THR D 89 -6.88 -11.88 -7.52
CA THR D 89 -7.04 -10.46 -7.78
C THR D 89 -6.79 -9.62 -6.53
N LEU D 90 -6.59 -10.29 -5.40
CA LEU D 90 -6.41 -9.63 -4.10
C LEU D 90 -7.54 -8.62 -3.79
N THR D 91 -8.76 -8.98 -4.20
CA THR D 91 -9.96 -8.22 -3.89
C THR D 91 -10.72 -8.94 -2.77
N PRO D 92 -11.17 -8.18 -1.76
CA PRO D 92 -11.98 -8.82 -0.72
C PRO D 92 -13.29 -9.22 -1.36
N ILE D 93 -13.86 -10.32 -0.91
CA ILE D 93 -15.17 -10.75 -1.37
C ILE D 93 -15.91 -11.29 -0.17
N LEU D 94 -17.18 -10.92 -0.06
CA LEU D 94 -18.02 -11.38 1.02
C LEU D 94 -19.09 -12.29 0.47
N GLY D 95 -19.20 -13.49 1.05
CA GLY D 95 -20.23 -14.44 0.65
C GLY D 95 -21.34 -14.38 1.66
N ILE D 96 -22.45 -13.75 1.28
CA ILE D 96 -23.48 -13.40 2.25
C ILE D 96 -24.69 -14.33 2.30
N HIS D 97 -24.96 -15.03 1.20
CA HIS D 97 -26.18 -15.80 1.09
C HIS D 97 -26.15 -16.77 -0.08
N GLY D 98 -26.60 -18.00 0.14
CA GLY D 98 -26.71 -18.95 -0.94
C GLY D 98 -25.51 -19.87 -1.02
N GLY D 99 -25.15 -20.28 -2.23
CA GLY D 99 -23.98 -21.11 -2.44
C GLY D 99 -22.71 -20.47 -1.92
N SER D 100 -22.60 -19.17 -2.10
CA SER D 100 -21.39 -18.44 -1.73
C SER D 100 -21.12 -18.51 -0.25
N SER D 101 -22.18 -18.71 0.53
CA SER D 101 -22.07 -18.66 1.99
C SER D 101 -21.74 -20.02 2.61
N MET D 102 -21.61 -21.04 1.78
CA MET D 102 -21.42 -22.41 2.25
C MET D 102 -20.02 -22.55 2.85
N ILE D 103 -19.88 -23.48 3.78
CA ILE D 103 -18.60 -23.79 4.42
C ILE D 103 -17.62 -23.98 3.27
N MET D 104 -16.59 -23.13 3.21
CA MET D 104 -15.45 -23.43 2.34
C MET D 104 -14.25 -23.62 3.27
N ALA D 105 -13.71 -24.83 3.28
CA ALA D 105 -12.61 -25.16 4.16
C ALA D 105 -11.29 -25.11 3.39
N ASP D 106 -10.24 -24.68 4.09
CA ASP D 106 -8.93 -24.53 3.49
C ASP D 106 -9.00 -23.54 2.33
N LYS D 107 -9.38 -22.30 2.64
CA LYS D 107 -9.32 -21.20 1.70
C LYS D 107 -7.87 -20.93 1.41
N ASP D 108 -7.61 -20.31 0.26
CA ASP D 108 -6.26 -19.94 -0.15
C ASP D 108 -5.65 -19.04 0.93
N GLU D 109 -4.33 -19.10 1.09
CA GLU D 109 -3.65 -18.25 2.06
C GLU D 109 -3.71 -16.78 1.64
N SER D 110 -3.65 -16.53 0.35
CA SER D 110 -3.70 -15.16 -0.15
C SER D 110 -5.10 -14.74 -0.52
N SER D 111 -6.09 -15.53 -0.12
CA SER D 111 -7.47 -15.15 -0.39
C SER D 111 -7.89 -14.04 0.54
N MET D 112 -8.90 -13.29 0.12
CA MET D 112 -9.50 -12.28 0.97
C MET D 112 -11.00 -12.51 0.90
N PHE D 113 -11.42 -13.71 1.30
CA PHE D 113 -12.77 -14.18 1.09
C PHE D 113 -13.33 -14.65 2.41
N PHE D 114 -14.47 -14.09 2.78
CA PHE D 114 -15.10 -14.42 4.03
C PHE D 114 -16.55 -14.74 3.73
N GLN D 115 -17.14 -15.61 4.53
CA GLN D 115 -18.55 -15.94 4.35
C GLN D 115 -19.29 -15.73 5.64
N PHE D 116 -20.53 -15.26 5.54
CA PHE D 116 -21.44 -15.28 6.68
C PHE D 116 -21.79 -16.73 6.93
N GLY D 117 -21.68 -17.17 8.18
CA GLY D 117 -22.01 -18.53 8.49
C GLY D 117 -21.10 -19.09 9.56
N PRO D 118 -21.48 -20.22 10.16
CA PRO D 118 -20.65 -20.79 11.22
C PRO D 118 -19.55 -21.72 10.68
N SER D 119 -18.45 -21.81 11.42
CA SER D 119 -17.35 -22.71 11.06
C SER D 119 -17.87 -24.11 10.75
N ILE D 120 -17.04 -24.96 10.15
CA ILE D 120 -17.39 -26.38 10.10
C ILE D 120 -17.23 -26.91 11.52
N GLU D 121 -16.35 -26.27 12.28
CA GLU D 121 -16.04 -26.69 13.64
C GLU D 121 -17.10 -26.24 14.66
N GLN D 122 -17.81 -25.15 14.35
CA GLN D 122 -18.83 -24.65 15.27
C GLN D 122 -20.16 -25.36 15.09
N GLN D 123 -20.51 -25.66 13.85
CA GLN D 123 -21.66 -26.50 13.56
C GLN D 123 -21.50 -27.88 14.19
N ALA D 124 -20.27 -28.26 14.50
CA ALA D 124 -20.07 -29.51 15.21
C ALA D 124 -20.24 -29.28 16.72
N SER D 125 -19.75 -28.15 17.22
CA SER D 125 -19.93 -27.85 18.65
C SER D 125 -21.44 -27.84 18.95
N VAL D 126 -22.19 -27.14 18.10
CA VAL D 126 -23.63 -27.06 18.18
C VAL D 126 -24.29 -28.44 18.19
N MET D 127 -23.97 -29.26 17.18
CA MET D 127 -24.54 -30.59 17.08
C MET D 127 -24.41 -31.40 18.37
N LEU D 128 -23.24 -31.34 19.00
CA LEU D 128 -23.02 -32.09 20.24
C LEU D 128 -23.80 -31.50 21.40
N ASN D 129 -24.00 -30.19 21.38
CA ASN D 129 -24.84 -29.54 22.39
C ASN D 129 -26.29 -29.98 22.33
N ILE D 130 -26.82 -30.09 21.12
CA ILE D 130 -28.10 -30.71 20.89
C ILE D 130 -28.10 -32.13 21.47
N MET D 131 -27.11 -32.92 21.11
CA MET D 131 -27.05 -34.26 21.66
C MET D 131 -27.05 -34.23 23.18
N GLU D 132 -26.28 -33.34 23.77
CA GLU D 132 -26.23 -33.26 25.24
C GLU D 132 -27.61 -33.04 25.83
N GLU D 133 -28.42 -32.19 25.19
CA GLU D 133 -29.72 -31.83 25.74
C GLU D 133 -30.56 -33.07 25.97
N TYR D 134 -30.77 -33.82 24.90
CA TYR D 134 -31.65 -34.96 24.95
C TYR D 134 -30.94 -36.26 25.31
N ASP D 135 -29.77 -36.14 25.93
CA ASP D 135 -28.92 -37.28 26.29
C ASP D 135 -28.79 -38.31 25.15
N TRP D 136 -28.15 -37.88 24.07
CA TRP D 136 -27.93 -38.72 22.91
C TRP D 136 -26.48 -39.12 22.82
N TYR D 137 -25.99 -39.80 23.85
CA TYR D 137 -24.58 -40.03 24.00
C TYR D 137 -24.02 -41.12 23.10
N ILE D 138 -24.84 -41.67 22.22
CA ILE D 138 -24.32 -42.74 21.37
C ILE D 138 -24.61 -42.52 19.89
N PHE D 139 -23.53 -42.42 19.11
CA PHE D 139 -23.65 -41.95 17.75
C PHE D 139 -22.54 -42.42 16.82
N SER D 140 -22.76 -42.17 15.53
CA SER D 140 -21.80 -42.45 14.47
C SER D 140 -21.66 -41.22 13.57
N ILE D 141 -20.63 -41.23 12.73
CA ILE D 141 -20.37 -40.12 11.82
C ILE D 141 -20.28 -40.67 10.41
N VAL D 142 -20.83 -39.94 9.45
CA VAL D 142 -20.66 -40.31 8.06
C VAL D 142 -20.39 -39.08 7.24
N THR D 143 -19.27 -39.10 6.54
CA THR D 143 -18.82 -37.97 5.74
C THR D 143 -18.40 -38.44 4.38
N THR D 144 -18.55 -37.60 3.37
CA THR D 144 -17.93 -37.87 2.09
C THR D 144 -16.52 -37.30 2.15
N TYR D 145 -15.88 -37.16 1.00
CA TYR D 145 -14.51 -36.66 0.97
C TYR D 145 -14.44 -35.14 0.93
N PHE D 146 -15.58 -34.52 0.69
CA PHE D 146 -15.71 -33.07 0.57
C PHE D 146 -14.94 -32.30 1.65
N PRO D 147 -14.25 -31.23 1.24
CA PRO D 147 -13.44 -30.37 2.11
C PRO D 147 -14.13 -30.14 3.42
N GLY D 148 -13.40 -30.25 4.51
CA GLY D 148 -13.95 -29.97 5.81
C GLY D 148 -14.24 -31.26 6.57
N TYR D 149 -14.51 -32.34 5.84
CA TYR D 149 -14.91 -33.56 6.51
C TYR D 149 -13.92 -33.83 7.61
N GLN D 150 -12.67 -33.50 7.38
CA GLN D 150 -11.62 -33.81 8.34
C GLN D 150 -11.62 -32.81 9.49
N ASP D 151 -12.02 -31.58 9.23
CA ASP D 151 -12.12 -30.59 10.30
C ASP D 151 -13.32 -30.96 11.19
N PHE D 152 -14.37 -31.50 10.56
CA PHE D 152 -15.59 -31.95 11.25
C PHE D 152 -15.29 -33.10 12.19
N VAL D 153 -14.87 -34.23 11.63
CA VAL D 153 -14.60 -35.42 12.45
C VAL D 153 -13.58 -35.16 13.56
N ASN D 154 -12.81 -34.09 13.47
CA ASN D 154 -11.85 -33.80 14.52
C ASN D 154 -12.38 -33.03 15.73
N LYS D 155 -13.22 -32.01 15.52
CA LYS D 155 -13.81 -31.30 16.65
C LYS D 155 -14.65 -32.28 17.46
N ILE D 156 -15.32 -33.21 16.77
CA ILE D 156 -16.10 -34.23 17.46
C ILE D 156 -15.15 -35.05 18.32
N ARG D 157 -14.20 -35.72 17.69
CA ARG D 157 -13.24 -36.56 18.41
C ARG D 157 -12.50 -35.81 19.52
N SER D 158 -12.24 -34.52 19.31
CA SER D 158 -11.47 -33.75 20.26
C SER D 158 -12.33 -33.24 21.42
N THR D 159 -13.64 -33.42 21.30
CA THR D 159 -14.55 -32.99 22.36
C THR D 159 -14.87 -34.13 23.29
N ILE D 160 -15.43 -35.21 22.75
CA ILE D 160 -15.59 -36.46 23.47
C ILE D 160 -14.39 -36.80 24.35
N GLU D 161 -13.20 -36.39 23.89
CA GLU D 161 -11.96 -36.70 24.58
C GLU D 161 -11.89 -36.04 25.94
N ASN D 162 -12.08 -34.73 25.95
CA ASN D 162 -12.08 -34.00 27.20
C ASN D 162 -13.21 -34.43 28.14
N SER D 163 -14.41 -34.63 27.58
CA SER D 163 -15.66 -34.79 28.35
C SER D 163 -15.83 -36.08 29.17
N PHE D 164 -16.16 -35.90 30.43
CA PHE D 164 -16.50 -37.02 31.30
C PHE D 164 -18.00 -37.30 31.19
N VAL D 165 -18.62 -36.73 30.16
CA VAL D 165 -20.04 -36.95 29.89
C VAL D 165 -20.30 -38.38 29.39
N GLY D 166 -19.25 -39.04 28.91
CA GLY D 166 -19.35 -40.44 28.53
C GLY D 166 -20.03 -40.66 27.19
N TRP D 167 -19.50 -40.02 26.16
CA TRP D 167 -20.02 -40.25 24.81
C TRP D 167 -19.49 -41.57 24.32
N GLU D 168 -20.07 -42.08 23.23
CA GLU D 168 -19.56 -43.29 22.61
C GLU D 168 -19.66 -43.21 21.09
N LEU D 169 -18.56 -42.85 20.44
CA LEU D 169 -18.52 -42.79 18.99
C LEU D 169 -18.39 -44.19 18.41
N GLU D 170 -19.41 -44.64 17.69
CA GLU D 170 -19.53 -46.04 17.27
C GLU D 170 -18.74 -46.38 16.01
N GLU D 171 -19.11 -45.79 14.88
CA GLU D 171 -18.33 -45.95 13.65
C GLU D 171 -18.13 -44.57 13.00
N VAL D 172 -17.04 -44.41 12.25
CA VAL D 172 -16.88 -43.23 11.41
C VAL D 172 -16.72 -43.70 9.98
N LEU D 173 -17.71 -43.45 9.12
CA LEU D 173 -17.62 -43.93 7.75
C LEU D 173 -17.17 -42.83 6.77
N LEU D 174 -16.26 -43.21 5.87
CA LEU D 174 -15.82 -42.31 4.82
C LEU D 174 -16.29 -42.84 3.49
N LEU D 175 -17.05 -42.02 2.79
CA LEU D 175 -17.66 -42.41 1.52
C LEU D 175 -16.96 -41.71 0.36
N ASP D 176 -16.55 -42.45 -0.66
CA ASP D 176 -15.92 -41.82 -1.81
C ASP D 176 -16.95 -41.52 -2.90
N MET D 177 -17.27 -40.24 -3.04
CA MET D 177 -18.23 -39.81 -4.04
C MET D 177 -17.49 -39.39 -5.28
N SER D 178 -16.20 -39.73 -5.32
CA SER D 178 -15.35 -39.46 -6.47
C SER D 178 -15.60 -40.48 -7.57
N LEU D 179 -15.87 -41.71 -7.15
CA LEU D 179 -16.14 -42.80 -8.09
C LEU D 179 -17.64 -43.07 -8.20
N ASP D 180 -18.03 -43.84 -9.20
CA ASP D 180 -19.43 -44.23 -9.38
C ASP D 180 -19.86 -45.12 -8.24
N ASP D 181 -21.09 -45.62 -8.32
CA ASP D 181 -21.61 -46.55 -7.30
C ASP D 181 -22.53 -47.61 -7.92
N GLY D 182 -22.05 -48.26 -8.97
CA GLY D 182 -22.78 -49.36 -9.57
C GLY D 182 -22.69 -50.61 -8.73
N ASP D 183 -21.50 -50.89 -8.19
CA ASP D 183 -21.27 -52.07 -7.37
C ASP D 183 -22.00 -52.03 -6.03
N SER D 184 -22.41 -50.83 -5.62
CA SER D 184 -23.01 -50.58 -4.31
C SER D 184 -21.98 -50.64 -3.16
N LYS D 185 -20.96 -49.79 -3.23
CA LYS D 185 -20.00 -49.67 -2.13
C LYS D 185 -20.71 -48.93 -1.01
N ILE D 186 -21.23 -47.75 -1.32
CA ILE D 186 -21.87 -46.91 -0.32
C ILE D 186 -22.88 -47.74 0.47
N GLN D 187 -23.76 -48.46 -0.22
CA GLN D 187 -24.74 -49.30 0.45
C GLN D 187 -24.10 -50.19 1.50
N ASN D 188 -23.22 -51.09 1.07
CA ASN D 188 -22.53 -52.00 1.96
C ASN D 188 -21.94 -51.32 3.20
N GLN D 189 -21.47 -50.09 3.04
CA GLN D 189 -20.88 -49.37 4.17
C GLN D 189 -21.97 -48.92 5.14
N LEU D 190 -22.95 -48.19 4.62
CA LEU D 190 -24.08 -47.67 5.39
C LEU D 190 -24.66 -48.76 6.28
N LYS D 191 -24.58 -50.00 5.80
CA LYS D 191 -25.12 -51.17 6.47
C LYS D 191 -24.35 -51.50 7.76
N LYS D 192 -23.10 -51.05 7.85
CA LYS D 192 -22.23 -51.32 8.98
C LYS D 192 -22.64 -50.57 10.26
N LEU D 193 -23.62 -49.68 10.11
CA LEU D 193 -24.03 -48.77 11.17
C LEU D 193 -25.07 -49.38 12.12
N GLN D 194 -24.90 -49.13 13.42
CA GLN D 194 -25.82 -49.62 14.44
C GLN D 194 -25.95 -48.61 15.59
N SER D 195 -26.16 -47.35 15.26
CA SER D 195 -26.29 -46.31 16.26
C SER D 195 -27.51 -45.48 15.96
N PRO D 196 -28.12 -44.90 17.01
CA PRO D 196 -29.42 -44.23 16.97
C PRO D 196 -29.36 -42.82 16.38
N ILE D 197 -28.35 -42.05 16.76
CA ILE D 197 -28.11 -40.74 16.14
C ILE D 197 -26.94 -40.87 15.14
N ILE D 198 -27.08 -40.23 13.97
CA ILE D 198 -26.01 -40.24 12.96
C ILE D 198 -25.74 -38.85 12.38
N LEU D 199 -24.49 -38.39 12.50
CA LEU D 199 -24.06 -37.11 11.97
C LEU D 199 -23.49 -37.22 10.57
N LEU D 200 -24.18 -36.64 9.61
CA LEU D 200 -23.79 -36.71 8.22
C LEU D 200 -23.09 -35.44 7.86
N TYR D 201 -21.90 -35.55 7.26
CA TYR D 201 -21.21 -34.37 6.70
C TYR D 201 -20.81 -34.54 5.24
N CYS D 202 -21.45 -33.77 4.38
CA CYS D 202 -21.34 -33.96 2.95
C CYS D 202 -22.09 -32.81 2.30
N THR D 203 -22.24 -32.84 0.98
CA THR D 203 -22.89 -31.72 0.29
C THR D 203 -24.33 -32.08 0.08
N LYS D 204 -25.14 -31.11 -0.30
CA LYS D 204 -26.56 -31.38 -0.50
C LYS D 204 -26.80 -32.45 -1.55
N GLU D 205 -26.22 -32.27 -2.74
CA GLU D 205 -26.45 -33.23 -3.82
C GLU D 205 -25.92 -34.62 -3.45
N GLU D 206 -24.90 -34.67 -2.61
CA GLU D 206 -24.39 -35.96 -2.15
C GLU D 206 -25.38 -36.54 -1.14
N ALA D 207 -25.89 -35.68 -0.26
CA ALA D 207 -26.80 -36.09 0.79
C ALA D 207 -28.01 -36.80 0.17
N THR D 208 -28.59 -36.20 -0.86
CA THR D 208 -29.78 -36.79 -1.42
C THR D 208 -29.45 -38.22 -1.78
N TYR D 209 -28.26 -38.46 -2.32
CA TYR D 209 -27.88 -39.82 -2.68
C TYR D 209 -27.72 -40.70 -1.44
N ILE D 210 -26.76 -40.37 -0.58
CA ILE D 210 -26.53 -41.15 0.63
C ILE D 210 -27.88 -41.52 1.33
N PHE D 211 -28.85 -40.61 1.31
CA PHE D 211 -30.16 -40.90 1.91
C PHE D 211 -30.93 -41.94 1.12
N GLU D 212 -31.08 -41.76 -0.18
CA GLU D 212 -31.67 -42.78 -1.04
C GLU D 212 -31.11 -44.17 -0.71
N VAL D 213 -29.81 -44.26 -0.52
CA VAL D 213 -29.21 -45.55 -0.22
C VAL D 213 -29.52 -45.97 1.20
N ALA D 214 -29.79 -45.01 2.07
CA ALA D 214 -30.11 -45.32 3.46
C ALA D 214 -31.62 -45.58 3.68
N ASN D 215 -32.46 -44.93 2.89
CA ASN D 215 -33.91 -45.18 2.94
C ASN D 215 -34.19 -46.54 2.37
N SER D 216 -33.17 -47.12 1.74
CA SER D 216 -33.23 -48.46 1.17
C SER D 216 -32.75 -49.49 2.18
N VAL D 217 -31.47 -49.44 2.53
CA VAL D 217 -30.91 -50.31 3.56
C VAL D 217 -31.58 -50.07 4.95
N GLY D 218 -32.71 -49.37 4.94
CA GLY D 218 -33.54 -49.17 6.13
C GLY D 218 -32.89 -48.43 7.27
N LEU D 219 -32.87 -47.09 7.20
CA LEU D 219 -32.15 -46.29 8.18
C LEU D 219 -32.77 -44.94 8.41
N THR D 220 -33.79 -44.61 7.64
CA THR D 220 -34.39 -43.30 7.75
C THR D 220 -35.72 -43.26 8.52
N GLY D 221 -36.19 -44.41 8.99
CA GLY D 221 -37.41 -44.49 9.77
C GLY D 221 -37.26 -43.88 11.15
N TYR D 222 -38.22 -44.17 12.03
CA TYR D 222 -38.09 -43.84 13.45
C TYR D 222 -36.88 -44.61 13.94
N GLY D 223 -36.27 -44.15 15.04
CA GLY D 223 -35.19 -44.90 15.65
C GLY D 223 -33.81 -44.62 15.09
N TYR D 224 -33.76 -43.98 13.93
CA TYR D 224 -32.54 -43.37 13.46
C TYR D 224 -32.79 -41.89 13.25
N THR D 225 -32.04 -41.07 13.96
CA THR D 225 -32.03 -39.64 13.70
C THR D 225 -30.74 -39.16 13.00
N TRP D 226 -30.88 -38.34 11.97
CA TRP D 226 -29.73 -37.77 11.29
C TRP D 226 -29.58 -36.27 11.55
N ILE D 227 -28.49 -35.89 12.19
CA ILE D 227 -28.18 -34.49 12.30
C ILE D 227 -27.20 -34.12 11.20
N VAL D 228 -27.32 -32.91 10.67
CA VAL D 228 -26.62 -32.56 9.46
C VAL D 228 -26.26 -31.05 9.46
N PRO D 229 -25.16 -30.68 8.79
CA PRO D 229 -24.77 -29.27 8.81
C PRO D 229 -25.53 -28.41 7.78
N SER D 230 -25.33 -27.11 7.90
CA SER D 230 -26.06 -26.14 7.11
C SER D 230 -26.01 -26.37 5.59
N LEU D 231 -24.87 -26.76 5.05
CA LEU D 231 -24.76 -26.87 3.61
C LEU D 231 -25.59 -28.01 3.06
N VAL D 232 -26.15 -28.82 3.95
CA VAL D 232 -26.98 -29.95 3.52
C VAL D 232 -28.40 -29.49 3.35
N ALA D 233 -28.94 -28.91 4.42
CA ALA D 233 -30.26 -28.32 4.37
C ALA D 233 -30.32 -27.41 3.15
N GLY D 234 -29.35 -26.50 3.06
CA GLY D 234 -29.26 -25.63 1.91
C GLY D 234 -30.38 -24.64 1.95
N ASP D 235 -31.02 -24.39 0.81
CA ASP D 235 -32.18 -23.52 0.76
C ASP D 235 -33.42 -24.23 1.31
N THR D 236 -33.92 -23.80 2.46
CA THR D 236 -35.05 -24.49 3.10
C THR D 236 -36.32 -24.57 2.23
N ASP D 237 -36.54 -23.56 1.38
CA ASP D 237 -37.67 -23.61 0.47
C ASP D 237 -37.37 -24.53 -0.71
N THR D 238 -36.57 -25.57 -0.46
CA THR D 238 -36.29 -26.62 -1.45
C THR D 238 -35.89 -27.96 -0.81
N VAL D 239 -36.86 -28.68 -0.27
CA VAL D 239 -36.55 -29.96 0.33
C VAL D 239 -36.58 -31.02 -0.76
N PRO D 240 -35.53 -31.85 -0.83
CA PRO D 240 -35.41 -32.95 -1.80
C PRO D 240 -36.24 -34.16 -1.34
N SER D 241 -37.08 -34.68 -2.22
CA SER D 241 -38.01 -35.73 -1.84
C SER D 241 -37.36 -36.88 -1.05
N GLU D 242 -36.04 -37.01 -1.15
CA GLU D 242 -35.33 -38.11 -0.48
C GLU D 242 -34.89 -37.80 0.95
N PHE D 243 -35.07 -36.57 1.41
CA PHE D 243 -34.69 -36.25 2.78
C PHE D 243 -35.58 -36.98 3.76
N PRO D 244 -34.98 -37.66 4.74
CA PRO D 244 -35.76 -38.35 5.78
C PRO D 244 -36.52 -37.38 6.66
N THR D 245 -37.81 -37.63 6.86
CA THR D 245 -38.56 -36.83 7.82
C THR D 245 -38.00 -37.06 9.22
N GLY D 246 -37.96 -35.98 10.00
CA GLY D 246 -37.27 -35.98 11.27
C GLY D 246 -35.79 -35.70 11.13
N LEU D 247 -35.40 -35.06 10.03
CA LEU D 247 -34.01 -34.67 9.82
C LEU D 247 -33.71 -33.41 10.61
N ILE D 248 -32.79 -33.47 11.56
CA ILE D 248 -32.40 -32.29 12.33
C ILE D 248 -31.14 -31.65 11.73
N SER D 249 -31.20 -30.37 11.41
CA SER D 249 -30.03 -29.66 10.86
C SER D 249 -29.80 -28.25 11.42
N VAL D 250 -28.55 -27.85 11.52
CA VAL D 250 -28.23 -26.46 11.87
C VAL D 250 -28.47 -25.60 10.64
N SER D 251 -28.48 -24.28 10.80
CA SER D 251 -28.75 -23.38 9.67
C SER D 251 -28.54 -21.94 10.04
N TYR D 252 -28.18 -21.15 9.04
CA TYR D 252 -28.06 -19.72 9.21
C TYR D 252 -29.38 -19.06 8.84
N ASP D 253 -30.09 -18.56 9.86
CA ASP D 253 -31.50 -18.19 9.74
C ASP D 253 -31.77 -17.01 8.80
N GLU D 254 -31.99 -17.32 7.52
CA GLU D 254 -32.40 -16.30 6.56
C GLU D 254 -33.72 -15.69 6.98
N TRP D 255 -34.21 -16.07 8.16
CA TRP D 255 -35.52 -15.64 8.64
C TRP D 255 -35.42 -14.36 9.45
N ASP D 256 -34.49 -14.33 10.41
CA ASP D 256 -34.37 -13.18 11.29
C ASP D 256 -33.22 -12.25 10.89
N TYR D 257 -32.69 -12.48 9.69
CA TYR D 257 -31.48 -11.79 9.21
C TYR D 257 -31.38 -11.96 7.69
N GLY D 258 -32.23 -11.25 6.96
CA GLY D 258 -32.42 -11.53 5.54
C GLY D 258 -31.53 -10.75 4.60
N LEU D 259 -31.70 -11.00 3.31
CA LEU D 259 -30.80 -10.43 2.29
C LEU D 259 -30.45 -8.95 2.55
N PRO D 260 -31.41 -8.03 2.35
CA PRO D 260 -31.02 -6.62 2.49
C PRO D 260 -30.31 -6.32 3.83
N ALA D 261 -30.64 -7.09 4.86
CA ALA D 261 -30.05 -6.90 6.17
C ALA D 261 -28.55 -7.18 6.13
N ARG D 262 -28.19 -8.31 5.53
CA ARG D 262 -26.79 -8.70 5.33
C ARG D 262 -26.06 -7.81 4.33
N VAL D 263 -26.64 -7.63 3.16
CA VAL D 263 -26.02 -6.79 2.14
C VAL D 263 -25.64 -5.41 2.68
N ARG D 264 -26.29 -4.98 3.76
CA ARG D 264 -25.90 -3.74 4.42
C ARG D 264 -24.60 -3.98 5.17
N ASP D 265 -24.59 -5.04 5.98
CA ASP D 265 -23.41 -5.38 6.75
C ASP D 265 -22.27 -5.81 5.81
N GLY D 266 -22.64 -6.22 4.60
CA GLY D 266 -21.65 -6.48 3.58
C GLY D 266 -20.92 -5.19 3.26
N ILE D 267 -21.68 -4.18 2.86
CA ILE D 267 -21.12 -2.88 2.54
C ILE D 267 -20.53 -2.21 3.78
N ALA D 268 -20.90 -2.71 4.96
CA ALA D 268 -20.42 -2.14 6.22
C ALA D 268 -19.01 -2.63 6.59
N ILE D 269 -18.81 -3.95 6.48
CA ILE D 269 -17.50 -4.59 6.70
C ILE D 269 -16.44 -4.01 5.74
N ILE D 270 -16.71 -4.09 4.44
CA ILE D 270 -15.81 -3.57 3.42
C ILE D 270 -15.51 -2.09 3.66
N THR D 271 -16.53 -1.25 3.60
CA THR D 271 -16.30 0.19 3.78
C THR D 271 -15.64 0.53 5.11
N THR D 272 -16.12 -0.05 6.21
CA THR D 272 -15.52 0.27 7.51
C THR D 272 -14.11 -0.29 7.63
N ALA D 273 -13.79 -1.28 6.82
CA ALA D 273 -12.45 -1.86 6.83
C ALA D 273 -11.49 -0.89 6.14
N ALA D 274 -11.88 -0.43 4.95
CA ALA D 274 -11.09 0.54 4.16
C ALA D 274 -10.71 1.75 4.99
N SER D 275 -11.71 2.35 5.64
CA SER D 275 -11.53 3.48 6.52
C SER D 275 -10.40 3.31 7.52
N ASP D 276 -10.42 2.21 8.25
CA ASP D 276 -9.40 1.94 9.26
C ASP D 276 -8.01 1.86 8.66
N MET D 277 -7.89 1.23 7.51
CA MET D 277 -6.58 1.14 6.90
C MET D 277 -6.15 2.53 6.45
N LEU D 278 -7.09 3.28 5.88
CA LEU D 278 -6.82 4.63 5.41
C LEU D 278 -6.37 5.56 6.55
N SER D 279 -6.88 5.33 7.75
CA SER D 279 -6.50 6.17 8.89
C SER D 279 -5.10 5.87 9.37
N GLU D 280 -4.78 4.61 9.63
CA GLU D 280 -3.44 4.26 10.13
C GLU D 280 -2.32 4.49 9.12
N HIS D 281 -2.52 4.02 7.90
CA HIS D 281 -1.45 4.03 6.91
C HIS D 281 -1.72 4.98 5.74
N SER D 282 -2.74 5.82 5.90
CA SER D 282 -3.03 6.86 4.92
C SER D 282 -2.99 6.37 3.46
N PHE D 283 -3.44 5.13 3.24
CA PHE D 283 -3.57 4.57 1.90
C PHE D 283 -4.32 3.24 1.86
N ILE D 284 -5.05 3.02 0.77
CA ILE D 284 -5.78 1.77 0.56
C ILE D 284 -5.30 1.13 -0.74
N PRO D 285 -5.26 -0.20 -0.78
CA PRO D 285 -4.75 -0.88 -1.98
C PRO D 285 -5.44 -0.46 -3.26
N GLU D 286 -4.69 0.11 -4.19
CA GLU D 286 -5.21 0.41 -5.51
C GLU D 286 -5.76 -0.88 -6.11
N PRO D 287 -7.05 -0.89 -6.43
CA PRO D 287 -7.78 -2.01 -7.04
C PRO D 287 -7.19 -2.49 -8.37
N LYS D 288 -7.08 -3.80 -8.50
CA LYS D 288 -6.61 -4.43 -9.72
C LYS D 288 -7.49 -3.99 -10.89
N SER D 289 -6.91 -3.18 -11.76
CA SER D 289 -7.62 -2.75 -12.95
C SER D 289 -8.02 -3.99 -13.76
N SER D 290 -7.17 -5.00 -13.75
CA SER D 290 -7.37 -6.17 -14.58
C SER D 290 -7.08 -7.49 -13.87
N CYS D 291 -7.37 -8.58 -14.59
CA CYS D 291 -7.02 -9.93 -14.18
C CYS D 291 -5.83 -10.40 -15.00
N TYR D 292 -5.52 -9.68 -16.07
CA TYR D 292 -4.34 -9.93 -16.89
C TYR D 292 -3.05 -9.48 -16.18
N ASN D 293 -2.35 -10.43 -15.58
CA ASN D 293 -1.10 -10.17 -14.88
C ASN D 293 -0.23 -11.43 -14.68
N LYS D 297 3.11 -8.85 -11.71
CA LYS D 297 3.08 -7.62 -10.93
C LYS D 297 3.15 -7.91 -9.43
N ARG D 298 3.91 -8.93 -9.05
CA ARG D 298 3.90 -9.51 -7.69
C ARG D 298 4.16 -8.56 -6.52
N ILE D 299 5.37 -7.99 -6.46
CA ILE D 299 5.85 -7.25 -5.28
C ILE D 299 5.04 -5.98 -4.92
N TYR D 300 3.96 -5.72 -5.66
CA TYR D 300 3.13 -4.56 -5.36
C TYR D 300 1.95 -4.92 -4.47
N GLN D 301 1.10 -5.84 -4.93
CA GLN D 301 -0.10 -6.21 -4.17
C GLN D 301 0.24 -6.79 -2.80
N SER D 302 -0.64 -6.52 -1.84
CA SER D 302 -0.48 -6.97 -0.46
C SER D 302 -1.76 -7.65 0.02
N ASN D 303 -1.68 -8.25 1.22
CA ASN D 303 -2.86 -8.81 1.87
C ASN D 303 -3.05 -8.13 3.22
N MET D 304 -2.68 -6.86 3.29
CA MET D 304 -2.68 -6.13 4.54
C MET D 304 -4.06 -5.61 4.91
N LEU D 305 -4.97 -5.57 3.94
CA LEU D 305 -6.32 -5.12 4.21
C LEU D 305 -7.06 -6.11 5.12
N ASN D 306 -6.67 -7.39 5.06
CA ASN D 306 -7.33 -8.43 5.86
C ASN D 306 -7.38 -8.27 7.37
N ARG D 307 -6.30 -7.73 7.92
CA ARG D 307 -6.17 -7.49 9.36
C ARG D 307 -7.27 -6.53 9.84
N TYR D 308 -7.89 -5.78 8.93
CA TYR D 308 -8.92 -4.83 9.31
C TYR D 308 -10.31 -5.33 8.96
N LEU D 309 -10.40 -6.20 7.98
CA LEU D 309 -11.68 -6.71 7.53
C LEU D 309 -12.25 -7.67 8.56
N ILE D 310 -11.42 -8.12 9.49
CA ILE D 310 -11.86 -9.14 10.43
C ILE D 310 -12.08 -8.60 11.85
N ASN D 311 -11.98 -7.29 12.01
CA ASN D 311 -12.16 -6.62 13.30
C ASN D 311 -13.31 -5.63 13.26
N VAL D 312 -14.03 -5.60 12.13
CA VAL D 312 -15.11 -4.62 11.93
C VAL D 312 -16.23 -4.73 12.96
N THR D 313 -16.59 -3.60 13.57
CA THR D 313 -17.59 -3.60 14.64
C THR D 313 -18.78 -2.66 14.37
N ASP D 318 -20.51 -6.79 16.85
CA ASP D 318 -19.24 -7.49 16.66
C ASP D 318 -19.30 -8.39 15.44
N LEU D 319 -19.34 -7.78 14.26
CA LEU D 319 -19.35 -8.51 13.00
C LEU D 319 -17.94 -8.99 12.62
N SER D 320 -17.14 -9.43 13.60
CA SER D 320 -15.76 -9.85 13.37
C SER D 320 -15.69 -11.18 12.61
N PHE D 321 -14.49 -11.73 12.43
CA PHE D 321 -14.36 -12.97 11.65
C PHE D 321 -13.35 -14.00 12.14
N SER D 322 -13.64 -15.27 11.86
CA SER D 322 -12.73 -16.37 12.19
C SER D 322 -11.47 -16.25 11.36
N GLU D 323 -10.42 -16.95 11.78
CA GLU D 323 -9.15 -16.95 11.05
C GLU D 323 -9.33 -17.54 9.65
N ASP D 324 -10.00 -18.70 9.60
CA ASP D 324 -10.24 -19.40 8.34
C ASP D 324 -11.31 -18.73 7.47
N GLY D 325 -11.95 -17.69 8.00
CA GLY D 325 -12.81 -16.84 7.19
C GLY D 325 -14.30 -17.00 7.42
N TYR D 326 -14.67 -17.48 8.59
CA TYR D 326 -16.05 -17.78 8.91
C TYR D 326 -16.51 -16.86 10.05
N GLN D 327 -17.73 -16.37 9.98
CA GLN D 327 -18.27 -15.45 11.00
C GLN D 327 -17.94 -15.86 12.42
N MET D 328 -17.41 -14.91 13.19
CA MET D 328 -17.13 -15.18 14.59
C MET D 328 -18.39 -15.51 15.38
N HIS D 329 -19.44 -14.68 15.22
CA HIS D 329 -20.63 -14.80 16.06
C HIS D 329 -21.94 -14.83 15.29
N PRO D 330 -22.20 -15.94 14.60
CA PRO D 330 -23.43 -15.99 13.81
C PRO D 330 -24.55 -16.39 14.75
N LYS D 331 -25.79 -16.00 14.44
CA LYS D 331 -26.95 -16.49 15.18
C LYS D 331 -27.50 -17.71 14.46
N LEU D 332 -27.66 -18.81 15.18
CA LEU D 332 -28.03 -20.07 14.54
C LEU D 332 -29.41 -20.56 14.93
N VAL D 333 -30.14 -21.09 13.96
CA VAL D 333 -31.43 -21.71 14.20
C VAL D 333 -31.37 -23.22 13.91
N ILE D 334 -31.69 -24.06 14.90
CA ILE D 334 -31.85 -25.49 14.65
C ILE D 334 -33.20 -25.74 14.01
N ILE D 335 -33.28 -26.70 13.11
CA ILE D 335 -34.50 -26.88 12.34
C ILE D 335 -34.77 -28.34 12.05
N LEU D 336 -36.06 -28.68 12.06
CA LEU D 336 -36.52 -30.05 11.87
C LEU D 336 -37.35 -30.13 10.60
N LEU D 337 -37.00 -31.03 9.70
CA LEU D 337 -37.86 -31.32 8.57
C LEU D 337 -38.99 -32.15 9.15
N ASN D 338 -40.23 -31.69 9.02
CA ASN D 338 -41.34 -32.40 9.66
C ASN D 338 -42.13 -33.32 8.73
N LYS D 339 -43.19 -33.92 9.27
CA LYS D 339 -44.03 -34.87 8.54
C LYS D 339 -44.81 -34.13 7.46
N GLU D 340 -45.10 -32.86 7.74
CA GLU D 340 -45.72 -32.01 6.74
C GLU D 340 -44.68 -31.62 5.68
N ARG D 341 -43.41 -31.94 5.97
CA ARG D 341 -42.24 -31.70 5.09
C ARG D 341 -41.87 -30.24 4.78
N LYS D 342 -42.12 -29.37 5.75
CA LYS D 342 -41.56 -28.03 5.71
C LYS D 342 -40.46 -28.04 6.75
N TRP D 343 -39.50 -27.13 6.63
CA TRP D 343 -38.49 -27.04 7.66
C TRP D 343 -38.99 -26.13 8.78
N GLU D 344 -38.93 -26.61 10.02
CA GLU D 344 -39.52 -25.89 11.17
C GLU D 344 -38.48 -25.50 12.22
N ARG D 345 -38.47 -24.24 12.61
CA ARG D 345 -37.54 -23.77 13.64
C ARG D 345 -37.85 -24.44 14.97
N VAL D 346 -36.86 -25.10 15.57
CA VAL D 346 -37.09 -25.83 16.82
C VAL D 346 -36.03 -25.56 17.89
N GLY D 347 -35.17 -24.57 17.64
CA GLY D 347 -34.09 -24.24 18.56
C GLY D 347 -33.27 -23.03 18.17
N LYS D 348 -32.52 -22.48 19.13
CA LYS D 348 -31.79 -21.23 18.91
C LYS D 348 -30.40 -21.29 19.50
N TRP D 349 -29.41 -20.74 18.77
CA TRP D 349 -28.03 -20.58 19.24
C TRP D 349 -27.58 -19.12 19.20
N LYS D 352 -24.68 -17.54 22.71
CA LYS D 352 -23.54 -18.45 22.64
C LYS D 352 -23.78 -19.71 23.45
N SER D 353 -25.04 -19.88 23.87
CA SER D 353 -25.53 -21.11 24.52
C SER D 353 -26.71 -21.65 23.73
N LEU D 354 -27.15 -22.86 24.06
CA LEU D 354 -28.26 -23.51 23.34
C LEU D 354 -29.60 -23.45 24.08
N GLN D 355 -30.66 -23.10 23.36
CA GLN D 355 -32.01 -23.04 23.94
C GLN D 355 -33.04 -23.76 23.07
N MET D 356 -33.38 -25.00 23.44
CA MET D 356 -34.28 -25.79 22.63
C MET D 356 -35.75 -25.50 22.92
N LYS D 357 -36.60 -25.81 21.95
CA LYS D 357 -38.03 -25.58 22.09
C LYS D 357 -38.71 -26.71 22.84
N TYR D 358 -38.30 -27.94 22.54
CA TYR D 358 -38.87 -29.11 23.18
C TYR D 358 -38.01 -29.54 24.38
N TYR D 359 -38.64 -30.24 25.33
CA TYR D 359 -37.93 -30.78 26.48
C TYR D 359 -37.79 -32.28 26.30
N VAL D 360 -38.74 -32.87 25.57
CA VAL D 360 -38.69 -34.28 25.18
C VAL D 360 -38.71 -34.32 23.67
N TRP D 361 -37.78 -35.04 23.05
CA TRP D 361 -37.71 -35.00 21.61
C TRP D 361 -38.86 -35.79 21.00
N PRO D 362 -39.71 -35.08 20.24
CA PRO D 362 -40.89 -35.60 19.54
C PRO D 362 -40.63 -36.76 18.58
N ARG D 363 -41.68 -37.54 18.36
CA ARG D 363 -41.66 -38.63 17.40
C ARG D 363 -42.75 -38.40 16.37
#